data_7QUW
# 
_entry.id   7QUW 
# 
_audit_conform.dict_name       mmcif_pdbx.dic 
_audit_conform.dict_version    5.397 
_audit_conform.dict_location   http://mmcif.pdb.org/dictionaries/ascii/mmcif_pdbx.dic 
# 
loop_
_database_2.database_id 
_database_2.database_code 
_database_2.pdbx_database_accession 
_database_2.pdbx_DOI 
PDB   7QUW         pdb_00007quw 10.2210/pdb7quw/pdb 
WWPDB D_1292120327 ?            ?                   
# 
loop_
_pdbx_audit_revision_history.ordinal 
_pdbx_audit_revision_history.data_content_type 
_pdbx_audit_revision_history.major_revision 
_pdbx_audit_revision_history.minor_revision 
_pdbx_audit_revision_history.revision_date 
1 'Structure model' 1 0 2022-03-09 
2 'Structure model' 1 1 2022-10-05 
3 'Structure model' 1 2 2024-01-31 
4 'Structure model' 1 3 2024-10-16 
# 
_pdbx_audit_revision_details.ordinal             1 
_pdbx_audit_revision_details.revision_ordinal    1 
_pdbx_audit_revision_details.data_content_type   'Structure model' 
_pdbx_audit_revision_details.provider            repository 
_pdbx_audit_revision_details.type                'Initial release' 
_pdbx_audit_revision_details.description         ? 
_pdbx_audit_revision_details.details             ? 
# 
loop_
_pdbx_audit_revision_group.ordinal 
_pdbx_audit_revision_group.revision_ordinal 
_pdbx_audit_revision_group.data_content_type 
_pdbx_audit_revision_group.group 
1 2 'Structure model' 'Database references'    
2 2 'Structure model' 'Derived calculations'   
3 3 'Structure model' 'Data collection'        
4 3 'Structure model' 'Refinement description' 
5 4 'Structure model' 'Structure summary'      
# 
loop_
_pdbx_audit_revision_category.ordinal 
_pdbx_audit_revision_category.revision_ordinal 
_pdbx_audit_revision_category.data_content_type 
_pdbx_audit_revision_category.category 
1 2 'Structure model' atom_type                     
2 2 'Structure model' citation                      
3 2 'Structure model' citation_author               
4 3 'Structure model' chem_comp_atom                
5 3 'Structure model' chem_comp_bond                
6 3 'Structure model' pdbx_initial_refinement_model 
7 4 'Structure model' pdbx_entry_details            
8 4 'Structure model' pdbx_modification_feature     
# 
loop_
_pdbx_audit_revision_item.ordinal 
_pdbx_audit_revision_item.revision_ordinal 
_pdbx_audit_revision_item.data_content_type 
_pdbx_audit_revision_item.item 
1  2 'Structure model' '_atom_type.pdbx_N_electrons'                  
2  2 'Structure model' '_atom_type.pdbx_scat_Z'                       
3  2 'Structure model' '_citation.country'                            
4  2 'Structure model' '_citation.journal_abbrev'                     
5  2 'Structure model' '_citation.journal_id_CSD'                     
6  2 'Structure model' '_citation.journal_id_ISSN'                    
7  2 'Structure model' '_citation.journal_volume'                     
8  2 'Structure model' '_citation.pdbx_database_id_DOI'               
9  2 'Structure model' '_citation.pdbx_database_id_PubMed'            
10 2 'Structure model' '_citation.title'                              
11 2 'Structure model' '_citation.year'                               
12 4 'Structure model' '_pdbx_entry_details.has_protein_modification' 
# 
_pdbx_database_status.status_code                     REL 
_pdbx_database_status.status_code_sf                  REL 
_pdbx_database_status.status_code_mr                  ? 
_pdbx_database_status.entry_id                        7QUW 
_pdbx_database_status.recvd_initial_deposition_date   2022-01-19 
_pdbx_database_status.SG_entry                        N 
_pdbx_database_status.deposit_site                    PDBE 
_pdbx_database_status.process_site                    PDBE 
_pdbx_database_status.status_code_cs                  ? 
_pdbx_database_status.status_code_nmr_data            ? 
_pdbx_database_status.methods_development_category    ? 
_pdbx_database_status.pdb_format_compatible           N 
# 
_pdbx_contact_author.id                 2 
_pdbx_contact_author.email              rolf.hilgenfeld@uni-luebeck.de 
_pdbx_contact_author.name_first         Rolf 
_pdbx_contact_author.name_last          'Prof. Dr. Dr. Hilgenfeld' 
_pdbx_contact_author.name_mi            ? 
_pdbx_contact_author.role               'principal investigator/group leader' 
_pdbx_contact_author.identifier_ORCID   0000-0001-8850-2977 
# 
loop_
_audit_author.name 
_audit_author.pdbx_ordinal 
_audit_author.identifier_ORCID 
'Zhang, L.'      1 0000-0003-4084-3582 
'Hilgenfeld, R.' 2 0000-0001-8850-2977 
# 
_citation.abstract                  ? 
_citation.abstract_id_CAS           ? 
_citation.book_id_ISBN              ? 
_citation.book_publisher            ? 
_citation.book_publisher_city       ? 
_citation.book_title                ? 
_citation.coordinate_linkage        ? 
_citation.country                   CH 
_citation.database_id_Medline       ? 
_citation.details                   ? 
_citation.id                        primary 
_citation.journal_abbrev            Molecules 
_citation.journal_id_ASTM           ? 
_citation.journal_id_CSD            ? 
_citation.journal_id_ISSN           1420-3049 
_citation.journal_full              ? 
_citation.journal_issue             ? 
_citation.journal_volume            27 
_citation.language                  ? 
_citation.page_first                ? 
_citation.page_last                 ? 
_citation.title                     
'From Repurposing to Redesign: Optimization of Boceprevir to Highly Potent Inhibitors of the SARS-CoV-2 Main Protease.' 
_citation.year                      2022 
_citation.database_id_CSD           ? 
_citation.pdbx_database_id_DOI      10.3390/molecules27134292 
_citation.pdbx_database_id_PubMed   35807537 
_citation.pdbx_database_id_patent   ? 
_citation.unpublished_flag          ? 
# 
loop_
_citation_author.citation_id 
_citation_author.name 
_citation_author.ordinal 
_citation_author.identifier_ORCID 
primary 'Gohl, M.'       1 ?                   
primary 'Zhang, L.'      2 ?                   
primary 'El Kilani, H.'  3 ?                   
primary 'Sun, X.'        4 ?                   
primary 'Zhang, K.'      5 ?                   
primary 'Bronstrup, M.'  6 0000-0002-8971-7045 
primary 'Hilgenfeld, R.' 7 0000-0001-8850-2977 
# 
loop_
_entity.id 
_entity.type 
_entity.src_method 
_entity.pdbx_description 
_entity.formula_weight 
_entity.pdbx_number_of_molecules 
_entity.pdbx_ec 
_entity.pdbx_mutation 
_entity.pdbx_fragment 
_entity.details 
1 polymer     man 'Protease 3C' 19925.961 1  3.4.22.28 ? ? ? 
2 non-polymer syn 
;(1R,2S,5S)-N-{(2S,3R)-4-amino-3-hydroxy-4-oxo-1-[(3S)-2-oxopyrrolidin-3-yl]butan-2-yl}-3-[N-(tert-butylcarbamoyl)-3-methyl-L-valyl]-6,6-dimethyl-3-azabicyclo[3.1.0]hexane-2-carboxamide
;
550.691   1  ?         ? ? ? 
3 water       nat water 18.015    52 ?         ? ? ? 
# 
_entity_name_com.entity_id   1 
_entity_name_com.name        'Picornain 3C,P3C' 
# 
_entity_poly.entity_id                      1 
_entity_poly.type                           'polypeptide(L)' 
_entity_poly.nstd_linkage                   no 
_entity_poly.nstd_monomer                   no 
_entity_poly.pdbx_seq_one_letter_code       
;GPAFEFAVAMMKRNSSTVKTEYGEFTMLGIYDRWAVLPRHAKPGPTILMNDQEVGVLDAKELVDKDGTNLELTLLKLNRN
EKFRDIRGFLAKEEVEVNEAVLAINTSKFPNMYIPVGQVTEYGFLNLGGTPTKRMLMYNFPTRAGQCGGVLMSTGKVLGI
HVGGNGHQGFSAALLKHYFN
;
_entity_poly.pdbx_seq_one_letter_code_can   
;GPAFEFAVAMMKRNSSTVKTEYGEFTMLGIYDRWAVLPRHAKPGPTILMNDQEVGVLDAKELVDKDGTNLELTLLKLNRN
EKFRDIRGFLAKEEVEVNEAVLAINTSKFPNMYIPVGQVTEYGFLNLGGTPTKRMLMYNFPTRAGQCGGVLMSTGKVLGI
HVGGNGHQGFSAALLKHYFN
;
_entity_poly.pdbx_strand_id                 AAA 
_entity_poly.pdbx_target_identifier         ? 
# 
loop_
_pdbx_entity_nonpoly.entity_id 
_pdbx_entity_nonpoly.name 
_pdbx_entity_nonpoly.comp_id 
2 
;(1R,2S,5S)-N-{(2S,3R)-4-amino-3-hydroxy-4-oxo-1-[(3S)-2-oxopyrrolidin-3-yl]butan-2-yl}-3-[N-(tert-butylcarbamoyl)-3-methyl-L-valyl]-6,6-dimethyl-3-azabicyclo[3.1.0]hexane-2-carboxamide
;
I70 
3 water HOH 
# 
loop_
_entity_poly_seq.entity_id 
_entity_poly_seq.num 
_entity_poly_seq.mon_id 
_entity_poly_seq.hetero 
1 1   GLY n 
1 2   PRO n 
1 3   ALA n 
1 4   PHE n 
1 5   GLU n 
1 6   PHE n 
1 7   ALA n 
1 8   VAL n 
1 9   ALA n 
1 10  MET n 
1 11  MET n 
1 12  LYS n 
1 13  ARG n 
1 14  ASN n 
1 15  SER n 
1 16  SER n 
1 17  THR n 
1 18  VAL n 
1 19  LYS n 
1 20  THR n 
1 21  GLU n 
1 22  TYR n 
1 23  GLY n 
1 24  GLU n 
1 25  PHE n 
1 26  THR n 
1 27  MET n 
1 28  LEU n 
1 29  GLY n 
1 30  ILE n 
1 31  TYR n 
1 32  ASP n 
1 33  ARG n 
1 34  TRP n 
1 35  ALA n 
1 36  VAL n 
1 37  LEU n 
1 38  PRO n 
1 39  ARG n 
1 40  HIS n 
1 41  ALA n 
1 42  LYS n 
1 43  PRO n 
1 44  GLY n 
1 45  PRO n 
1 46  THR n 
1 47  ILE n 
1 48  LEU n 
1 49  MET n 
1 50  ASN n 
1 51  ASP n 
1 52  GLN n 
1 53  GLU n 
1 54  VAL n 
1 55  GLY n 
1 56  VAL n 
1 57  LEU n 
1 58  ASP n 
1 59  ALA n 
1 60  LYS n 
1 61  GLU n 
1 62  LEU n 
1 63  VAL n 
1 64  ASP n 
1 65  LYS n 
1 66  ASP n 
1 67  GLY n 
1 68  THR n 
1 69  ASN n 
1 70  LEU n 
1 71  GLU n 
1 72  LEU n 
1 73  THR n 
1 74  LEU n 
1 75  LEU n 
1 76  LYS n 
1 77  LEU n 
1 78  ASN n 
1 79  ARG n 
1 80  ASN n 
1 81  GLU n 
1 82  LYS n 
1 83  PHE n 
1 84  ARG n 
1 85  ASP n 
1 86  ILE n 
1 87  ARG n 
1 88  GLY n 
1 89  PHE n 
1 90  LEU n 
1 91  ALA n 
1 92  LYS n 
1 93  GLU n 
1 94  GLU n 
1 95  VAL n 
1 96  GLU n 
1 97  VAL n 
1 98  ASN n 
1 99  GLU n 
1 100 ALA n 
1 101 VAL n 
1 102 LEU n 
1 103 ALA n 
1 104 ILE n 
1 105 ASN n 
1 106 THR n 
1 107 SER n 
1 108 LYS n 
1 109 PHE n 
1 110 PRO n 
1 111 ASN n 
1 112 MET n 
1 113 TYR n 
1 114 ILE n 
1 115 PRO n 
1 116 VAL n 
1 117 GLY n 
1 118 GLN n 
1 119 VAL n 
1 120 THR n 
1 121 GLU n 
1 122 TYR n 
1 123 GLY n 
1 124 PHE n 
1 125 LEU n 
1 126 ASN n 
1 127 LEU n 
1 128 GLY n 
1 129 GLY n 
1 130 THR n 
1 131 PRO n 
1 132 THR n 
1 133 LYS n 
1 134 ARG n 
1 135 MET n 
1 136 LEU n 
1 137 MET n 
1 138 TYR n 
1 139 ASN n 
1 140 PHE n 
1 141 PRO n 
1 142 THR n 
1 143 ARG n 
1 144 ALA n 
1 145 GLY n 
1 146 GLN n 
1 147 CYS n 
1 148 GLY n 
1 149 GLY n 
1 150 VAL n 
1 151 LEU n 
1 152 MET n 
1 153 SER n 
1 154 THR n 
1 155 GLY n 
1 156 LYS n 
1 157 VAL n 
1 158 LEU n 
1 159 GLY n 
1 160 ILE n 
1 161 HIS n 
1 162 VAL n 
1 163 GLY n 
1 164 GLY n 
1 165 ASN n 
1 166 GLY n 
1 167 HIS n 
1 168 GLN n 
1 169 GLY n 
1 170 PHE n 
1 171 SER n 
1 172 ALA n 
1 173 ALA n 
1 174 LEU n 
1 175 LEU n 
1 176 LYS n 
1 177 HIS n 
1 178 TYR n 
1 179 PHE n 
1 180 ASN n 
# 
_entity_src_gen.entity_id                          1 
_entity_src_gen.pdbx_src_id                        1 
_entity_src_gen.pdbx_alt_source_flag               sample 
_entity_src_gen.pdbx_seq_type                      'Biological sequence' 
_entity_src_gen.pdbx_beg_seq_num                   1 
_entity_src_gen.pdbx_end_seq_num                   180 
_entity_src_gen.gene_src_common_name               ? 
_entity_src_gen.gene_src_genus                     ? 
_entity_src_gen.pdbx_gene_src_gene                 ? 
_entity_src_gen.gene_src_species                   ? 
_entity_src_gen.gene_src_strain                    ? 
_entity_src_gen.gene_src_tissue                    ? 
_entity_src_gen.gene_src_tissue_fraction           ? 
_entity_src_gen.gene_src_details                   ? 
_entity_src_gen.pdbx_gene_src_fragment             ? 
_entity_src_gen.pdbx_gene_src_scientific_name      'Coxsackievirus B3' 
_entity_src_gen.pdbx_gene_src_ncbi_taxonomy_id     12072 
_entity_src_gen.pdbx_gene_src_variant              ? 
_entity_src_gen.pdbx_gene_src_cell_line            ? 
_entity_src_gen.pdbx_gene_src_atcc                 ? 
_entity_src_gen.pdbx_gene_src_organ                ? 
_entity_src_gen.pdbx_gene_src_organelle            ? 
_entity_src_gen.pdbx_gene_src_cell                 ? 
_entity_src_gen.pdbx_gene_src_cellular_location    ? 
_entity_src_gen.host_org_common_name               ? 
_entity_src_gen.pdbx_host_org_scientific_name      'Escherichia coli BL21(DE3)' 
_entity_src_gen.pdbx_host_org_ncbi_taxonomy_id     469008 
_entity_src_gen.host_org_genus                     ? 
_entity_src_gen.pdbx_host_org_gene                 ? 
_entity_src_gen.pdbx_host_org_organ                ? 
_entity_src_gen.host_org_species                   ? 
_entity_src_gen.pdbx_host_org_tissue               ? 
_entity_src_gen.pdbx_host_org_tissue_fraction      ? 
_entity_src_gen.pdbx_host_org_strain               ? 
_entity_src_gen.pdbx_host_org_variant              ? 
_entity_src_gen.pdbx_host_org_cell_line            ? 
_entity_src_gen.pdbx_host_org_atcc                 ? 
_entity_src_gen.pdbx_host_org_culture_collection   ? 
_entity_src_gen.pdbx_host_org_cell                 ? 
_entity_src_gen.pdbx_host_org_organelle            ? 
_entity_src_gen.pdbx_host_org_cellular_location    ? 
_entity_src_gen.pdbx_host_org_vector_type          ? 
_entity_src_gen.pdbx_host_org_vector               ? 
_entity_src_gen.host_org_details                   ? 
_entity_src_gen.expression_system_id               ? 
_entity_src_gen.plasmid_name                       ? 
_entity_src_gen.plasmid_details                    ? 
_entity_src_gen.pdbx_description                   ? 
# 
loop_
_chem_comp.id 
_chem_comp.type 
_chem_comp.mon_nstd_flag 
_chem_comp.name 
_chem_comp.pdbx_synonyms 
_chem_comp.formula 
_chem_comp.formula_weight 
ALA 'L-peptide linking' y ALANINE ? 'C3 H7 N O2'     89.093  
ARG 'L-peptide linking' y ARGININE ? 'C6 H15 N4 O2 1' 175.209 
ASN 'L-peptide linking' y ASPARAGINE ? 'C4 H8 N2 O3'    132.118 
ASP 'L-peptide linking' y 'ASPARTIC ACID' ? 'C4 H7 N O4'     133.103 
CYS 'L-peptide linking' y CYSTEINE ? 'C3 H7 N O2 S'   121.158 
GLN 'L-peptide linking' y GLUTAMINE ? 'C5 H10 N2 O3'   146.144 
GLU 'L-peptide linking' y 'GLUTAMIC ACID' ? 'C5 H9 N O4'     147.129 
GLY 'peptide linking'   y GLYCINE ? 'C2 H5 N O2'     75.067  
HIS 'L-peptide linking' y HISTIDINE ? 'C6 H10 N3 O2 1' 156.162 
HOH non-polymer         . WATER ? 'H2 O'           18.015  
I70 non-polymer         . 
;(1R,2S,5S)-N-{(2S,3R)-4-amino-3-hydroxy-4-oxo-1-[(3S)-2-oxopyrrolidin-3-yl]butan-2-yl}-3-[N-(tert-butylcarbamoyl)-3-methyl-L-valyl]-6,6-dimethyl-3-azabicyclo[3.1.0]hexane-2-carboxamide
;
? 'C27 H46 N6 O6'  550.691 
ILE 'L-peptide linking' y ISOLEUCINE ? 'C6 H13 N O2'    131.173 
LEU 'L-peptide linking' y LEUCINE ? 'C6 H13 N O2'    131.173 
LYS 'L-peptide linking' y LYSINE ? 'C6 H15 N2 O2 1' 147.195 
MET 'L-peptide linking' y METHIONINE ? 'C5 H11 N O2 S'  149.211 
PHE 'L-peptide linking' y PHENYLALANINE ? 'C9 H11 N O2'    165.189 
PRO 'L-peptide linking' y PROLINE ? 'C5 H9 N O2'     115.130 
SER 'L-peptide linking' y SERINE ? 'C3 H7 N O3'     105.093 
THR 'L-peptide linking' y THREONINE ? 'C4 H9 N O3'     119.119 
TRP 'L-peptide linking' y TRYPTOPHAN ? 'C11 H12 N2 O2'  204.225 
TYR 'L-peptide linking' y TYROSINE ? 'C9 H11 N O3'    181.189 
VAL 'L-peptide linking' y VALINE ? 'C5 H11 N O2'    117.146 
# 
loop_
_pdbx_poly_seq_scheme.asym_id 
_pdbx_poly_seq_scheme.entity_id 
_pdbx_poly_seq_scheme.seq_id 
_pdbx_poly_seq_scheme.mon_id 
_pdbx_poly_seq_scheme.ndb_seq_num 
_pdbx_poly_seq_scheme.pdb_seq_num 
_pdbx_poly_seq_scheme.auth_seq_num 
_pdbx_poly_seq_scheme.pdb_mon_id 
_pdbx_poly_seq_scheme.auth_mon_id 
_pdbx_poly_seq_scheme.pdb_strand_id 
_pdbx_poly_seq_scheme.pdb_ins_code 
_pdbx_poly_seq_scheme.hetero 
A 1 1   GLY 1   1   1   GLY GLY AAA . n 
A 1 2   PRO 2   2   2   PRO PRO AAA . n 
A 1 3   ALA 3   3   3   ALA ALA AAA . n 
A 1 4   PHE 4   4   4   PHE PHE AAA . n 
A 1 5   GLU 5   5   5   GLU GLU AAA . n 
A 1 6   PHE 6   6   6   PHE PHE AAA . n 
A 1 7   ALA 7   7   7   ALA ALA AAA . n 
A 1 8   VAL 8   8   8   VAL VAL AAA . n 
A 1 9   ALA 9   9   9   ALA ALA AAA . n 
A 1 10  MET 10  10  10  MET MET AAA . n 
A 1 11  MET 11  11  11  MET MET AAA . n 
A 1 12  LYS 12  12  12  LYS LYS AAA . n 
A 1 13  ARG 13  13  13  ARG ARG AAA . n 
A 1 14  ASN 14  14  14  ASN ASN AAA . n 
A 1 15  SER 15  15  15  SER SER AAA . n 
A 1 16  SER 16  16  16  SER SER AAA . n 
A 1 17  THR 17  17  17  THR THR AAA . n 
A 1 18  VAL 18  18  18  VAL VAL AAA . n 
A 1 19  LYS 19  19  19  LYS LYS AAA . n 
A 1 20  THR 20  20  20  THR THR AAA . n 
A 1 21  GLU 21  21  21  GLU GLU AAA . n 
A 1 22  TYR 22  22  22  TYR TYR AAA . n 
A 1 23  GLY 23  23  23  GLY GLY AAA . n 
A 1 24  GLU 24  24  24  GLU GLU AAA . n 
A 1 25  PHE 25  25  25  PHE PHE AAA . n 
A 1 26  THR 26  26  26  THR THR AAA . n 
A 1 27  MET 27  27  27  MET MET AAA . n 
A 1 28  LEU 28  28  28  LEU LEU AAA . n 
A 1 29  GLY 29  29  29  GLY GLY AAA . n 
A 1 30  ILE 30  30  30  ILE ILE AAA . n 
A 1 31  TYR 31  31  31  TYR TYR AAA . n 
A 1 32  ASP 32  32  32  ASP ASP AAA . n 
A 1 33  ARG 33  33  33  ARG ARG AAA . n 
A 1 34  TRP 34  34  34  TRP TRP AAA . n 
A 1 35  ALA 35  35  35  ALA ALA AAA . n 
A 1 36  VAL 36  36  36  VAL VAL AAA . n 
A 1 37  LEU 37  37  37  LEU LEU AAA . n 
A 1 38  PRO 38  38  38  PRO PRO AAA . n 
A 1 39  ARG 39  39  39  ARG ARG AAA . n 
A 1 40  HIS 40  40  40  HIS HIS AAA . n 
A 1 41  ALA 41  41  41  ALA ALA AAA . n 
A 1 42  LYS 42  42  42  LYS LYS AAA . n 
A 1 43  PRO 43  43  43  PRO PRO AAA . n 
A 1 44  GLY 44  44  44  GLY GLY AAA . n 
A 1 45  PRO 45  45  45  PRO PRO AAA . n 
A 1 46  THR 46  46  46  THR THR AAA . n 
A 1 47  ILE 47  47  47  ILE ILE AAA . n 
A 1 48  LEU 48  48  48  LEU LEU AAA . n 
A 1 49  MET 49  49  49  MET MET AAA . n 
A 1 50  ASN 50  50  50  ASN ASN AAA . n 
A 1 51  ASP 51  51  51  ASP ASP AAA . n 
A 1 52  GLN 52  52  52  GLN GLN AAA . n 
A 1 53  GLU 53  53  53  GLU GLU AAA . n 
A 1 54  VAL 54  54  54  VAL VAL AAA . n 
A 1 55  GLY 55  55  55  GLY GLY AAA . n 
A 1 56  VAL 56  56  56  VAL VAL AAA . n 
A 1 57  LEU 57  57  57  LEU LEU AAA . n 
A 1 58  ASP 58  58  58  ASP ASP AAA . n 
A 1 59  ALA 59  59  59  ALA ALA AAA . n 
A 1 60  LYS 60  60  60  LYS LYS AAA . n 
A 1 61  GLU 61  61  61  GLU GLU AAA . n 
A 1 62  LEU 62  62  62  LEU LEU AAA . n 
A 1 63  VAL 63  63  63  VAL VAL AAA . n 
A 1 64  ASP 64  64  64  ASP ASP AAA . n 
A 1 65  LYS 65  65  65  LYS LYS AAA . n 
A 1 66  ASP 66  66  66  ASP ASP AAA . n 
A 1 67  GLY 67  67  67  GLY GLY AAA . n 
A 1 68  THR 68  68  68  THR THR AAA . n 
A 1 69  ASN 69  69  69  ASN ASN AAA . n 
A 1 70  LEU 70  70  70  LEU LEU AAA . n 
A 1 71  GLU 71  71  71  GLU GLU AAA . n 
A 1 72  LEU 72  72  72  LEU LEU AAA . n 
A 1 73  THR 73  73  73  THR THR AAA . n 
A 1 74  LEU 74  74  74  LEU LEU AAA . n 
A 1 75  LEU 75  75  75  LEU LEU AAA . n 
A 1 76  LYS 76  76  76  LYS LYS AAA . n 
A 1 77  LEU 77  77  77  LEU LEU AAA . n 
A 1 78  ASN 78  78  78  ASN ASN AAA . n 
A 1 79  ARG 79  79  79  ARG ARG AAA . n 
A 1 80  ASN 80  80  80  ASN ASN AAA . n 
A 1 81  GLU 81  81  81  GLU GLU AAA . n 
A 1 82  LYS 82  82  82  LYS LYS AAA . n 
A 1 83  PHE 83  83  83  PHE PHE AAA . n 
A 1 84  ARG 84  84  84  ARG ARG AAA . n 
A 1 85  ASP 85  85  85  ASP ASP AAA . n 
A 1 86  ILE 86  86  86  ILE ILE AAA . n 
A 1 87  ARG 87  87  87  ARG ARG AAA . n 
A 1 88  GLY 88  88  88  GLY GLY AAA . n 
A 1 89  PHE 89  89  89  PHE PHE AAA . n 
A 1 90  LEU 90  90  90  LEU LEU AAA . n 
A 1 91  ALA 91  91  91  ALA ALA AAA . n 
A 1 92  LYS 92  92  92  LYS LYS AAA . n 
A 1 93  GLU 93  93  93  GLU GLU AAA . n 
A 1 94  GLU 94  94  94  GLU GLU AAA . n 
A 1 95  VAL 95  95  95  VAL VAL AAA . n 
A 1 96  GLU 96  96  96  GLU GLU AAA . n 
A 1 97  VAL 97  97  97  VAL VAL AAA . n 
A 1 98  ASN 98  98  98  ASN ASN AAA . n 
A 1 99  GLU 99  99  99  GLU GLU AAA . n 
A 1 100 ALA 100 100 100 ALA ALA AAA . n 
A 1 101 VAL 101 101 101 VAL VAL AAA . n 
A 1 102 LEU 102 102 102 LEU LEU AAA . n 
A 1 103 ALA 103 103 103 ALA ALA AAA . n 
A 1 104 ILE 104 104 104 ILE ILE AAA . n 
A 1 105 ASN 105 105 105 ASN ASN AAA . n 
A 1 106 THR 106 106 106 THR THR AAA . n 
A 1 107 SER 107 107 107 SER SER AAA . n 
A 1 108 LYS 108 108 108 LYS LYS AAA . n 
A 1 109 PHE 109 109 109 PHE PHE AAA . n 
A 1 110 PRO 110 110 110 PRO PRO AAA . n 
A 1 111 ASN 111 111 111 ASN ASN AAA . n 
A 1 112 MET 112 112 112 MET MET AAA . n 
A 1 113 TYR 113 113 113 TYR TYR AAA . n 
A 1 114 ILE 114 114 114 ILE ILE AAA . n 
A 1 115 PRO 115 115 115 PRO PRO AAA . n 
A 1 116 VAL 116 116 116 VAL VAL AAA . n 
A 1 117 GLY 117 117 117 GLY GLY AAA . n 
A 1 118 GLN 118 118 118 GLN GLN AAA . n 
A 1 119 VAL 119 119 119 VAL VAL AAA . n 
A 1 120 THR 120 120 120 THR THR AAA . n 
A 1 121 GLU 121 121 121 GLU GLU AAA . n 
A 1 122 TYR 122 122 122 TYR TYR AAA . n 
A 1 123 GLY 123 123 123 GLY GLY AAA . n 
A 1 124 PHE 124 124 124 PHE PHE AAA . n 
A 1 125 LEU 125 125 125 LEU LEU AAA . n 
A 1 126 ASN 126 126 126 ASN ASN AAA . n 
A 1 127 LEU 127 127 127 LEU LEU AAA . n 
A 1 128 GLY 128 128 128 GLY GLY AAA . n 
A 1 129 GLY 129 129 129 GLY GLY AAA . n 
A 1 130 THR 130 130 130 THR THR AAA . n 
A 1 131 PRO 131 131 131 PRO PRO AAA . n 
A 1 132 THR 132 132 132 THR THR AAA . n 
A 1 133 LYS 133 133 133 LYS LYS AAA . n 
A 1 134 ARG 134 134 134 ARG ARG AAA . n 
A 1 135 MET 135 135 135 MET MET AAA . n 
A 1 136 LEU 136 136 136 LEU LEU AAA . n 
A 1 137 MET 137 137 137 MET MET AAA . n 
A 1 138 TYR 138 138 138 TYR TYR AAA . n 
A 1 139 ASN 139 139 139 ASN ASN AAA . n 
A 1 140 PHE 140 140 140 PHE PHE AAA . n 
A 1 141 PRO 141 141 141 PRO PRO AAA . n 
A 1 142 THR 142 142 142 THR THR AAA . n 
A 1 143 ARG 143 143 143 ARG ARG AAA . n 
A 1 144 ALA 144 144 144 ALA ALA AAA . n 
A 1 145 GLY 145 145 145 GLY GLY AAA . n 
A 1 146 GLN 146 146 146 GLN GLN AAA . n 
A 1 147 CYS 147 147 147 CYS CYS AAA . n 
A 1 148 GLY 148 148 148 GLY GLY AAA . n 
A 1 149 GLY 149 149 149 GLY GLY AAA . n 
A 1 150 VAL 150 150 150 VAL VAL AAA . n 
A 1 151 LEU 151 151 151 LEU LEU AAA . n 
A 1 152 MET 152 152 152 MET MET AAA . n 
A 1 153 SER 153 153 153 SER SER AAA . n 
A 1 154 THR 154 154 154 THR THR AAA . n 
A 1 155 GLY 155 155 155 GLY GLY AAA . n 
A 1 156 LYS 156 156 156 LYS LYS AAA . n 
A 1 157 VAL 157 157 157 VAL VAL AAA . n 
A 1 158 LEU 158 158 158 LEU LEU AAA . n 
A 1 159 GLY 159 159 159 GLY GLY AAA . n 
A 1 160 ILE 160 160 160 ILE ILE AAA . n 
A 1 161 HIS 161 161 161 HIS HIS AAA . n 
A 1 162 VAL 162 162 162 VAL VAL AAA . n 
A 1 163 GLY 163 163 163 GLY GLY AAA . n 
A 1 164 GLY 164 164 164 GLY GLY AAA . n 
A 1 165 ASN 165 165 165 ASN ASN AAA . n 
A 1 166 GLY 166 166 166 GLY GLY AAA . n 
A 1 167 HIS 167 167 167 HIS HIS AAA . n 
A 1 168 GLN 168 168 168 GLN GLN AAA . n 
A 1 169 GLY 169 169 169 GLY GLY AAA . n 
A 1 170 PHE 170 170 170 PHE PHE AAA . n 
A 1 171 SER 171 171 171 SER SER AAA . n 
A 1 172 ALA 172 172 172 ALA ALA AAA . n 
A 1 173 ALA 173 173 173 ALA ALA AAA . n 
A 1 174 LEU 174 174 174 LEU LEU AAA . n 
A 1 175 LEU 175 175 175 LEU LEU AAA . n 
A 1 176 LYS 176 176 176 LYS LYS AAA . n 
A 1 177 HIS 177 177 177 HIS HIS AAA . n 
A 1 178 TYR 178 178 178 TYR TYR AAA . n 
A 1 179 PHE 179 179 179 PHE PHE AAA . n 
A 1 180 ASN 180 180 180 ASN ASN AAA . n 
# 
loop_
_pdbx_nonpoly_scheme.asym_id 
_pdbx_nonpoly_scheme.entity_id 
_pdbx_nonpoly_scheme.mon_id 
_pdbx_nonpoly_scheme.ndb_seq_num 
_pdbx_nonpoly_scheme.pdb_seq_num 
_pdbx_nonpoly_scheme.auth_seq_num 
_pdbx_nonpoly_scheme.pdb_mon_id 
_pdbx_nonpoly_scheme.auth_mon_id 
_pdbx_nonpoly_scheme.pdb_strand_id 
_pdbx_nonpoly_scheme.pdb_ins_code 
B 2 I70 1  201 201 I70 G87 AAA . 
C 3 HOH 1  301 7   HOH HOH AAA . 
C 3 HOH 2  302 13  HOH HOH AAA . 
C 3 HOH 3  303 56  HOH HOH AAA . 
C 3 HOH 4  304 57  HOH HOH AAA . 
C 3 HOH 5  305 36  HOH HOH AAA . 
C 3 HOH 6  306 17  HOH HOH AAA . 
C 3 HOH 7  307 44  HOH HOH AAA . 
C 3 HOH 8  308 43  HOH HOH AAA . 
C 3 HOH 9  309 31  HOH HOH AAA . 
C 3 HOH 10 310 2   HOH HOH AAA . 
C 3 HOH 11 311 59  HOH HOH AAA . 
C 3 HOH 12 312 8   HOH HOH AAA . 
C 3 HOH 13 313 54  HOH HOH AAA . 
C 3 HOH 14 314 3   HOH HOH AAA . 
C 3 HOH 15 315 52  HOH HOH AAA . 
C 3 HOH 16 316 46  HOH HOH AAA . 
C 3 HOH 17 317 39  HOH HOH AAA . 
C 3 HOH 18 318 12  HOH HOH AAA . 
C 3 HOH 19 319 5   HOH HOH AAA . 
C 3 HOH 20 320 16  HOH HOH AAA . 
C 3 HOH 21 321 1   HOH HOH AAA . 
C 3 HOH 22 322 48  HOH HOH AAA . 
C 3 HOH 23 323 34  HOH HOH AAA . 
C 3 HOH 24 324 37  HOH HOH AAA . 
C 3 HOH 25 325 6   HOH HOH AAA . 
C 3 HOH 26 326 23  HOH HOH AAA . 
C 3 HOH 27 327 10  HOH HOH AAA . 
C 3 HOH 28 328 50  HOH HOH AAA . 
C 3 HOH 29 329 14  HOH HOH AAA . 
C 3 HOH 30 330 4   HOH HOH AAA . 
C 3 HOH 31 331 51  HOH HOH AAA . 
C 3 HOH 32 332 55  HOH HOH AAA . 
C 3 HOH 33 333 40  HOH HOH AAA . 
C 3 HOH 34 334 58  HOH HOH AAA . 
C 3 HOH 35 335 53  HOH HOH AAA . 
C 3 HOH 36 336 9   HOH HOH AAA . 
C 3 HOH 37 337 35  HOH HOH AAA . 
C 3 HOH 38 338 47  HOH HOH AAA . 
C 3 HOH 39 339 32  HOH HOH AAA . 
C 3 HOH 40 340 49  HOH HOH AAA . 
C 3 HOH 41 341 22  HOH HOH AAA . 
C 3 HOH 42 342 33  HOH HOH AAA . 
C 3 HOH 43 343 42  HOH HOH AAA . 
C 3 HOH 44 344 26  HOH HOH AAA . 
C 3 HOH 45 345 30  HOH HOH AAA . 
C 3 HOH 46 346 18  HOH HOH AAA . 
C 3 HOH 47 347 24  HOH HOH AAA . 
C 3 HOH 48 348 27  HOH HOH AAA . 
C 3 HOH 49 349 25  HOH HOH AAA . 
C 3 HOH 50 350 38  HOH HOH AAA . 
C 3 HOH 51 351 19  HOH HOH AAA . 
C 3 HOH 52 352 41  HOH HOH AAA . 
# 
loop_
_pdbx_unobs_or_zero_occ_atoms.id 
_pdbx_unobs_or_zero_occ_atoms.PDB_model_num 
_pdbx_unobs_or_zero_occ_atoms.polymer_flag 
_pdbx_unobs_or_zero_occ_atoms.occupancy_flag 
_pdbx_unobs_or_zero_occ_atoms.auth_asym_id 
_pdbx_unobs_or_zero_occ_atoms.auth_comp_id 
_pdbx_unobs_or_zero_occ_atoms.auth_seq_id 
_pdbx_unobs_or_zero_occ_atoms.PDB_ins_code 
_pdbx_unobs_or_zero_occ_atoms.auth_atom_id 
_pdbx_unobs_or_zero_occ_atoms.label_alt_id 
_pdbx_unobs_or_zero_occ_atoms.label_asym_id 
_pdbx_unobs_or_zero_occ_atoms.label_comp_id 
_pdbx_unobs_or_zero_occ_atoms.label_seq_id 
_pdbx_unobs_or_zero_occ_atoms.label_atom_id 
1 1 Y 1 AAA PHE 124 ? CG  ? A PHE 124 CG  
2 1 Y 1 AAA PHE 124 ? CD1 ? A PHE 124 CD1 
3 1 Y 1 AAA PHE 124 ? CD2 ? A PHE 124 CD2 
4 1 Y 1 AAA PHE 124 ? CE1 ? A PHE 124 CE1 
5 1 Y 1 AAA PHE 124 ? CE2 ? A PHE 124 CE2 
6 1 Y 1 AAA PHE 124 ? CZ  ? A PHE 124 CZ  
# 
loop_
_software.citation_id 
_software.classification 
_software.compiler_name 
_software.compiler_version 
_software.contact_author 
_software.contact_author_email 
_software.date 
_software.description 
_software.dependencies 
_software.hardware 
_software.language 
_software.location 
_software.mods 
_software.name 
_software.os 
_software.os_version 
_software.type 
_software.version 
_software.pdbx_ordinal 
? refinement       ? ? ? ? ? ? ? ? ? ? ? REFMAC ? ? ? 5.8.0267 1 
? 'data reduction' ? ? ? ? ? ? ? ? ? ? ? XDS    ? ? ? .        2 
? 'data scaling'   ? ? ? ? ? ? ? ? ? ? ? XSCALE ? ? ? .        3 
? phasing          ? ? ? ? ? ? ? ? ? ? ? REFMAC ? ? ? .        4 
# 
_cell.angle_alpha                  90.000 
_cell.angle_alpha_esd              ? 
_cell.angle_beta                   115.553 
_cell.angle_beta_esd               ? 
_cell.angle_gamma                  90.000 
_cell.angle_gamma_esd              ? 
_cell.entry_id                     7QUW 
_cell.details                      ? 
_cell.formula_units_Z              ? 
_cell.length_a                     78.271 
_cell.length_a_esd                 ? 
_cell.length_b                     64.290 
_cell.length_b_esd                 ? 
_cell.length_c                     39.850 
_cell.length_c_esd                 ? 
_cell.volume                       ? 
_cell.volume_esd                   ? 
_cell.Z_PDB                        4 
_cell.reciprocal_angle_alpha       ? 
_cell.reciprocal_angle_beta        ? 
_cell.reciprocal_angle_gamma       ? 
_cell.reciprocal_angle_alpha_esd   ? 
_cell.reciprocal_angle_beta_esd    ? 
_cell.reciprocal_angle_gamma_esd   ? 
_cell.reciprocal_length_a          ? 
_cell.reciprocal_length_b          ? 
_cell.reciprocal_length_c          ? 
_cell.reciprocal_length_a_esd      ? 
_cell.reciprocal_length_b_esd      ? 
_cell.reciprocal_length_c_esd      ? 
_cell.pdbx_unique_axis             ? 
# 
_symmetry.entry_id                         7QUW 
_symmetry.cell_setting                     ? 
_symmetry.Int_Tables_number                5 
_symmetry.space_group_name_Hall            ? 
_symmetry.space_group_name_H-M             'C 1 2 1' 
_symmetry.pdbx_full_space_group_name_H-M   ? 
# 
_exptl.absorpt_coefficient_mu     ? 
_exptl.absorpt_correction_T_max   ? 
_exptl.absorpt_correction_T_min   ? 
_exptl.absorpt_correction_type    ? 
_exptl.absorpt_process_details    ? 
_exptl.entry_id                   7QUW 
_exptl.crystals_number            1 
_exptl.details                    ? 
_exptl.method                     'X-RAY DIFFRACTION' 
_exptl.method_details             ? 
# 
_exptl_crystal.colour                      ? 
_exptl_crystal.density_diffrn              ? 
_exptl_crystal.density_Matthews            2.27 
_exptl_crystal.density_method              ? 
_exptl_crystal.density_percent_sol         45.81 
_exptl_crystal.description                 ? 
_exptl_crystal.F_000                       ? 
_exptl_crystal.id                          1 
_exptl_crystal.preparation                 ? 
_exptl_crystal.size_max                    ? 
_exptl_crystal.size_mid                    ? 
_exptl_crystal.size_min                    ? 
_exptl_crystal.size_rad                    ? 
_exptl_crystal.colour_lustre               ? 
_exptl_crystal.colour_modifier             ? 
_exptl_crystal.colour_primary              ? 
_exptl_crystal.density_meas                ? 
_exptl_crystal.density_meas_esd            ? 
_exptl_crystal.density_meas_gt             ? 
_exptl_crystal.density_meas_lt             ? 
_exptl_crystal.density_meas_temp           ? 
_exptl_crystal.density_meas_temp_esd       ? 
_exptl_crystal.density_meas_temp_gt        ? 
_exptl_crystal.density_meas_temp_lt        ? 
_exptl_crystal.pdbx_crystal_image_url      ? 
_exptl_crystal.pdbx_crystal_image_format   ? 
_exptl_crystal.pdbx_mosaicity              ? 
_exptl_crystal.pdbx_mosaicity_esd          ? 
# 
_exptl_crystal_grow.apparatus       ? 
_exptl_crystal_grow.atmosphere      ? 
_exptl_crystal_grow.crystal_id      1 
_exptl_crystal_grow.details         ? 
_exptl_crystal_grow.method          'VAPOR DIFFUSION, SITTING DROP' 
_exptl_crystal_grow.method_ref      ? 
_exptl_crystal_grow.pH              8.6 
_exptl_crystal_grow.pressure        ? 
_exptl_crystal_grow.pressure_esd    ? 
_exptl_crystal_grow.seeding         ? 
_exptl_crystal_grow.seeding_ref     ? 
_exptl_crystal_grow.temp            293 
_exptl_crystal_grow.temp_details    ? 
_exptl_crystal_grow.temp_esd        ? 
_exptl_crystal_grow.time            ? 
_exptl_crystal_grow.pdbx_details    
;0.2 M MgCl2
0.1M Tris-HCl pH 8.6
25% PEG 3350
;
_exptl_crystal_grow.pdbx_pH_range   ? 
# 
_diffrn.ambient_environment              ? 
_diffrn.ambient_temp                     100 
_diffrn.ambient_temp_details             ? 
_diffrn.ambient_temp_esd                 ? 
_diffrn.crystal_id                       1 
_diffrn.crystal_support                  ? 
_diffrn.crystal_treatment                ? 
_diffrn.details                          ? 
_diffrn.id                               1 
_diffrn.ambient_pressure                 ? 
_diffrn.ambient_pressure_esd             ? 
_diffrn.ambient_pressure_gt              ? 
_diffrn.ambient_pressure_lt              ? 
_diffrn.ambient_temp_gt                  ? 
_diffrn.ambient_temp_lt                  ? 
_diffrn.pdbx_serial_crystal_experiment   N 
# 
_diffrn_detector.details                      ? 
_diffrn_detector.detector                     PIXEL 
_diffrn_detector.diffrn_id                    1 
_diffrn_detector.type                         'DECTRIS EIGER X 16M' 
_diffrn_detector.area_resol_mean              ? 
_diffrn_detector.dtime                        ? 
_diffrn_detector.pdbx_frames_total            ? 
_diffrn_detector.pdbx_collection_time_total   ? 
_diffrn_detector.pdbx_collection_date         2021-06-22 
_diffrn_detector.pdbx_frequency               ? 
# 
_diffrn_radiation.collimation                      ? 
_diffrn_radiation.diffrn_id                        1 
_diffrn_radiation.filter_edge                      ? 
_diffrn_radiation.inhomogeneity                    ? 
_diffrn_radiation.monochromator                    ? 
_diffrn_radiation.polarisn_norm                    ? 
_diffrn_radiation.polarisn_ratio                   ? 
_diffrn_radiation.probe                            ? 
_diffrn_radiation.type                             ? 
_diffrn_radiation.xray_symbol                      ? 
_diffrn_radiation.wavelength_id                    1 
_diffrn_radiation.pdbx_monochromatic_or_laue_m_l   M 
_diffrn_radiation.pdbx_wavelength_list             ? 
_diffrn_radiation.pdbx_wavelength                  ? 
_diffrn_radiation.pdbx_diffrn_protocol             'SINGLE WAVELENGTH' 
_diffrn_radiation.pdbx_analyzer                    ? 
_diffrn_radiation.pdbx_scattering_type             x-ray 
# 
_diffrn_radiation_wavelength.id           1 
_diffrn_radiation_wavelength.wavelength   1.0332 
_diffrn_radiation_wavelength.wt           1.0 
# 
_diffrn_source.current                     ? 
_diffrn_source.details                     ? 
_diffrn_source.diffrn_id                   1 
_diffrn_source.power                       ? 
_diffrn_source.size                        ? 
_diffrn_source.source                      SYNCHROTRON 
_diffrn_source.target                      ? 
_diffrn_source.type                        'PETRA III, DESY BEAMLINE P11' 
_diffrn_source.voltage                     ? 
_diffrn_source.take-off_angle              ? 
_diffrn_source.pdbx_wavelength_list        1.0332 
_diffrn_source.pdbx_wavelength             ? 
_diffrn_source.pdbx_synchrotron_beamline   P11 
_diffrn_source.pdbx_synchrotron_site       'PETRA III, DESY' 
# 
_reflns.B_iso_Wilson_estimate                          ? 
_reflns.entry_id                                       7QUW 
_reflns.data_reduction_details                         ? 
_reflns.data_reduction_method                          ? 
_reflns.d_resolution_high                              1.65 
_reflns.d_resolution_low                               35.95 
_reflns.details                                        ? 
_reflns.limit_h_max                                    ? 
_reflns.limit_h_min                                    ? 
_reflns.limit_k_max                                    ? 
_reflns.limit_k_min                                    ? 
_reflns.limit_l_max                                    ? 
_reflns.limit_l_min                                    ? 
_reflns.number_all                                     ? 
_reflns.number_obs                                     43026 
_reflns.observed_criterion                             ? 
_reflns.observed_criterion_F_max                       ? 
_reflns.observed_criterion_F_min                       ? 
_reflns.observed_criterion_I_max                       ? 
_reflns.observed_criterion_I_min                       ? 
_reflns.observed_criterion_sigma_F                     ? 
_reflns.observed_criterion_sigma_I                     ? 
_reflns.percent_possible_obs                           98.1 
_reflns.R_free_details                                 ? 
_reflns.Rmerge_F_all                                   ? 
_reflns.Rmerge_F_obs                                   ? 
_reflns.Friedel_coverage                               ? 
_reflns.number_gt                                      ? 
_reflns.threshold_expression                           ? 
_reflns.pdbx_redundancy                                6.7 
_reflns.pdbx_Rmerge_I_obs                              ? 
_reflns.pdbx_Rmerge_I_all                              ? 
_reflns.pdbx_Rsym_value                                ? 
_reflns.pdbx_netI_over_av_sigmaI                       ? 
_reflns.pdbx_netI_over_sigmaI                          15.4 
_reflns.pdbx_res_netI_over_av_sigmaI_2                 ? 
_reflns.pdbx_res_netI_over_sigmaI_2                    ? 
_reflns.pdbx_chi_squared                               ? 
_reflns.pdbx_scaling_rejects                           ? 
_reflns.pdbx_d_res_high_opt                            ? 
_reflns.pdbx_d_res_low_opt                             ? 
_reflns.pdbx_d_res_opt_method                          ? 
_reflns.phase_calculation_details                      ? 
_reflns.pdbx_Rrim_I_all                                ? 
_reflns.pdbx_Rpim_I_all                                ? 
_reflns.pdbx_d_opt                                     ? 
_reflns.pdbx_number_measured_all                       ? 
_reflns.pdbx_diffrn_id                                 1 
_reflns.pdbx_ordinal                                   1 
_reflns.pdbx_CC_half                                   0.999 
_reflns.pdbx_CC_star                                   ? 
_reflns.pdbx_R_split                                   ? 
_reflns.pdbx_aniso_diffraction_limit_axis_1_ortho[1]   ? 
_reflns.pdbx_aniso_diffraction_limit_axis_1_ortho[2]   ? 
_reflns.pdbx_aniso_diffraction_limit_axis_1_ortho[3]   ? 
_reflns.pdbx_aniso_diffraction_limit_axis_2_ortho[1]   ? 
_reflns.pdbx_aniso_diffraction_limit_axis_2_ortho[2]   ? 
_reflns.pdbx_aniso_diffraction_limit_axis_2_ortho[3]   ? 
_reflns.pdbx_aniso_diffraction_limit_axis_3_ortho[1]   ? 
_reflns.pdbx_aniso_diffraction_limit_axis_3_ortho[2]   ? 
_reflns.pdbx_aniso_diffraction_limit_axis_3_ortho[3]   ? 
_reflns.pdbx_aniso_diffraction_limit_1                 ? 
_reflns.pdbx_aniso_diffraction_limit_2                 ? 
_reflns.pdbx_aniso_diffraction_limit_3                 ? 
_reflns.pdbx_aniso_B_tensor_eigenvector_1_ortho[1]     ? 
_reflns.pdbx_aniso_B_tensor_eigenvector_1_ortho[2]     ? 
_reflns.pdbx_aniso_B_tensor_eigenvector_1_ortho[3]     ? 
_reflns.pdbx_aniso_B_tensor_eigenvector_2_ortho[1]     ? 
_reflns.pdbx_aniso_B_tensor_eigenvector_2_ortho[2]     ? 
_reflns.pdbx_aniso_B_tensor_eigenvector_2_ortho[3]     ? 
_reflns.pdbx_aniso_B_tensor_eigenvector_3_ortho[1]     ? 
_reflns.pdbx_aniso_B_tensor_eigenvector_3_ortho[2]     ? 
_reflns.pdbx_aniso_B_tensor_eigenvector_3_ortho[3]     ? 
_reflns.pdbx_aniso_B_tensor_eigenvalue_1               ? 
_reflns.pdbx_aniso_B_tensor_eigenvalue_2               ? 
_reflns.pdbx_aniso_B_tensor_eigenvalue_3               ? 
_reflns.pdbx_orthogonalization_convention              ? 
_reflns.pdbx_percent_possible_ellipsoidal              ? 
_reflns.pdbx_percent_possible_spherical                ? 
_reflns.pdbx_percent_possible_ellipsoidal_anomalous    ? 
_reflns.pdbx_percent_possible_spherical_anomalous      ? 
_reflns.pdbx_redundancy_anomalous                      ? 
_reflns.pdbx_CC_half_anomalous                         ? 
_reflns.pdbx_absDiff_over_sigma_anomalous              ? 
_reflns.pdbx_percent_possible_anomalous                ? 
_reflns.pdbx_observed_signal_threshold                 ? 
_reflns.pdbx_signal_type                               ? 
_reflns.pdbx_signal_details                            ? 
_reflns.pdbx_signal_software_id                        ? 
# 
_reflns_shell.d_res_high                                    1.65 
_reflns_shell.d_res_low                                     1.74 
_reflns_shell.meanI_over_sigI_all                           ? 
_reflns_shell.meanI_over_sigI_obs                           ? 
_reflns_shell.number_measured_all                           ? 
_reflns_shell.number_measured_obs                           ? 
_reflns_shell.number_possible                               ? 
_reflns_shell.number_unique_all                             ? 
_reflns_shell.number_unique_obs                             6281 
_reflns_shell.percent_possible_all                          ? 
_reflns_shell.percent_possible_obs                          ? 
_reflns_shell.Rmerge_F_all                                  ? 
_reflns_shell.Rmerge_F_obs                                  ? 
_reflns_shell.Rmerge_I_all                                  ? 
_reflns_shell.Rmerge_I_obs                                  ? 
_reflns_shell.meanI_over_sigI_gt                            ? 
_reflns_shell.meanI_over_uI_all                             ? 
_reflns_shell.meanI_over_uI_gt                              ? 
_reflns_shell.number_measured_gt                            ? 
_reflns_shell.number_unique_gt                              ? 
_reflns_shell.percent_possible_gt                           ? 
_reflns_shell.Rmerge_F_gt                                   ? 
_reflns_shell.Rmerge_I_gt                                   ? 
_reflns_shell.pdbx_redundancy                               ? 
_reflns_shell.pdbx_Rsym_value                               ? 
_reflns_shell.pdbx_chi_squared                              ? 
_reflns_shell.pdbx_netI_over_sigmaI_all                     ? 
_reflns_shell.pdbx_netI_over_sigmaI_obs                     ? 
_reflns_shell.pdbx_Rrim_I_all                               ? 
_reflns_shell.pdbx_Rpim_I_all                               ? 
_reflns_shell.pdbx_rejects                                  ? 
_reflns_shell.pdbx_ordinal                                  1 
_reflns_shell.pdbx_diffrn_id                                1 
_reflns_shell.pdbx_CC_half                                  0.874 
_reflns_shell.pdbx_CC_star                                  ? 
_reflns_shell.pdbx_R_split                                  ? 
_reflns_shell.pdbx_percent_possible_ellipsoidal             ? 
_reflns_shell.pdbx_percent_possible_spherical               ? 
_reflns_shell.pdbx_percent_possible_ellipsoidal_anomalous   ? 
_reflns_shell.pdbx_percent_possible_spherical_anomalous     ? 
_reflns_shell.pdbx_redundancy_anomalous                     ? 
_reflns_shell.pdbx_CC_half_anomalous                        ? 
_reflns_shell.pdbx_absDiff_over_sigma_anomalous             ? 
_reflns_shell.pdbx_percent_possible_anomalous               ? 
# 
_refine.aniso_B[1][1]                            -1.265 
_refine.aniso_B[1][2]                            0.000 
_refine.aniso_B[1][3]                            2.498 
_refine.aniso_B[2][2]                            -3.518 
_refine.aniso_B[2][3]                            -0.000 
_refine.aniso_B[3][3]                            1.643 
_refine.B_iso_max                                ? 
_refine.B_iso_mean                               50.522 
_refine.B_iso_min                                ? 
_refine.correlation_coeff_Fo_to_Fc               0.967 
_refine.correlation_coeff_Fo_to_Fc_free          0.939 
_refine.details                                  'Hydrogens have been added in their riding positions' 
_refine.diff_density_max                         ? 
_refine.diff_density_max_esd                     ? 
_refine.diff_density_min                         ? 
_refine.diff_density_min_esd                     ? 
_refine.diff_density_rms                         ? 
_refine.diff_density_rms_esd                     ? 
_refine.entry_id                                 7QUW 
_refine.pdbx_refine_id                           'X-RAY DIFFRACTION' 
_refine.ls_abs_structure_details                 ? 
_refine.ls_abs_structure_Flack                   ? 
_refine.ls_abs_structure_Flack_esd               ? 
_refine.ls_abs_structure_Rogers                  ? 
_refine.ls_abs_structure_Rogers_esd              ? 
_refine.ls_d_res_high                            1.650 
_refine.ls_d_res_low                             33.803 
_refine.ls_extinction_coef                       ? 
_refine.ls_extinction_coef_esd                   ? 
_refine.ls_extinction_expression                 ? 
_refine.ls_extinction_method                     ? 
_refine.ls_goodness_of_fit_all                   ? 
_refine.ls_goodness_of_fit_all_esd               ? 
_refine.ls_goodness_of_fit_obs                   ? 
_refine.ls_goodness_of_fit_obs_esd               ? 
_refine.ls_hydrogen_treatment                    ? 
_refine.ls_matrix_type                           ? 
_refine.ls_number_constraints                    ? 
_refine.ls_number_parameters                     ? 
_refine.ls_number_reflns_all                     ? 
_refine.ls_number_reflns_obs                     20746 
_refine.ls_number_reflns_R_free                  1082 
_refine.ls_number_reflns_R_work                  19664 
_refine.ls_number_restraints                     ? 
_refine.ls_percent_reflns_obs                    96.560 
_refine.ls_percent_reflns_R_free                 5.215 
_refine.ls_R_factor_all                          0.222 
_refine.ls_R_factor_obs                          ? 
_refine.ls_R_factor_R_free                       0.2791 
_refine.ls_R_factor_R_free_error                 ? 
_refine.ls_R_factor_R_free_error_details         ? 
_refine.ls_R_factor_R_work                       0.2192 
_refine.ls_R_Fsqd_factor_obs                     ? 
_refine.ls_R_I_factor_obs                        ? 
_refine.ls_redundancy_reflns_all                 ? 
_refine.ls_redundancy_reflns_obs                 ? 
_refine.ls_restrained_S_all                      ? 
_refine.ls_restrained_S_obs                      ? 
_refine.ls_shift_over_esd_max                    ? 
_refine.ls_shift_over_esd_mean                   ? 
_refine.ls_structure_factor_coef                 ? 
_refine.ls_weighting_details                     ? 
_refine.ls_weighting_scheme                      ? 
_refine.ls_wR_factor_all                         ? 
_refine.ls_wR_factor_obs                         ? 
_refine.ls_wR_factor_R_free                      ? 
_refine.ls_wR_factor_R_work                      ? 
_refine.occupancy_max                            ? 
_refine.occupancy_min                            ? 
_refine.solvent_model_details                    'MASK BULK SOLVENT' 
_refine.solvent_model_param_bsol                 ? 
_refine.solvent_model_param_ksol                 ? 
_refine.pdbx_R_complete                          ? 
_refine.ls_R_factor_gt                           ? 
_refine.ls_goodness_of_fit_gt                    ? 
_refine.ls_goodness_of_fit_ref                   ? 
_refine.ls_shift_over_su_max                     ? 
_refine.ls_shift_over_su_max_lt                  ? 
_refine.ls_shift_over_su_mean                    ? 
_refine.ls_shift_over_su_mean_lt                 ? 
_refine.pdbx_ls_sigma_I                          ? 
_refine.pdbx_ls_sigma_F                          ? 
_refine.pdbx_ls_sigma_Fsqd                       ? 
_refine.pdbx_data_cutoff_high_absF               ? 
_refine.pdbx_data_cutoff_high_rms_absF           ? 
_refine.pdbx_data_cutoff_low_absF                ? 
_refine.pdbx_isotropic_thermal_model             ? 
_refine.pdbx_ls_cross_valid_method               'FREE R-VALUE' 
_refine.pdbx_method_to_determine_struct          'MOLECULAR REPLACEMENT' 
_refine.pdbx_starting_model                      2VB0 
_refine.pdbx_stereochemistry_target_values       ? 
_refine.pdbx_R_Free_selection_details            ? 
_refine.pdbx_stereochem_target_val_spec_case     ? 
_refine.pdbx_overall_ESU_R                       0.122 
_refine.pdbx_overall_ESU_R_Free                  0.130 
_refine.pdbx_solvent_vdw_probe_radii             1.200 
_refine.pdbx_solvent_ion_probe_radii             0.800 
_refine.pdbx_solvent_shrinkage_radii             0.800 
_refine.pdbx_real_space_R                        ? 
_refine.pdbx_density_correlation                 ? 
_refine.pdbx_pd_number_of_powder_patterns        ? 
_refine.pdbx_pd_number_of_points                 ? 
_refine.pdbx_pd_meas_number_of_points            ? 
_refine.pdbx_pd_proc_ls_prof_R_factor            ? 
_refine.pdbx_pd_proc_ls_prof_wR_factor           ? 
_refine.pdbx_pd_Marquardt_correlation_coeff      ? 
_refine.pdbx_pd_Fsqrd_R_factor                   ? 
_refine.pdbx_pd_ls_matrix_band_width             ? 
_refine.pdbx_overall_phase_error                 ? 
_refine.pdbx_overall_SU_R_free_Cruickshank_DPI   ? 
_refine.pdbx_overall_SU_R_free_Blow_DPI          ? 
_refine.pdbx_overall_SU_R_Blow_DPI               ? 
_refine.pdbx_TLS_residual_ADP_flag               ? 
_refine.pdbx_diffrn_id                           1 
_refine.overall_SU_B                             5.218 
_refine.overall_SU_ML                            0.157 
_refine.overall_SU_R_Cruickshank_DPI             ? 
_refine.overall_SU_R_free                        ? 
_refine.overall_FOM_free_R_set                   ? 
_refine.overall_FOM_work_R_set                   ? 
_refine.pdbx_average_fsc_overall                 ? 
_refine.pdbx_average_fsc_work                    ? 
_refine.pdbx_average_fsc_free                    ? 
# 
_refine_hist.pdbx_refine_id                   'X-RAY DIFFRACTION' 
_refine_hist.cycle_id                         LAST 
_refine_hist.details                          ? 
_refine_hist.d_res_high                       1.650 
_refine_hist.d_res_low                        33.803 
_refine_hist.number_atoms_solvent             52 
_refine_hist.number_atoms_total               1483 
_refine_hist.number_reflns_all                ? 
_refine_hist.number_reflns_obs                ? 
_refine_hist.number_reflns_R_free             ? 
_refine_hist.number_reflns_R_work             ? 
_refine_hist.R_factor_all                     ? 
_refine_hist.R_factor_obs                     ? 
_refine_hist.R_factor_R_free                  ? 
_refine_hist.R_factor_R_work                  ? 
_refine_hist.pdbx_number_residues_total       ? 
_refine_hist.pdbx_B_iso_mean_ligand           ? 
_refine_hist.pdbx_B_iso_mean_solvent          ? 
_refine_hist.pdbx_number_atoms_protein        1392 
_refine_hist.pdbx_number_atoms_nucleic_acid   0 
_refine_hist.pdbx_number_atoms_ligand         39 
_refine_hist.pdbx_number_atoms_lipid          ? 
_refine_hist.pdbx_number_atoms_carb           ? 
_refine_hist.pdbx_pseudo_atom_details         ? 
# 
loop_
_refine_ls_restr.pdbx_refine_id 
_refine_ls_restr.criterion 
_refine_ls_restr.dev_ideal 
_refine_ls_restr.dev_ideal_target 
_refine_ls_restr.number 
_refine_ls_restr.rejects 
_refine_ls_restr.type 
_refine_ls_restr.weight 
_refine_ls_restr.pdbx_restraint_function 
'X-RAY DIFFRACTION' ? 0.007  0.013  1462 ? r_bond_refined_d               ? ? 
'X-RAY DIFFRACTION' ? 0.001  0.017  1420 ? r_bond_other_d                 ? ? 
'X-RAY DIFFRACTION' ? 1.612  1.657  1981 ? r_angle_refined_deg            ? ? 
'X-RAY DIFFRACTION' ? 1.221  1.584  3261 ? r_angle_other_deg              ? ? 
'X-RAY DIFFRACTION' ? 7.601  5.000  179  ? r_dihedral_angle_1_deg         ? ? 
'X-RAY DIFFRACTION' ? 31.913 21.733 75   ? r_dihedral_angle_2_deg         ? ? 
'X-RAY DIFFRACTION' ? 14.605 15.000 248  ? r_dihedral_angle_3_deg         ? ? 
'X-RAY DIFFRACTION' ? 0.400  15.000 1    ? r_dihedral_angle_other_3_deg   ? ? 
'X-RAY DIFFRACTION' ? 12.541 15.000 8    ? r_dihedral_angle_4_deg         ? ? 
'X-RAY DIFFRACTION' ? 0.320  0.200  188  ? r_chiral_restr                 ? ? 
'X-RAY DIFFRACTION' ? 0.007  0.020  1650 ? r_gen_planes_refined           ? ? 
'X-RAY DIFFRACTION' ? 0.001  0.020  330  ? r_gen_planes_other             ? ? 
'X-RAY DIFFRACTION' ? 0.216  0.200  240  ? r_nbd_refined                  ? ? 
'X-RAY DIFFRACTION' ? 0.175  0.200  1334 ? r_symmetry_nbd_other           ? ? 
'X-RAY DIFFRACTION' ? 0.160  0.200  677  ? r_nbtor_refined                ? ? 
'X-RAY DIFFRACTION' ? 0.075  0.200  765  ? r_symmetry_nbtor_other         ? ? 
'X-RAY DIFFRACTION' ? 0.193  0.200  53   ? r_xyhbond_nbd_refined          ? ? 
'X-RAY DIFFRACTION' ? 0.011  0.200  1    ? r_symmetry_xyhbond_nbd_other   ? ? 
'X-RAY DIFFRACTION' ? 0.166  0.200  8    ? r_symmetry_nbd_refined         ? ? 
'X-RAY DIFFRACTION' ? 0.166  0.200  35   ? r_nbd_other                    ? ? 
'X-RAY DIFFRACTION' ? 0.179  0.200  3    ? r_symmetry_xyhbond_nbd_refined ? ? 
'X-RAY DIFFRACTION' ? 4.181  5.054  719  ? r_mcbond_it                    ? ? 
'X-RAY DIFFRACTION' ? 4.179  5.051  718  ? r_mcbond_other                 ? ? 
'X-RAY DIFFRACTION' ? 5.630  7.576  897  ? r_mcangle_it                   ? ? 
'X-RAY DIFFRACTION' ? 5.627  7.579  898  ? r_mcangle_other                ? ? 
'X-RAY DIFFRACTION' ? 4.425  5.597  741  ? r_scbond_it                    ? ? 
'X-RAY DIFFRACTION' ? 4.422  5.598  742  ? r_scbond_other                 ? ? 
'X-RAY DIFFRACTION' ? 6.474  8.228  1080 ? r_scangle_it                   ? ? 
'X-RAY DIFFRACTION' ? 6.471  8.229  1081 ? r_scangle_other                ? ? 
'X-RAY DIFFRACTION' ? 8.252  58.967 1493 ? r_lrange_it                    ? ? 
'X-RAY DIFFRACTION' ? 8.251  59.014 1493 ? r_lrange_other                 ? ? 
# 
loop_
_refine_ls_shell.pdbx_refine_id 
_refine_ls_shell.d_res_high 
_refine_ls_shell.d_res_low 
_refine_ls_shell.number_reflns_all 
_refine_ls_shell.number_reflns_obs 
_refine_ls_shell.number_reflns_R_free 
_refine_ls_shell.number_reflns_R_work 
_refine_ls_shell.percent_reflns_obs 
_refine_ls_shell.percent_reflns_R_free 
_refine_ls_shell.R_factor_all 
_refine_ls_shell.R_factor_obs 
_refine_ls_shell.R_factor_R_free 
_refine_ls_shell.R_factor_R_free_error 
_refine_ls_shell.R_factor_R_work 
_refine_ls_shell.redundancy_reflns_all 
_refine_ls_shell.redundancy_reflns_obs 
_refine_ls_shell.wR_factor_all 
_refine_ls_shell.wR_factor_obs 
_refine_ls_shell.wR_factor_R_free 
_refine_ls_shell.wR_factor_R_work 
_refine_ls_shell.pdbx_R_complete 
_refine_ls_shell.pdbx_total_number_of_bins_used 
_refine_ls_shell.pdbx_phase_error 
_refine_ls_shell.pdbx_fsc_work 
_refine_ls_shell.pdbx_fsc_free 
'X-RAY DIFFRACTION' 1.650 1.693  . . 81 1446 98.0732  . . . 0.397 . 0.365 . . . . . . . . . . . 
'X-RAY DIFFRACTION' 1.693 1.739  . . 62 1452 97.4260  . . . 0.357 . 0.351 . . . . . . . . . . . 
'X-RAY DIFFRACTION' 1.739 1.790  . . 67 1354 95.3691  . . . 0.410 . 0.355 . . . . . . . . . . . 
'X-RAY DIFFRACTION' 1.790 1.845  . . 80 1331 97.9181  . . . 0.347 . 0.315 . . . . . . . . . . . 
'X-RAY DIFFRACTION' 1.845 1.905  . . 85 1231 92.8723  . . . 0.374 . 0.347 . . . . . . . . . . . 
'X-RAY DIFFRACTION' 1.905 1.972  . . 79 1154 89.4775  . . . 0.399 . 0.396 . . . . . . . . . . . 
'X-RAY DIFFRACTION' 1.972 2.046  . . 74 1226 98.6343  . . . 0.342 . 0.295 . . . . . . . . . . . 
'X-RAY DIFFRACTION' 2.046 2.129  . . 64 1181 98.4190  . . . 0.314 . 0.262 . . . . . . . . . . . 
'X-RAY DIFFRACTION' 2.129 2.224  . . 58 1156 98.5390  . . . 0.272 . 0.268 . . . . . . . . . . . 
'X-RAY DIFFRACTION' 2.224 2.332  . . 55 969  89.5888  . . . 0.345 . 0.280 . . . . . . . . . . . 
'X-RAY DIFFRACTION' 2.332 2.458  . . 43 1048 97.5850  . . . 0.320 . 0.231 . . . . . . . . . . . 
'X-RAY DIFFRACTION' 2.458 2.607  . . 48 965  96.4762  . . . 0.352 . 0.239 . . . . . . . . . . . 
'X-RAY DIFFRACTION' 2.607 2.786  . . 40 950  99.2979  . . . 0.354 . 0.230 . . . . . . . . . . . 
'X-RAY DIFFRACTION' 2.786 3.008  . . 60 860  99.5671  . . . 0.261 . 0.227 . . . . . . . . . . . 
'X-RAY DIFFRACTION' 3.008 3.294  . . 52 789  99.1745  . . . 0.303 . 0.214 . . . . . . . . . . . 
'X-RAY DIFFRACTION' 3.294 3.681  . . 42 714  98.8235  . . . 0.229 . 0.182 . . . . . . . . . . . 
'X-RAY DIFFRACTION' 3.681 4.246  . . 34 635  98.2379  . . . 0.200 . 0.167 . . . . . . . . . . . 
'X-RAY DIFFRACTION' 4.246 5.190  . . 31 516  93.8250  . . . 0.222 . 0.151 . . . . . . . . . . . 
'X-RAY DIFFRACTION' 5.190 7.296  . . 20 435  100.0000 . . . 0.181 . 0.195 . . . . . . . . . . . 
'X-RAY DIFFRACTION' 7.296 33.803 . . 7  251  96.2687  . . . 0.463 . 0.175 . . . . . . . . . . . 
# 
_struct.entry_id                     7QUW 
_struct.title                        'CVB3-3Cpro in complex with inhibitor MG-78' 
_struct.pdbx_model_details           ? 
_struct.pdbx_formula_weight          ? 
_struct.pdbx_formula_weight_method   ? 
_struct.pdbx_model_type_details      ? 
_struct.pdbx_CASP_flag               N 
# 
_struct_keywords.entry_id        7QUW 
_struct_keywords.text            'Inhibitor complex, SARS-COV2, VIRAL PROTEIN' 
_struct_keywords.pdbx_keywords   'VIRAL PROTEIN' 
# 
loop_
_struct_asym.id 
_struct_asym.pdbx_blank_PDB_chainid_flag 
_struct_asym.pdbx_modified 
_struct_asym.entity_id 
_struct_asym.details 
A N N 1 ? 
B N N 2 ? 
C N N 3 ? 
# 
_struct_ref.id                         1 
_struct_ref.db_name                    UNP 
_struct_ref.db_code                    POLG_CXB3N 
_struct_ref.pdbx_db_accession          P03313 
_struct_ref.pdbx_db_isoform            ? 
_struct_ref.entity_id                  1 
_struct_ref.pdbx_seq_one_letter_code   
;GPAFEFAVAMMKRNSSTVKTEYGEFTMLGIYDRWAVLPRHAKPGPTILMNDQEVGVLDAKELVDKDGTNLELTLLKLNRN
EKFRDIRGFLAKEEVEVNEAVLAINTSKFPNMYIPVGQVTEYGFLNLGGTPTKRMLMYNFPTRAGQCGGVLMSTGKVLGI
HVGGNGHQGFSAALLKHYFN
;
_struct_ref.pdbx_align_begin           1541 
# 
_struct_ref_seq.align_id                      1 
_struct_ref_seq.ref_id                        1 
_struct_ref_seq.pdbx_PDB_id_code              7QUW 
_struct_ref_seq.pdbx_strand_id                AAA 
_struct_ref_seq.seq_align_beg                 1 
_struct_ref_seq.pdbx_seq_align_beg_ins_code   ? 
_struct_ref_seq.seq_align_end                 180 
_struct_ref_seq.pdbx_seq_align_end_ins_code   ? 
_struct_ref_seq.pdbx_db_accession             P03313 
_struct_ref_seq.db_align_beg                  1541 
_struct_ref_seq.pdbx_db_align_beg_ins_code    ? 
_struct_ref_seq.db_align_end                  1720 
_struct_ref_seq.pdbx_db_align_end_ins_code    ? 
_struct_ref_seq.pdbx_auth_seq_align_beg       1 
_struct_ref_seq.pdbx_auth_seq_align_end       180 
# 
_pdbx_struct_assembly.id                   1 
_pdbx_struct_assembly.details              author_defined_assembly 
_pdbx_struct_assembly.method_details       ? 
_pdbx_struct_assembly.oligomeric_details   monomeric 
_pdbx_struct_assembly.oligomeric_count     1 
# 
loop_
_pdbx_struct_assembly_prop.biol_id 
_pdbx_struct_assembly_prop.type 
_pdbx_struct_assembly_prop.value 
_pdbx_struct_assembly_prop.details 
1 'ABSA (A^2)' 0    ? 
1 MORE         0    ? 
1 'SSA (A^2)'  8450 ? 
# 
_pdbx_struct_assembly_gen.assembly_id       1 
_pdbx_struct_assembly_gen.oper_expression   1 
_pdbx_struct_assembly_gen.asym_id_list      A,B,C 
# 
_pdbx_struct_assembly_auth_evidence.id                     1 
_pdbx_struct_assembly_auth_evidence.assembly_id            1 
_pdbx_struct_assembly_auth_evidence.experimental_support   none 
_pdbx_struct_assembly_auth_evidence.details                ? 
# 
_pdbx_struct_oper_list.id                   1 
_pdbx_struct_oper_list.type                 'identity operation' 
_pdbx_struct_oper_list.name                 1_555 
_pdbx_struct_oper_list.symmetry_operation   x,y,z 
_pdbx_struct_oper_list.matrix[1][1]         1.0000000000 
_pdbx_struct_oper_list.matrix[1][2]         0.0000000000 
_pdbx_struct_oper_list.matrix[1][3]         0.0000000000 
_pdbx_struct_oper_list.vector[1]            0.0000000000 
_pdbx_struct_oper_list.matrix[2][1]         0.0000000000 
_pdbx_struct_oper_list.matrix[2][2]         1.0000000000 
_pdbx_struct_oper_list.matrix[2][3]         0.0000000000 
_pdbx_struct_oper_list.vector[2]            0.0000000000 
_pdbx_struct_oper_list.matrix[3][1]         0.0000000000 
_pdbx_struct_oper_list.matrix[3][2]         0.0000000000 
_pdbx_struct_oper_list.matrix[3][3]         1.0000000000 
_pdbx_struct_oper_list.vector[3]            0.0000000000 
# 
loop_
_struct_conf.conf_type_id 
_struct_conf.id 
_struct_conf.pdbx_PDB_helix_id 
_struct_conf.beg_label_comp_id 
_struct_conf.beg_label_asym_id 
_struct_conf.beg_label_seq_id 
_struct_conf.pdbx_beg_PDB_ins_code 
_struct_conf.end_label_comp_id 
_struct_conf.end_label_asym_id 
_struct_conf.end_label_seq_id 
_struct_conf.pdbx_end_PDB_ins_code 
_struct_conf.beg_auth_comp_id 
_struct_conf.beg_auth_asym_id 
_struct_conf.beg_auth_seq_id 
_struct_conf.end_auth_comp_id 
_struct_conf.end_auth_asym_id 
_struct_conf.end_auth_seq_id 
_struct_conf.pdbx_PDB_helix_class 
_struct_conf.details 
_struct_conf.pdbx_PDB_helix_length 
HELX_P HELX_P1 AA1 GLY A 1   ? ASN A 14  ? GLY AAA 1   ASN AAA 14  1 ? 14 
HELX_P HELX_P2 AA2 HIS A 40  ? LYS A 42  ? HIS AAA 40  LYS AAA 42  5 ? 3  
HELX_P HELX_P3 AA3 ILE A 86  ? LEU A 90  ? ILE AAA 86  LEU AAA 90  5 ? 5  
HELX_P HELX_P4 AA4 LEU A 175 ? ASN A 180 ? LEU AAA 175 ASN AAA 180 5 ? 6  
# 
_struct_conf_type.id          HELX_P 
_struct_conf_type.criteria    ? 
_struct_conf_type.reference   ? 
# 
_struct_conn.id                            covale1 
_struct_conn.conn_type_id                  covale 
_struct_conn.pdbx_leaving_atom_flag        one 
_struct_conn.pdbx_PDB_id                   ? 
_struct_conn.ptnr1_label_asym_id           A 
_struct_conn.ptnr1_label_comp_id           CYS 
_struct_conn.ptnr1_label_seq_id            147 
_struct_conn.ptnr1_label_atom_id           SG 
_struct_conn.pdbx_ptnr1_label_alt_id       ? 
_struct_conn.pdbx_ptnr1_PDB_ins_code       ? 
_struct_conn.pdbx_ptnr1_standard_comp_id   ? 
_struct_conn.ptnr1_symmetry                1_555 
_struct_conn.ptnr2_label_asym_id           B 
_struct_conn.ptnr2_label_comp_id           I70 
_struct_conn.ptnr2_label_seq_id            . 
_struct_conn.ptnr2_label_atom_id           C8 
_struct_conn.pdbx_ptnr2_label_alt_id       ? 
_struct_conn.pdbx_ptnr2_PDB_ins_code       ? 
_struct_conn.ptnr1_auth_asym_id            AAA 
_struct_conn.ptnr1_auth_comp_id            CYS 
_struct_conn.ptnr1_auth_seq_id             147 
_struct_conn.ptnr2_auth_asym_id            AAA 
_struct_conn.ptnr2_auth_comp_id            I70 
_struct_conn.ptnr2_auth_seq_id             201 
_struct_conn.ptnr2_symmetry                1_555 
_struct_conn.pdbx_ptnr3_label_atom_id      ? 
_struct_conn.pdbx_ptnr3_label_seq_id       ? 
_struct_conn.pdbx_ptnr3_label_comp_id      ? 
_struct_conn.pdbx_ptnr3_label_asym_id      ? 
_struct_conn.pdbx_ptnr3_label_alt_id       ? 
_struct_conn.pdbx_ptnr3_PDB_ins_code       ? 
_struct_conn.details                       ? 
_struct_conn.pdbx_dist_value               1.817 
_struct_conn.pdbx_value_order              ? 
_struct_conn.pdbx_role                     ? 
# 
_struct_conn_type.id          covale 
_struct_conn_type.criteria    ? 
_struct_conn_type.reference   ? 
# 
_pdbx_modification_feature.ordinal                            1 
_pdbx_modification_feature.label_comp_id                      I70 
_pdbx_modification_feature.label_asym_id                      B 
_pdbx_modification_feature.label_seq_id                       . 
_pdbx_modification_feature.label_alt_id                       ? 
_pdbx_modification_feature.modified_residue_label_comp_id     CYS 
_pdbx_modification_feature.modified_residue_label_asym_id     A 
_pdbx_modification_feature.modified_residue_label_seq_id      147 
_pdbx_modification_feature.modified_residue_label_alt_id      ? 
_pdbx_modification_feature.auth_comp_id                       I70 
_pdbx_modification_feature.auth_asym_id                       AAA 
_pdbx_modification_feature.auth_seq_id                        201 
_pdbx_modification_feature.PDB_ins_code                       ? 
_pdbx_modification_feature.symmetry                           1_555 
_pdbx_modification_feature.modified_residue_auth_comp_id      CYS 
_pdbx_modification_feature.modified_residue_auth_asym_id      AAA 
_pdbx_modification_feature.modified_residue_auth_seq_id       147 
_pdbx_modification_feature.modified_residue_PDB_ins_code      ? 
_pdbx_modification_feature.modified_residue_symmetry          1_555 
_pdbx_modification_feature.comp_id_linking_atom               C8 
_pdbx_modification_feature.modified_residue_id_linking_atom   SG 
_pdbx_modification_feature.modified_residue_id                CYS 
_pdbx_modification_feature.ref_pcm_id                         1 
_pdbx_modification_feature.ref_comp_id                        I70 
_pdbx_modification_feature.type                               None 
_pdbx_modification_feature.category                           'Covalent chemical modification' 
# 
loop_
_struct_sheet.id 
_struct_sheet.type 
_struct_sheet.number_strands 
_struct_sheet.details 
AA1 ? 7 ? 
AA2 ? 7 ? 
# 
loop_
_struct_sheet_order.sheet_id 
_struct_sheet_order.range_id_1 
_struct_sheet_order.range_id_2 
_struct_sheet_order.offset 
_struct_sheet_order.sense 
AA1 1 2 ? anti-parallel 
AA1 2 3 ? anti-parallel 
AA1 3 4 ? anti-parallel 
AA1 4 5 ? anti-parallel 
AA1 5 6 ? anti-parallel 
AA1 6 7 ? anti-parallel 
AA2 1 2 ? anti-parallel 
AA2 2 3 ? anti-parallel 
AA2 3 4 ? anti-parallel 
AA2 4 5 ? anti-parallel 
AA2 5 6 ? anti-parallel 
AA2 6 7 ? anti-parallel 
# 
loop_
_struct_sheet_range.sheet_id 
_struct_sheet_range.id 
_struct_sheet_range.beg_label_comp_id 
_struct_sheet_range.beg_label_asym_id 
_struct_sheet_range.beg_label_seq_id 
_struct_sheet_range.pdbx_beg_PDB_ins_code 
_struct_sheet_range.end_label_comp_id 
_struct_sheet_range.end_label_asym_id 
_struct_sheet_range.end_label_seq_id 
_struct_sheet_range.pdbx_end_PDB_ins_code 
_struct_sheet_range.beg_auth_comp_id 
_struct_sheet_range.beg_auth_asym_id 
_struct_sheet_range.beg_auth_seq_id 
_struct_sheet_range.end_auth_comp_id 
_struct_sheet_range.end_auth_asym_id 
_struct_sheet_range.end_auth_seq_id 
AA1 1 SER A 15  ? THR A 20  ? SER AAA 15  THR AAA 20  
AA1 2 GLY A 23  ? TYR A 31  ? GLY AAA 23  TYR AAA 31  
AA1 3 TRP A 34  ? PRO A 38  ? TRP AAA 34  PRO AAA 38  
AA1 4 ASN A 69  ? ASN A 78  ? ASN AAA 69  ASN AAA 78  
AA1 5 GLN A 52  ? VAL A 63  ? GLN AAA 52  VAL AAA 63  
AA1 6 THR A 46  ? MET A 49  ? THR AAA 46  MET AAA 49  
AA1 7 SER A 15  ? THR A 20  ? SER AAA 15  THR AAA 20  
AA2 1 VAL A 97  ? ILE A 104 ? VAL AAA 97  ILE AAA 104 
AA2 2 MET A 112 ? LEU A 127 ? MET AAA 112 LEU AAA 127 
AA2 3 THR A 130 ? TYR A 138 ? THR AAA 130 TYR AAA 138 
AA2 4 GLY A 169 ? ALA A 173 ? GLY AAA 169 ALA AAA 173 
AA2 5 LYS A 156 ? GLY A 164 ? LYS AAA 156 GLY AAA 164 
AA2 6 VAL A 150 ? SER A 153 ? VAL AAA 150 SER AAA 153 
AA2 7 VAL A 97  ? ILE A 104 ? VAL AAA 97  ILE AAA 104 
# 
loop_
_pdbx_struct_sheet_hbond.sheet_id 
_pdbx_struct_sheet_hbond.range_id_1 
_pdbx_struct_sheet_hbond.range_id_2 
_pdbx_struct_sheet_hbond.range_1_label_atom_id 
_pdbx_struct_sheet_hbond.range_1_label_comp_id 
_pdbx_struct_sheet_hbond.range_1_label_asym_id 
_pdbx_struct_sheet_hbond.range_1_label_seq_id 
_pdbx_struct_sheet_hbond.range_1_PDB_ins_code 
_pdbx_struct_sheet_hbond.range_1_auth_atom_id 
_pdbx_struct_sheet_hbond.range_1_auth_comp_id 
_pdbx_struct_sheet_hbond.range_1_auth_asym_id 
_pdbx_struct_sheet_hbond.range_1_auth_seq_id 
_pdbx_struct_sheet_hbond.range_2_label_atom_id 
_pdbx_struct_sheet_hbond.range_2_label_comp_id 
_pdbx_struct_sheet_hbond.range_2_label_asym_id 
_pdbx_struct_sheet_hbond.range_2_label_seq_id 
_pdbx_struct_sheet_hbond.range_2_PDB_ins_code 
_pdbx_struct_sheet_hbond.range_2_auth_atom_id 
_pdbx_struct_sheet_hbond.range_2_auth_comp_id 
_pdbx_struct_sheet_hbond.range_2_auth_asym_id 
_pdbx_struct_sheet_hbond.range_2_auth_seq_id 
AA1 1 2 N VAL A 18  ? N VAL AAA 18  O PHE A 25  ? O PHE AAA 25  
AA1 2 3 N ILE A 30  ? N ILE AAA 30  O TRP A 34  ? O TRP AAA 34  
AA1 3 4 N ALA A 35  ? N ALA AAA 35  O LEU A 75  ? O LEU AAA 75  
AA1 4 5 O LEU A 72  ? O LEU AAA 72  N LEU A 62  ? N LEU AAA 62  
AA1 5 6 O GLN A 52  ? O GLN AAA 52  N MET A 49  ? N MET AAA 49  
AA1 6 7 O LEU A 48  ? O LEU AAA 48  N LYS A 19  ? N LYS AAA 19  
AA2 1 2 N VAL A 97  ? N VAL AAA 97  O VAL A 119 ? O VAL AAA 119 
AA2 2 3 N TYR A 122 ? N TYR AAA 122 O MET A 135 ? O MET AAA 135 
AA2 3 4 N TYR A 138 ? N TYR AAA 138 O GLY A 169 ? O GLY AAA 169 
AA2 4 5 O PHE A 170 ? O PHE AAA 170 N VAL A 162 ? N VAL AAA 162 
AA2 5 6 O GLY A 159 ? O GLY AAA 159 N LEU A 151 ? N LEU AAA 151 
AA2 6 7 O MET A 152 ? O MET AAA 152 N VAL A 101 ? N VAL AAA 101 
# 
_pdbx_entry_details.entry_id                   7QUW 
_pdbx_entry_details.nonpolymer_details         ? 
_pdbx_entry_details.sequence_details           ? 
_pdbx_entry_details.compound_details           ? 
_pdbx_entry_details.source_details             ? 
_pdbx_entry_details.has_ligand_of_interest     Y 
_pdbx_entry_details.has_protein_modification   Y 
# 
loop_
_pdbx_validate_torsion.id 
_pdbx_validate_torsion.PDB_model_num 
_pdbx_validate_torsion.auth_comp_id 
_pdbx_validate_torsion.auth_asym_id 
_pdbx_validate_torsion.auth_seq_id 
_pdbx_validate_torsion.PDB_ins_code 
_pdbx_validate_torsion.label_alt_id 
_pdbx_validate_torsion.phi 
_pdbx_validate_torsion.psi 
1 1 ASP AAA 32  ? ? 51.58   -116.66 
2 1 ASP AAA 51  ? ? 75.61   -0.87   
3 1 GLU AAA 71  ? ? 71.41   32.29   
4 1 THR AAA 106 ? ? -120.76 -163.98 
5 1 PHE AAA 109 ? ? -115.59 75.72   
6 1 ASN AAA 111 ? ? 27.95   57.80   
7 1 ARG AAA 134 ? ? 71.74   40.63   
8 1 PRO AAA 141 ? ? -69.05  80.39   
# 
_pdbx_struct_special_symmetry.id              1 
_pdbx_struct_special_symmetry.PDB_model_num   1 
_pdbx_struct_special_symmetry.auth_asym_id    AAA 
_pdbx_struct_special_symmetry.auth_comp_id    HOH 
_pdbx_struct_special_symmetry.auth_seq_id     349 
_pdbx_struct_special_symmetry.PDB_ins_code    ? 
_pdbx_struct_special_symmetry.label_asym_id   C 
_pdbx_struct_special_symmetry.label_comp_id   HOH 
_pdbx_struct_special_symmetry.label_seq_id    . 
# 
loop_
_pdbx_distant_solvent_atoms.id 
_pdbx_distant_solvent_atoms.PDB_model_num 
_pdbx_distant_solvent_atoms.auth_atom_id 
_pdbx_distant_solvent_atoms.label_alt_id 
_pdbx_distant_solvent_atoms.auth_asym_id 
_pdbx_distant_solvent_atoms.auth_comp_id 
_pdbx_distant_solvent_atoms.auth_seq_id 
_pdbx_distant_solvent_atoms.PDB_ins_code 
_pdbx_distant_solvent_atoms.neighbor_macromolecule_distance 
_pdbx_distant_solvent_atoms.neighbor_ligand_distance 
1 1 O ? AAA HOH 351 ? 6.70  . 
2 1 O ? AAA HOH 352 ? 10.30 . 
# 
loop_
_chem_comp_atom.comp_id 
_chem_comp_atom.atom_id 
_chem_comp_atom.type_symbol 
_chem_comp_atom.pdbx_aromatic_flag 
_chem_comp_atom.pdbx_stereo_config 
_chem_comp_atom.pdbx_ordinal 
ALA N    N N N 1   
ALA CA   C N S 2   
ALA C    C N N 3   
ALA O    O N N 4   
ALA CB   C N N 5   
ALA OXT  O N N 6   
ALA H    H N N 7   
ALA H2   H N N 8   
ALA HA   H N N 9   
ALA HB1  H N N 10  
ALA HB2  H N N 11  
ALA HB3  H N N 12  
ALA HXT  H N N 13  
ARG N    N N N 14  
ARG CA   C N S 15  
ARG C    C N N 16  
ARG O    O N N 17  
ARG CB   C N N 18  
ARG CG   C N N 19  
ARG CD   C N N 20  
ARG NE   N N N 21  
ARG CZ   C N N 22  
ARG NH1  N N N 23  
ARG NH2  N N N 24  
ARG OXT  O N N 25  
ARG H    H N N 26  
ARG H2   H N N 27  
ARG HA   H N N 28  
ARG HB2  H N N 29  
ARG HB3  H N N 30  
ARG HG2  H N N 31  
ARG HG3  H N N 32  
ARG HD2  H N N 33  
ARG HD3  H N N 34  
ARG HE   H N N 35  
ARG HH11 H N N 36  
ARG HH12 H N N 37  
ARG HH21 H N N 38  
ARG HH22 H N N 39  
ARG HXT  H N N 40  
ASN N    N N N 41  
ASN CA   C N S 42  
ASN C    C N N 43  
ASN O    O N N 44  
ASN CB   C N N 45  
ASN CG   C N N 46  
ASN OD1  O N N 47  
ASN ND2  N N N 48  
ASN OXT  O N N 49  
ASN H    H N N 50  
ASN H2   H N N 51  
ASN HA   H N N 52  
ASN HB2  H N N 53  
ASN HB3  H N N 54  
ASN HD21 H N N 55  
ASN HD22 H N N 56  
ASN HXT  H N N 57  
ASP N    N N N 58  
ASP CA   C N S 59  
ASP C    C N N 60  
ASP O    O N N 61  
ASP CB   C N N 62  
ASP CG   C N N 63  
ASP OD1  O N N 64  
ASP OD2  O N N 65  
ASP OXT  O N N 66  
ASP H    H N N 67  
ASP H2   H N N 68  
ASP HA   H N N 69  
ASP HB2  H N N 70  
ASP HB3  H N N 71  
ASP HD2  H N N 72  
ASP HXT  H N N 73  
CYS N    N N N 74  
CYS CA   C N R 75  
CYS C    C N N 76  
CYS O    O N N 77  
CYS CB   C N N 78  
CYS SG   S N N 79  
CYS OXT  O N N 80  
CYS H    H N N 81  
CYS H2   H N N 82  
CYS HA   H N N 83  
CYS HB2  H N N 84  
CYS HB3  H N N 85  
CYS HG   H N N 86  
CYS HXT  H N N 87  
GLN N    N N N 88  
GLN CA   C N S 89  
GLN C    C N N 90  
GLN O    O N N 91  
GLN CB   C N N 92  
GLN CG   C N N 93  
GLN CD   C N N 94  
GLN OE1  O N N 95  
GLN NE2  N N N 96  
GLN OXT  O N N 97  
GLN H    H N N 98  
GLN H2   H N N 99  
GLN HA   H N N 100 
GLN HB2  H N N 101 
GLN HB3  H N N 102 
GLN HG2  H N N 103 
GLN HG3  H N N 104 
GLN HE21 H N N 105 
GLN HE22 H N N 106 
GLN HXT  H N N 107 
GLU N    N N N 108 
GLU CA   C N S 109 
GLU C    C N N 110 
GLU O    O N N 111 
GLU CB   C N N 112 
GLU CG   C N N 113 
GLU CD   C N N 114 
GLU OE1  O N N 115 
GLU OE2  O N N 116 
GLU OXT  O N N 117 
GLU H    H N N 118 
GLU H2   H N N 119 
GLU HA   H N N 120 
GLU HB2  H N N 121 
GLU HB3  H N N 122 
GLU HG2  H N N 123 
GLU HG3  H N N 124 
GLU HE2  H N N 125 
GLU HXT  H N N 126 
GLY N    N N N 127 
GLY CA   C N N 128 
GLY C    C N N 129 
GLY O    O N N 130 
GLY OXT  O N N 131 
GLY H    H N N 132 
GLY H2   H N N 133 
GLY HA2  H N N 134 
GLY HA3  H N N 135 
GLY HXT  H N N 136 
HIS N    N N N 137 
HIS CA   C N S 138 
HIS C    C N N 139 
HIS O    O N N 140 
HIS CB   C N N 141 
HIS CG   C Y N 142 
HIS ND1  N Y N 143 
HIS CD2  C Y N 144 
HIS CE1  C Y N 145 
HIS NE2  N Y N 146 
HIS OXT  O N N 147 
HIS H    H N N 148 
HIS H2   H N N 149 
HIS HA   H N N 150 
HIS HB2  H N N 151 
HIS HB3  H N N 152 
HIS HD1  H N N 153 
HIS HD2  H N N 154 
HIS HE1  H N N 155 
HIS HE2  H N N 156 
HIS HXT  H N N 157 
HOH O    O N N 158 
HOH H1   H N N 159 
HOH H2   H N N 160 
I70 C1   C N N 161 
I70 C11  C N S 162 
I70 C12  C N N 163 
I70 C13  C N N 164 
I70 C14  C N S 165 
I70 C15  C N N 166 
I70 C16  C N S 167 
I70 C17  C N S 168 
I70 C18  C N N 169 
I70 C19  C N N 170 
I70 C20  C N S 171 
I70 C21  C N N 172 
I70 C22  C N N 173 
I70 C23  C N N 174 
I70 C24  C N N 175 
I70 C25  C N N 176 
I70 C26  C N N 177 
I70 C27  C N N 178 
I70 C28  C N N 179 
I70 C29  C N N 180 
I70 C30  C N N 181 
I70 C31  C N N 182 
I70 C32  C N N 183 
I70 C34  C N R 184 
I70 C7   C N N 185 
I70 C8   C N R 186 
I70 C9   C N N 187 
I70 N10  N N N 188 
I70 N13  N N N 189 
I70 N16  N N N 190 
I70 N2   N N N 191 
I70 N23  N N N 192 
I70 N8   N N N 193 
I70 O26  O N N 194 
I70 O29  O N N 195 
I70 O33  O N N 196 
I70 O38  O N N 197 
I70 O5   O N N 198 
I70 O9   O N N 199 
I70 H1   H N N 200 
I70 H2   H N N 201 
I70 H3   H N N 202 
I70 H4   H N N 203 
I70 H5   H N N 204 
I70 H6   H N N 205 
I70 H7   H N N 206 
I70 H8   H N N 207 
I70 H9   H N N 208 
I70 H10  H N N 209 
I70 H11  H N N 210 
I70 H12  H N N 211 
I70 H13  H N N 212 
I70 H14  H N N 213 
I70 H15  H N N 214 
I70 H16  H N N 215 
I70 H17  H N N 216 
I70 H18  H N N 217 
I70 H19  H N N 218 
I70 H20  H N N 219 
I70 H21  H N N 220 
I70 H22  H N N 221 
I70 H23  H N N 222 
I70 H24  H N N 223 
I70 H25  H N N 224 
I70 H26  H N N 225 
I70 H27  H N N 226 
I70 H28  H N N 227 
I70 H29  H N N 228 
I70 H30  H N N 229 
I70 H31  H N N 230 
I70 H32  H N N 231 
I70 H33  H N N 232 
I70 H34  H N N 233 
I70 H35  H N N 234 
I70 H36  H N N 235 
I70 H37  H N N 236 
I70 H38  H N N 237 
I70 H39  H N N 238 
I70 H40  H N N 239 
I70 H41  H N N 240 
I70 H42  H N N 241 
I70 H43  H N N 242 
I70 H44  H N N 243 
I70 H45  H N N 244 
I70 H46  H N N 245 
ILE N    N N N 246 
ILE CA   C N S 247 
ILE C    C N N 248 
ILE O    O N N 249 
ILE CB   C N S 250 
ILE CG1  C N N 251 
ILE CG2  C N N 252 
ILE CD1  C N N 253 
ILE OXT  O N N 254 
ILE H    H N N 255 
ILE H2   H N N 256 
ILE HA   H N N 257 
ILE HB   H N N 258 
ILE HG12 H N N 259 
ILE HG13 H N N 260 
ILE HG21 H N N 261 
ILE HG22 H N N 262 
ILE HG23 H N N 263 
ILE HD11 H N N 264 
ILE HD12 H N N 265 
ILE HD13 H N N 266 
ILE HXT  H N N 267 
LEU N    N N N 268 
LEU CA   C N S 269 
LEU C    C N N 270 
LEU O    O N N 271 
LEU CB   C N N 272 
LEU CG   C N N 273 
LEU CD1  C N N 274 
LEU CD2  C N N 275 
LEU OXT  O N N 276 
LEU H    H N N 277 
LEU H2   H N N 278 
LEU HA   H N N 279 
LEU HB2  H N N 280 
LEU HB3  H N N 281 
LEU HG   H N N 282 
LEU HD11 H N N 283 
LEU HD12 H N N 284 
LEU HD13 H N N 285 
LEU HD21 H N N 286 
LEU HD22 H N N 287 
LEU HD23 H N N 288 
LEU HXT  H N N 289 
LYS N    N N N 290 
LYS CA   C N S 291 
LYS C    C N N 292 
LYS O    O N N 293 
LYS CB   C N N 294 
LYS CG   C N N 295 
LYS CD   C N N 296 
LYS CE   C N N 297 
LYS NZ   N N N 298 
LYS OXT  O N N 299 
LYS H    H N N 300 
LYS H2   H N N 301 
LYS HA   H N N 302 
LYS HB2  H N N 303 
LYS HB3  H N N 304 
LYS HG2  H N N 305 
LYS HG3  H N N 306 
LYS HD2  H N N 307 
LYS HD3  H N N 308 
LYS HE2  H N N 309 
LYS HE3  H N N 310 
LYS HZ1  H N N 311 
LYS HZ2  H N N 312 
LYS HZ3  H N N 313 
LYS HXT  H N N 314 
MET N    N N N 315 
MET CA   C N S 316 
MET C    C N N 317 
MET O    O N N 318 
MET CB   C N N 319 
MET CG   C N N 320 
MET SD   S N N 321 
MET CE   C N N 322 
MET OXT  O N N 323 
MET H    H N N 324 
MET H2   H N N 325 
MET HA   H N N 326 
MET HB2  H N N 327 
MET HB3  H N N 328 
MET HG2  H N N 329 
MET HG3  H N N 330 
MET HE1  H N N 331 
MET HE2  H N N 332 
MET HE3  H N N 333 
MET HXT  H N N 334 
PHE N    N N N 335 
PHE CA   C N S 336 
PHE C    C N N 337 
PHE O    O N N 338 
PHE CB   C N N 339 
PHE CG   C Y N 340 
PHE CD1  C Y N 341 
PHE CD2  C Y N 342 
PHE CE1  C Y N 343 
PHE CE2  C Y N 344 
PHE CZ   C Y N 345 
PHE OXT  O N N 346 
PHE H    H N N 347 
PHE H2   H N N 348 
PHE HA   H N N 349 
PHE HB2  H N N 350 
PHE HB3  H N N 351 
PHE HD1  H N N 352 
PHE HD2  H N N 353 
PHE HE1  H N N 354 
PHE HE2  H N N 355 
PHE HZ   H N N 356 
PHE HXT  H N N 357 
PRO N    N N N 358 
PRO CA   C N S 359 
PRO C    C N N 360 
PRO O    O N N 361 
PRO CB   C N N 362 
PRO CG   C N N 363 
PRO CD   C N N 364 
PRO OXT  O N N 365 
PRO H    H N N 366 
PRO HA   H N N 367 
PRO HB2  H N N 368 
PRO HB3  H N N 369 
PRO HG2  H N N 370 
PRO HG3  H N N 371 
PRO HD2  H N N 372 
PRO HD3  H N N 373 
PRO HXT  H N N 374 
SER N    N N N 375 
SER CA   C N S 376 
SER C    C N N 377 
SER O    O N N 378 
SER CB   C N N 379 
SER OG   O N N 380 
SER OXT  O N N 381 
SER H    H N N 382 
SER H2   H N N 383 
SER HA   H N N 384 
SER HB2  H N N 385 
SER HB3  H N N 386 
SER HG   H N N 387 
SER HXT  H N N 388 
THR N    N N N 389 
THR CA   C N S 390 
THR C    C N N 391 
THR O    O N N 392 
THR CB   C N R 393 
THR OG1  O N N 394 
THR CG2  C N N 395 
THR OXT  O N N 396 
THR H    H N N 397 
THR H2   H N N 398 
THR HA   H N N 399 
THR HB   H N N 400 
THR HG1  H N N 401 
THR HG21 H N N 402 
THR HG22 H N N 403 
THR HG23 H N N 404 
THR HXT  H N N 405 
TRP N    N N N 406 
TRP CA   C N S 407 
TRP C    C N N 408 
TRP O    O N N 409 
TRP CB   C N N 410 
TRP CG   C Y N 411 
TRP CD1  C Y N 412 
TRP CD2  C Y N 413 
TRP NE1  N Y N 414 
TRP CE2  C Y N 415 
TRP CE3  C Y N 416 
TRP CZ2  C Y N 417 
TRP CZ3  C Y N 418 
TRP CH2  C Y N 419 
TRP OXT  O N N 420 
TRP H    H N N 421 
TRP H2   H N N 422 
TRP HA   H N N 423 
TRP HB2  H N N 424 
TRP HB3  H N N 425 
TRP HD1  H N N 426 
TRP HE1  H N N 427 
TRP HE3  H N N 428 
TRP HZ2  H N N 429 
TRP HZ3  H N N 430 
TRP HH2  H N N 431 
TRP HXT  H N N 432 
TYR N    N N N 433 
TYR CA   C N S 434 
TYR C    C N N 435 
TYR O    O N N 436 
TYR CB   C N N 437 
TYR CG   C Y N 438 
TYR CD1  C Y N 439 
TYR CD2  C Y N 440 
TYR CE1  C Y N 441 
TYR CE2  C Y N 442 
TYR CZ   C Y N 443 
TYR OH   O N N 444 
TYR OXT  O N N 445 
TYR H    H N N 446 
TYR H2   H N N 447 
TYR HA   H N N 448 
TYR HB2  H N N 449 
TYR HB3  H N N 450 
TYR HD1  H N N 451 
TYR HD2  H N N 452 
TYR HE1  H N N 453 
TYR HE2  H N N 454 
TYR HH   H N N 455 
TYR HXT  H N N 456 
VAL N    N N N 457 
VAL CA   C N S 458 
VAL C    C N N 459 
VAL O    O N N 460 
VAL CB   C N N 461 
VAL CG1  C N N 462 
VAL CG2  C N N 463 
VAL OXT  O N N 464 
VAL H    H N N 465 
VAL H2   H N N 466 
VAL HA   H N N 467 
VAL HB   H N N 468 
VAL HG11 H N N 469 
VAL HG12 H N N 470 
VAL HG13 H N N 471 
VAL HG21 H N N 472 
VAL HG22 H N N 473 
VAL HG23 H N N 474 
VAL HXT  H N N 475 
# 
loop_
_chem_comp_bond.comp_id 
_chem_comp_bond.atom_id_1 
_chem_comp_bond.atom_id_2 
_chem_comp_bond.value_order 
_chem_comp_bond.pdbx_aromatic_flag 
_chem_comp_bond.pdbx_stereo_config 
_chem_comp_bond.pdbx_ordinal 
ALA N   CA   sing N N 1   
ALA N   H    sing N N 2   
ALA N   H2   sing N N 3   
ALA CA  C    sing N N 4   
ALA CA  CB   sing N N 5   
ALA CA  HA   sing N N 6   
ALA C   O    doub N N 7   
ALA C   OXT  sing N N 8   
ALA CB  HB1  sing N N 9   
ALA CB  HB2  sing N N 10  
ALA CB  HB3  sing N N 11  
ALA OXT HXT  sing N N 12  
ARG N   CA   sing N N 13  
ARG N   H    sing N N 14  
ARG N   H2   sing N N 15  
ARG CA  C    sing N N 16  
ARG CA  CB   sing N N 17  
ARG CA  HA   sing N N 18  
ARG C   O    doub N N 19  
ARG C   OXT  sing N N 20  
ARG CB  CG   sing N N 21  
ARG CB  HB2  sing N N 22  
ARG CB  HB3  sing N N 23  
ARG CG  CD   sing N N 24  
ARG CG  HG2  sing N N 25  
ARG CG  HG3  sing N N 26  
ARG CD  NE   sing N N 27  
ARG CD  HD2  sing N N 28  
ARG CD  HD3  sing N N 29  
ARG NE  CZ   sing N N 30  
ARG NE  HE   sing N N 31  
ARG CZ  NH1  sing N N 32  
ARG CZ  NH2  doub N N 33  
ARG NH1 HH11 sing N N 34  
ARG NH1 HH12 sing N N 35  
ARG NH2 HH21 sing N N 36  
ARG NH2 HH22 sing N N 37  
ARG OXT HXT  sing N N 38  
ASN N   CA   sing N N 39  
ASN N   H    sing N N 40  
ASN N   H2   sing N N 41  
ASN CA  C    sing N N 42  
ASN CA  CB   sing N N 43  
ASN CA  HA   sing N N 44  
ASN C   O    doub N N 45  
ASN C   OXT  sing N N 46  
ASN CB  CG   sing N N 47  
ASN CB  HB2  sing N N 48  
ASN CB  HB3  sing N N 49  
ASN CG  OD1  doub N N 50  
ASN CG  ND2  sing N N 51  
ASN ND2 HD21 sing N N 52  
ASN ND2 HD22 sing N N 53  
ASN OXT HXT  sing N N 54  
ASP N   CA   sing N N 55  
ASP N   H    sing N N 56  
ASP N   H2   sing N N 57  
ASP CA  C    sing N N 58  
ASP CA  CB   sing N N 59  
ASP CA  HA   sing N N 60  
ASP C   O    doub N N 61  
ASP C   OXT  sing N N 62  
ASP CB  CG   sing N N 63  
ASP CB  HB2  sing N N 64  
ASP CB  HB3  sing N N 65  
ASP CG  OD1  doub N N 66  
ASP CG  OD2  sing N N 67  
ASP OD2 HD2  sing N N 68  
ASP OXT HXT  sing N N 69  
CYS N   CA   sing N N 70  
CYS N   H    sing N N 71  
CYS N   H2   sing N N 72  
CYS CA  C    sing N N 73  
CYS CA  CB   sing N N 74  
CYS CA  HA   sing N N 75  
CYS C   O    doub N N 76  
CYS C   OXT  sing N N 77  
CYS CB  SG   sing N N 78  
CYS CB  HB2  sing N N 79  
CYS CB  HB3  sing N N 80  
CYS SG  HG   sing N N 81  
CYS OXT HXT  sing N N 82  
GLN N   CA   sing N N 83  
GLN N   H    sing N N 84  
GLN N   H2   sing N N 85  
GLN CA  C    sing N N 86  
GLN CA  CB   sing N N 87  
GLN CA  HA   sing N N 88  
GLN C   O    doub N N 89  
GLN C   OXT  sing N N 90  
GLN CB  CG   sing N N 91  
GLN CB  HB2  sing N N 92  
GLN CB  HB3  sing N N 93  
GLN CG  CD   sing N N 94  
GLN CG  HG2  sing N N 95  
GLN CG  HG3  sing N N 96  
GLN CD  OE1  doub N N 97  
GLN CD  NE2  sing N N 98  
GLN NE2 HE21 sing N N 99  
GLN NE2 HE22 sing N N 100 
GLN OXT HXT  sing N N 101 
GLU N   CA   sing N N 102 
GLU N   H    sing N N 103 
GLU N   H2   sing N N 104 
GLU CA  C    sing N N 105 
GLU CA  CB   sing N N 106 
GLU CA  HA   sing N N 107 
GLU C   O    doub N N 108 
GLU C   OXT  sing N N 109 
GLU CB  CG   sing N N 110 
GLU CB  HB2  sing N N 111 
GLU CB  HB3  sing N N 112 
GLU CG  CD   sing N N 113 
GLU CG  HG2  sing N N 114 
GLU CG  HG3  sing N N 115 
GLU CD  OE1  doub N N 116 
GLU CD  OE2  sing N N 117 
GLU OE2 HE2  sing N N 118 
GLU OXT HXT  sing N N 119 
GLY N   CA   sing N N 120 
GLY N   H    sing N N 121 
GLY N   H2   sing N N 122 
GLY CA  C    sing N N 123 
GLY CA  HA2  sing N N 124 
GLY CA  HA3  sing N N 125 
GLY C   O    doub N N 126 
GLY C   OXT  sing N N 127 
GLY OXT HXT  sing N N 128 
HIS N   CA   sing N N 129 
HIS N   H    sing N N 130 
HIS N   H2   sing N N 131 
HIS CA  C    sing N N 132 
HIS CA  CB   sing N N 133 
HIS CA  HA   sing N N 134 
HIS C   O    doub N N 135 
HIS C   OXT  sing N N 136 
HIS CB  CG   sing N N 137 
HIS CB  HB2  sing N N 138 
HIS CB  HB3  sing N N 139 
HIS CG  ND1  sing Y N 140 
HIS CG  CD2  doub Y N 141 
HIS ND1 CE1  doub Y N 142 
HIS ND1 HD1  sing N N 143 
HIS CD2 NE2  sing Y N 144 
HIS CD2 HD2  sing N N 145 
HIS CE1 NE2  sing Y N 146 
HIS CE1 HE1  sing N N 147 
HIS NE2 HE2  sing N N 148 
HIS OXT HXT  sing N N 149 
HOH O   H1   sing N N 150 
HOH O   H2   sing N N 151 
I70 C32 C30  sing N N 152 
I70 C26 C30  sing N N 153 
I70 C30 C11  sing N N 154 
I70 C30 C31  sing N N 155 
I70 C13 C16  sing N N 156 
I70 C13 N13  sing N N 157 
I70 O29 C9   doub N N 158 
I70 C16 C34  sing N N 159 
I70 C16 C18  sing N N 160 
I70 O38 C15  doub N N 161 
I70 C11 N10  sing N N 162 
I70 C11 C12  sing N N 163 
I70 C29 C7   sing N N 164 
I70 C9  N10  sing N N 165 
I70 C9  N8   sing N N 166 
I70 N13 C12  sing N N 167 
I70 N13 C14  sing N N 168 
I70 N2  C1   sing N N 169 
I70 C34 C18  sing N N 170 
I70 C34 C14  sing N N 171 
I70 C25 C18  sing N N 172 
I70 C12 O33  doub N N 173 
I70 C21 C22  sing N N 174 
I70 C21 C20  sing N N 175 
I70 C18 C23  sing N N 176 
I70 C15 C14  sing N N 177 
I70 C15 N16  sing N N 178 
I70 C22 N23  sing N N 179 
I70 C7  N8   sing N N 180 
I70 C7  C28  sing N N 181 
I70 C7  C27  sing N N 182 
I70 O9  C8   sing N N 183 
I70 C1  C8   sing N N 184 
I70 C1  O5   doub N N 185 
I70 C17 N16  sing N N 186 
I70 C17 C8   sing N N 187 
I70 C17 C19  sing N N 188 
I70 C20 C19  sing N N 189 
I70 C20 C24  sing N N 190 
I70 N23 C24  sing N N 191 
I70 C24 O26  doub N N 192 
I70 C11 H1   sing N N 193 
I70 C13 H2   sing N N 194 
I70 C13 H3   sing N N 195 
I70 C14 H4   sing N N 196 
I70 C16 H5   sing N N 197 
I70 C17 H6   sing N N 198 
I70 C19 H7   sing N N 199 
I70 C19 H8   sing N N 200 
I70 C20 H9   sing N N 201 
I70 C21 H10  sing N N 202 
I70 C21 H11  sing N N 203 
I70 C22 H12  sing N N 204 
I70 C22 H13  sing N N 205 
I70 C23 H14  sing N N 206 
I70 C23 H15  sing N N 207 
I70 C23 H16  sing N N 208 
I70 C25 H17  sing N N 209 
I70 C25 H18  sing N N 210 
I70 C25 H19  sing N N 211 
I70 C26 H20  sing N N 212 
I70 C26 H21  sing N N 213 
I70 C26 H22  sing N N 214 
I70 C27 H23  sing N N 215 
I70 C27 H24  sing N N 216 
I70 C27 H25  sing N N 217 
I70 C28 H26  sing N N 218 
I70 C28 H27  sing N N 219 
I70 C28 H28  sing N N 220 
I70 C29 H29  sing N N 221 
I70 C29 H30  sing N N 222 
I70 C29 H31  sing N N 223 
I70 C31 H32  sing N N 224 
I70 C31 H33  sing N N 225 
I70 C31 H34  sing N N 226 
I70 C32 H35  sing N N 227 
I70 C32 H36  sing N N 228 
I70 C32 H37  sing N N 229 
I70 C34 H38  sing N N 230 
I70 C8  H39  sing N N 231 
I70 N10 H40  sing N N 232 
I70 N16 H41  sing N N 233 
I70 N2  H42  sing N N 234 
I70 N2  H43  sing N N 235 
I70 N23 H44  sing N N 236 
I70 N8  H45  sing N N 237 
I70 O9  H46  sing N N 238 
ILE N   CA   sing N N 239 
ILE N   H    sing N N 240 
ILE N   H2   sing N N 241 
ILE CA  C    sing N N 242 
ILE CA  CB   sing N N 243 
ILE CA  HA   sing N N 244 
ILE C   O    doub N N 245 
ILE C   OXT  sing N N 246 
ILE CB  CG1  sing N N 247 
ILE CB  CG2  sing N N 248 
ILE CB  HB   sing N N 249 
ILE CG1 CD1  sing N N 250 
ILE CG1 HG12 sing N N 251 
ILE CG1 HG13 sing N N 252 
ILE CG2 HG21 sing N N 253 
ILE CG2 HG22 sing N N 254 
ILE CG2 HG23 sing N N 255 
ILE CD1 HD11 sing N N 256 
ILE CD1 HD12 sing N N 257 
ILE CD1 HD13 sing N N 258 
ILE OXT HXT  sing N N 259 
LEU N   CA   sing N N 260 
LEU N   H    sing N N 261 
LEU N   H2   sing N N 262 
LEU CA  C    sing N N 263 
LEU CA  CB   sing N N 264 
LEU CA  HA   sing N N 265 
LEU C   O    doub N N 266 
LEU C   OXT  sing N N 267 
LEU CB  CG   sing N N 268 
LEU CB  HB2  sing N N 269 
LEU CB  HB3  sing N N 270 
LEU CG  CD1  sing N N 271 
LEU CG  CD2  sing N N 272 
LEU CG  HG   sing N N 273 
LEU CD1 HD11 sing N N 274 
LEU CD1 HD12 sing N N 275 
LEU CD1 HD13 sing N N 276 
LEU CD2 HD21 sing N N 277 
LEU CD2 HD22 sing N N 278 
LEU CD2 HD23 sing N N 279 
LEU OXT HXT  sing N N 280 
LYS N   CA   sing N N 281 
LYS N   H    sing N N 282 
LYS N   H2   sing N N 283 
LYS CA  C    sing N N 284 
LYS CA  CB   sing N N 285 
LYS CA  HA   sing N N 286 
LYS C   O    doub N N 287 
LYS C   OXT  sing N N 288 
LYS CB  CG   sing N N 289 
LYS CB  HB2  sing N N 290 
LYS CB  HB3  sing N N 291 
LYS CG  CD   sing N N 292 
LYS CG  HG2  sing N N 293 
LYS CG  HG3  sing N N 294 
LYS CD  CE   sing N N 295 
LYS CD  HD2  sing N N 296 
LYS CD  HD3  sing N N 297 
LYS CE  NZ   sing N N 298 
LYS CE  HE2  sing N N 299 
LYS CE  HE3  sing N N 300 
LYS NZ  HZ1  sing N N 301 
LYS NZ  HZ2  sing N N 302 
LYS NZ  HZ3  sing N N 303 
LYS OXT HXT  sing N N 304 
MET N   CA   sing N N 305 
MET N   H    sing N N 306 
MET N   H2   sing N N 307 
MET CA  C    sing N N 308 
MET CA  CB   sing N N 309 
MET CA  HA   sing N N 310 
MET C   O    doub N N 311 
MET C   OXT  sing N N 312 
MET CB  CG   sing N N 313 
MET CB  HB2  sing N N 314 
MET CB  HB3  sing N N 315 
MET CG  SD   sing N N 316 
MET CG  HG2  sing N N 317 
MET CG  HG3  sing N N 318 
MET SD  CE   sing N N 319 
MET CE  HE1  sing N N 320 
MET CE  HE2  sing N N 321 
MET CE  HE3  sing N N 322 
MET OXT HXT  sing N N 323 
PHE N   CA   sing N N 324 
PHE N   H    sing N N 325 
PHE N   H2   sing N N 326 
PHE CA  C    sing N N 327 
PHE CA  CB   sing N N 328 
PHE CA  HA   sing N N 329 
PHE C   O    doub N N 330 
PHE C   OXT  sing N N 331 
PHE CB  CG   sing N N 332 
PHE CB  HB2  sing N N 333 
PHE CB  HB3  sing N N 334 
PHE CG  CD1  doub Y N 335 
PHE CG  CD2  sing Y N 336 
PHE CD1 CE1  sing Y N 337 
PHE CD1 HD1  sing N N 338 
PHE CD2 CE2  doub Y N 339 
PHE CD2 HD2  sing N N 340 
PHE CE1 CZ   doub Y N 341 
PHE CE1 HE1  sing N N 342 
PHE CE2 CZ   sing Y N 343 
PHE CE2 HE2  sing N N 344 
PHE CZ  HZ   sing N N 345 
PHE OXT HXT  sing N N 346 
PRO N   CA   sing N N 347 
PRO N   CD   sing N N 348 
PRO N   H    sing N N 349 
PRO CA  C    sing N N 350 
PRO CA  CB   sing N N 351 
PRO CA  HA   sing N N 352 
PRO C   O    doub N N 353 
PRO C   OXT  sing N N 354 
PRO CB  CG   sing N N 355 
PRO CB  HB2  sing N N 356 
PRO CB  HB3  sing N N 357 
PRO CG  CD   sing N N 358 
PRO CG  HG2  sing N N 359 
PRO CG  HG3  sing N N 360 
PRO CD  HD2  sing N N 361 
PRO CD  HD3  sing N N 362 
PRO OXT HXT  sing N N 363 
SER N   CA   sing N N 364 
SER N   H    sing N N 365 
SER N   H2   sing N N 366 
SER CA  C    sing N N 367 
SER CA  CB   sing N N 368 
SER CA  HA   sing N N 369 
SER C   O    doub N N 370 
SER C   OXT  sing N N 371 
SER CB  OG   sing N N 372 
SER CB  HB2  sing N N 373 
SER CB  HB3  sing N N 374 
SER OG  HG   sing N N 375 
SER OXT HXT  sing N N 376 
THR N   CA   sing N N 377 
THR N   H    sing N N 378 
THR N   H2   sing N N 379 
THR CA  C    sing N N 380 
THR CA  CB   sing N N 381 
THR CA  HA   sing N N 382 
THR C   O    doub N N 383 
THR C   OXT  sing N N 384 
THR CB  OG1  sing N N 385 
THR CB  CG2  sing N N 386 
THR CB  HB   sing N N 387 
THR OG1 HG1  sing N N 388 
THR CG2 HG21 sing N N 389 
THR CG2 HG22 sing N N 390 
THR CG2 HG23 sing N N 391 
THR OXT HXT  sing N N 392 
TRP N   CA   sing N N 393 
TRP N   H    sing N N 394 
TRP N   H2   sing N N 395 
TRP CA  C    sing N N 396 
TRP CA  CB   sing N N 397 
TRP CA  HA   sing N N 398 
TRP C   O    doub N N 399 
TRP C   OXT  sing N N 400 
TRP CB  CG   sing N N 401 
TRP CB  HB2  sing N N 402 
TRP CB  HB3  sing N N 403 
TRP CG  CD1  doub Y N 404 
TRP CG  CD2  sing Y N 405 
TRP CD1 NE1  sing Y N 406 
TRP CD1 HD1  sing N N 407 
TRP CD2 CE2  doub Y N 408 
TRP CD2 CE3  sing Y N 409 
TRP NE1 CE2  sing Y N 410 
TRP NE1 HE1  sing N N 411 
TRP CE2 CZ2  sing Y N 412 
TRP CE3 CZ3  doub Y N 413 
TRP CE3 HE3  sing N N 414 
TRP CZ2 CH2  doub Y N 415 
TRP CZ2 HZ2  sing N N 416 
TRP CZ3 CH2  sing Y N 417 
TRP CZ3 HZ3  sing N N 418 
TRP CH2 HH2  sing N N 419 
TRP OXT HXT  sing N N 420 
TYR N   CA   sing N N 421 
TYR N   H    sing N N 422 
TYR N   H2   sing N N 423 
TYR CA  C    sing N N 424 
TYR CA  CB   sing N N 425 
TYR CA  HA   sing N N 426 
TYR C   O    doub N N 427 
TYR C   OXT  sing N N 428 
TYR CB  CG   sing N N 429 
TYR CB  HB2  sing N N 430 
TYR CB  HB3  sing N N 431 
TYR CG  CD1  doub Y N 432 
TYR CG  CD2  sing Y N 433 
TYR CD1 CE1  sing Y N 434 
TYR CD1 HD1  sing N N 435 
TYR CD2 CE2  doub Y N 436 
TYR CD2 HD2  sing N N 437 
TYR CE1 CZ   doub Y N 438 
TYR CE1 HE1  sing N N 439 
TYR CE2 CZ   sing Y N 440 
TYR CE2 HE2  sing N N 441 
TYR CZ  OH   sing N N 442 
TYR OH  HH   sing N N 443 
TYR OXT HXT  sing N N 444 
VAL N   CA   sing N N 445 
VAL N   H    sing N N 446 
VAL N   H2   sing N N 447 
VAL CA  C    sing N N 448 
VAL CA  CB   sing N N 449 
VAL CA  HA   sing N N 450 
VAL C   O    doub N N 451 
VAL C   OXT  sing N N 452 
VAL CB  CG1  sing N N 453 
VAL CB  CG2  sing N N 454 
VAL CB  HB   sing N N 455 
VAL CG1 HG11 sing N N 456 
VAL CG1 HG12 sing N N 457 
VAL CG1 HG13 sing N N 458 
VAL CG2 HG21 sing N N 459 
VAL CG2 HG22 sing N N 460 
VAL CG2 HG23 sing N N 461 
VAL OXT HXT  sing N N 462 
# 
_pdbx_audit_support.funding_organization   'European Commission' 
_pdbx_audit_support.country                'European Union' 
_pdbx_audit_support.grant_number           ? 
_pdbx_audit_support.ordinal                1 
# 
_pdbx_initial_refinement_model.id               1 
_pdbx_initial_refinement_model.entity_id_list   ? 
_pdbx_initial_refinement_model.type             'experimental model' 
_pdbx_initial_refinement_model.source_name      PDB 
_pdbx_initial_refinement_model.accession_code   2VB0 
_pdbx_initial_refinement_model.details          ? 
# 
_atom_sites.entry_id                    7QUW 
_atom_sites.Cartn_transf_matrix[1][1]   ? 
_atom_sites.Cartn_transf_matrix[1][2]   ? 
_atom_sites.Cartn_transf_matrix[1][3]   ? 
_atom_sites.Cartn_transf_matrix[2][1]   ? 
_atom_sites.Cartn_transf_matrix[2][2]   ? 
_atom_sites.Cartn_transf_matrix[2][3]   ? 
_atom_sites.Cartn_transf_matrix[3][1]   ? 
_atom_sites.Cartn_transf_matrix[3][2]   ? 
_atom_sites.Cartn_transf_matrix[3][3]   ? 
_atom_sites.Cartn_transf_vector[1]      ? 
_atom_sites.Cartn_transf_vector[2]      ? 
_atom_sites.Cartn_transf_vector[3]      ? 
_atom_sites.fract_transf_matrix[1][1]   -0.01088087 
_atom_sites.fract_transf_matrix[1][2]   0.00205065 
_atom_sites.fract_transf_matrix[1][3]   -0.00882810 
_atom_sites.fract_transf_matrix[2][1]   -0.00035424 
_atom_sites.fract_transf_matrix[2][2]   0.01504578 
_atom_sites.fract_transf_matrix[2][3]   0.00393154 
_atom_sites.fract_transf_matrix[3][1]   0.00683218 
_atom_sites.fract_transf_matrix[3][2]   0.00696712 
_atom_sites.fract_transf_matrix[3][3]   -0.02604716 
_atom_sites.fract_transf_vector[1]      0.288730 
_atom_sites.fract_transf_vector[2]      0.003796 
_atom_sites.fract_transf_vector[3]      0.479443 
_atom_sites.solution_primary            ? 
_atom_sites.solution_secondary          ? 
_atom_sites.solution_hydrogens          ? 
_atom_sites.special_details             ? 
# 
loop_
_atom_type.symbol 
_atom_type.pdbx_scat_Z 
_atom_type.pdbx_N_electrons 
_atom_type.scat_Cromer_Mann_a1 
_atom_type.scat_Cromer_Mann_b1 
_atom_type.scat_Cromer_Mann_a2 
_atom_type.scat_Cromer_Mann_b2 
_atom_type.scat_Cromer_Mann_a3 
_atom_type.scat_Cromer_Mann_b3 
_atom_type.scat_Cromer_Mann_a4 
_atom_type.scat_Cromer_Mann_b4 
_atom_type.scat_Cromer_Mann_c 
C 6  6  2.310  20.844 1.020 10.208 1.589 0.569  0.865 51.651 0.216   
H 1  1  0.493  10.511 0.323 26.126 0.140 3.142  0.041 57.800 0.003   
N 7  7  12.222 0.006  3.135 9.893  2.014 28.997 1.167 0.583  -11.538 
O 8  8  3.049  13.277 2.287 5.701  1.546 0.324  0.867 32.909 0.251   
S 16 16 6.905  1.468  5.203 22.215 1.438 0.254  1.586 56.172 1.065   
# 
loop_
_atom_site.group_PDB 
_atom_site.id 
_atom_site.type_symbol 
_atom_site.label_atom_id 
_atom_site.label_alt_id 
_atom_site.label_comp_id 
_atom_site.label_asym_id 
_atom_site.label_entity_id 
_atom_site.label_seq_id 
_atom_site.pdbx_PDB_ins_code 
_atom_site.Cartn_x 
_atom_site.Cartn_y 
_atom_site.Cartn_z 
_atom_site.occupancy 
_atom_site.B_iso_or_equiv 
_atom_site.pdbx_formal_charge 
_atom_site.auth_seq_id 
_atom_site.auth_comp_id 
_atom_site.auth_asym_id 
_atom_site.auth_atom_id 
_atom_site.pdbx_PDB_model_num 
_atom_site.calc_flag 
ATOM   1    N N   . GLY A 1 1   ? -12.828 -11.864 -10.786 1.000 48.634  0 1   GLY AAA N   1 ? 
ATOM   2    C CA  . GLY A 1 1   ? -13.688 -12.815 -9.970  1.000 42.200  0 1   GLY AAA CA  1 ? 
ATOM   3    C C   . GLY A 1 1   ? -12.912 -13.417 -8.796  1.000 50.045  0 1   GLY AAA C   1 ? 
ATOM   4    O O   . GLY A 1 1   ? -13.037 -12.982 -7.649  1.000 45.700  0 1   GLY AAA O   1 ? 
ATOM   5    N N   . PRO A 1 2   ? -12.063 -14.446 -9.017  1.000 49.945  0 2   PRO AAA N   1 ? 
ATOM   6    C CA  . PRO A 1 2   ? -11.152 -14.899 -7.966  1.000 52.011  0 2   PRO AAA CA  1 ? 
ATOM   7    C C   . PRO A 1 2   ? -10.294 -13.766 -7.368  1.000 44.593  0 2   PRO AAA C   1 ? 
ATOM   8    O O   . PRO A 1 2   ? -9.928  -13.854 -6.203  1.000 47.923  0 2   PRO AAA O   1 ? 
ATOM   9    C CB  . PRO A 1 2   ? -10.293 -15.940 -8.706  1.000 52.632  0 2   PRO AAA CB  1 ? 
ATOM   10   C CG  . PRO A 1 2   ? -11.237 -16.482 -9.752  1.000 54.883  0 2   PRO AAA CG  1 ? 
ATOM   11   C CD  . PRO A 1 2   ? -11.970 -15.253 -10.244 1.000 51.123  0 2   PRO AAA CD  1 ? 
ATOM   12   N N   . ALA A 1 3   ? -10.022 -12.714 -8.142  1.000 41.694  0 3   ALA AAA N   1 ? 
ATOM   13   C CA  . ALA A 1 3   ? -9.198  -11.567 -7.692  1.000 44.488  0 3   ALA AAA CA  1 ? 
ATOM   14   C C   . ALA A 1 3   ? -9.987  -10.725 -6.676  1.000 41.226  0 3   ALA AAA C   1 ? 
ATOM   15   O O   . ALA A 1 3   ? -9.416  -10.389 -5.637  1.000 39.611  0 3   ALA AAA O   1 ? 
ATOM   16   C CB  . ALA A 1 3   ? -8.748  -10.781 -8.888  1.000 45.143  0 3   ALA AAA CB  1 ? 
ATOM   17   N N   . PHE A 1 4   ? -11.267 -10.442 -6.934  1.000 40.408  0 4   PHE AAA N   1 ? 
ATOM   18   C CA  . PHE A 1 4   ? -12.173 -9.763  -5.975  1.000 42.724  0 4   PHE AAA CA  1 ? 
ATOM   19   C C   . PHE A 1 4   ? -12.277 -10.591 -4.704  1.000 40.250  0 4   PHE AAA C   1 ? 
ATOM   20   O O   . PHE A 1 4   ? -12.145 -10.007 -3.624  1.000 42.715  0 4   PHE AAA O   1 ? 
ATOM   21   C CB  . PHE A 1 4   ? -13.544 -9.516  -6.597  1.000 47.181  0 4   PHE AAA CB  1 ? 
ATOM   22   C CG  . PHE A 1 4   ? -14.582 -8.928  -5.674  1.000 55.934  0 4   PHE AAA CG  1 ? 
ATOM   23   C CD1 . PHE A 1 4   ? -14.488 -7.611  -5.238  1.000 58.725  0 4   PHE AAA CD1 1 ? 
ATOM   24   C CD2 . PHE A 1 4   ? -15.695 -9.672  -5.283  1.000 61.440  0 4   PHE AAA CD2 1 ? 
ATOM   25   C CE1 . PHE A 1 4   ? -15.475 -7.056  -4.427  1.000 57.990  0 4   PHE AAA CE1 1 ? 
ATOM   26   C CE2 . PHE A 1 4   ? -16.688 -9.108  -4.490  1.000 58.284  0 4   PHE AAA CE2 1 ? 
ATOM   27   C CZ  . PHE A 1 4   ? -16.572 -7.806  -4.056  1.000 55.820  0 4   PHE AAA CZ  1 ? 
ATOM   28   N N   . GLU A 1 5   ? -12.489 -11.914 -4.824  1.000 48.162  0 5   GLU AAA N   1 ? 
ATOM   29   C CA  . GLU A 1 5   ? -12.613 -12.819 -3.645  1.000 43.593  0 5   GLU AAA CA  1 ? 
ATOM   30   C C   . GLU A 1 5   ? -11.339 -12.737 -2.814  1.000 41.228  0 5   GLU AAA C   1 ? 
ATOM   31   O O   . GLU A 1 5   ? -11.452 -12.601 -1.598  1.000 41.339  0 5   GLU AAA O   1 ? 
ATOM   32   C CB  . GLU A 1 5   ? -12.845 -14.280 -4.036  1.000 52.207  0 5   GLU AAA CB  1 ? 
ATOM   33   C CG  . GLU A 1 5   ? -14.303 -14.681 -4.007  1.000 59.876  0 5   GLU AAA CG  1 ? 
ATOM   34   C CD  . GLU A 1 5   ? -14.577 -16.143 -4.318  1.000 60.170  0 5   GLU AAA CD  1 ? 
ATOM   35   O OE1 . GLU A 1 5   ? -14.309 -16.976 -3.442  1.000 59.439  0 5   GLU AAA OE1 1 ? 
ATOM   36   O OE2 . GLU A 1 5   ? -15.031 -16.439 -5.447  1.000 65.779  0 5   GLU AAA OE2 1 ? 
ATOM   37   N N   . PHE A 1 6   ? -10.162 -12.818 -3.454  1.000 38.890  0 6   PHE AAA N   1 ? 
ATOM   38   C CA  . PHE A 1 6   ? -8.843  -12.714 -2.790  1.000 40.613  0 6   PHE AAA CA  1 ? 
ATOM   39   C C   . PHE A 1 6   ? -8.726  -11.370 -2.051  1.000 34.038  0 6   PHE AAA C   1 ? 
ATOM   40   O O   . PHE A 1 6   ? -8.364  -11.355 -0.854  1.000 39.758  0 6   PHE AAA O   1 ? 
ATOM   41   C CB  . PHE A 1 6   ? -7.726  -12.917 -3.812  1.000 41.710  0 6   PHE AAA CB  1 ? 
ATOM   42   C CG  . PHE A 1 6   ? -6.355  -12.764 -3.212  1.000 43.738  0 6   PHE AAA CG  1 ? 
ATOM   43   C CD1 . PHE A 1 6   ? -5.791  -13.771 -2.452  1.000 45.707  0 6   PHE AAA CD1 1 ? 
ATOM   44   C CD2 . PHE A 1 6   ? -5.638  -11.590 -3.382  1.000 43.804  0 6   PHE AAA CD2 1 ? 
ATOM   45   C CE1 . PHE A 1 6   ? -4.534  -13.618 -1.886  1.000 44.966  0 6   PHE AAA CE1 1 ? 
ATOM   46   C CE2 . PHE A 1 6   ? -4.379  -11.441 -2.824  1.000 43.184  0 6   PHE AAA CE2 1 ? 
ATOM   47   C CZ  . PHE A 1 6   ? -3.826  -12.452 -2.077  1.000 45.627  0 6   PHE AAA CZ  1 ? 
ATOM   48   N N   . ALA A 1 7   ? -9.118  -10.283 -2.706  1.000 40.694  0 7   ALA AAA N   1 ? 
ATOM   49   C CA  . ALA A 1 7   ? -9.001  -8.897  -2.183  1.000 36.242  0 7   ALA AAA CA  1 ? 
ATOM   50   C C   . ALA A 1 7   ? -9.896  -8.694  -0.967  1.000 37.760  0 7   ALA AAA C   1 ? 
ATOM   51   O O   . ALA A 1 7   ? -9.390  -8.217  0.086   1.000 39.727  0 7   ALA AAA O   1 ? 
ATOM   52   C CB  . ALA A 1 7   ? -9.339  -7.934  -3.282  1.000 35.825  0 7   ALA AAA CB  1 ? 
ATOM   53   N N   . VAL A 1 8   ? -11.168 -9.090  -1.066  1.000 37.179  0 8   VAL AAA N   1 ? 
ATOM   54   C CA  . VAL A 1 8   ? -12.130 -8.975  0.076   1.000 39.979  0 8   VAL AAA CA  1 ? 
ATOM   55   C C   . VAL A 1 8   ? -11.538 -9.696  1.290   1.000 40.815  0 8   VAL AAA C   1 ? 
ATOM   56   O O   . VAL A 1 8   ? -11.531 -9.105  2.361   1.000 40.935  0 8   VAL AAA O   1 ? 
ATOM   57   C CB  . VAL A 1 8   ? -13.534 -9.503  -0.273  1.000 42.058  0 8   VAL AAA CB  1 ? 
ATOM   58   C CG1 . VAL A 1 8   ? -14.430 -9.600  0.949   1.000 47.100  0 8   VAL AAA CG1 1 ? 
ATOM   59   C CG2 . VAL A 1 8   ? -14.193 -8.650  -1.337  1.000 43.205  0 8   VAL AAA CG2 1 ? 
ATOM   60   N N   . ALA A 1 9   ? -11.030 -10.920 1.128   1.000 44.784  0 9   ALA AAA N   1 ? 
ATOM   61   C CA  . ALA A 1 9   ? -10.482 -11.714 2.254   1.000 42.722  0 9   ALA AAA CA  1 ? 
ATOM   62   C C   . ALA A 1 9   ? -9.215  -11.038 2.786   1.000 44.524  0 9   ALA AAA C   1 ? 
ATOM   63   O O   . ALA A 1 9   ? -9.052  -10.992 4.037   1.000 43.927  0 9   ALA AAA O   1 ? 
ATOM   64   C CB  . ALA A 1 9   ? -10.185 -13.139 1.853   1.000 44.424  0 9   ALA AAA CB  1 ? 
ATOM   65   N N   . MET A 1 10  ? -8.347  -10.537 1.882   1.000 43.943  0 10  MET AAA N   1 ? 
ATOM   66   C CA  . MET A 1 10  ? -7.059  -9.877  2.254   1.000 41.172  0 10  MET AAA CA  1 ? 
ATOM   67   C C   . MET A 1 10  ? -7.343  -8.633  3.105   1.000 38.764  0 10  MET AAA C   1 ? 
ATOM   68   O O   . MET A 1 10  ? -6.729  -8.495  4.179   1.000 44.426  0 10  MET AAA O   1 ? 
ATOM   69   C CB  . MET A 1 10  ? -6.246  -9.493  1.013   1.000 39.833  0 10  MET AAA CB  1 ? 
ATOM   70   C CG  . MET A 1 10  ? -4.919  -8.828  1.354   1.000 42.017  0 10  MET AAA CG  1 ? 
ATOM   71   S SD  . MET A 1 10  ? -3.894  -9.825  2.478   1.000 43.449  0 10  MET AAA SD  1 ? 
ATOM   72   C CE  . MET A 1 10  ? -3.494  -11.180 1.380   1.000 41.768  0 10  MET AAA CE  1 ? 
ATOM   73   N N   . MET A 1 11  ? -8.276  -7.793  2.675   1.000 38.966  0 11  MET AAA N   1 ? 
ATOM   74   C CA  . MET A 1 11  ? -8.617  -6.523  3.360   1.000 40.618  0 11  MET AAA CA  1 ? 
ATOM   75   C C   . MET A 1 11  ? -9.297  -6.844  4.696   1.000 41.364  0 11  MET AAA C   1 ? 
ATOM   76   O O   . MET A 1 11  ? -8.999  -6.179  5.703   1.000 41.289  0 11  MET AAA O   1 ? 
ATOM   77   C CB  . MET A 1 11  ? -9.558  -5.687  2.492   1.000 36.521  0 11  MET AAA CB  1 ? 
ATOM   78   C CG  . MET A 1 11  ? -8.946  -5.238  1.154   1.000 39.500  0 11  MET AAA CG  1 ? 
ATOM   79   S SD  . MET A 1 11  ? -7.414  -4.294  1.344   1.000 39.569  0 11  MET AAA SD  1 ? 
ATOM   80   C CE  . MET A 1 11  ? -8.103  -2.707  1.788   1.000 41.921  0 11  MET AAA CE  1 ? 
ATOM   81   N N   . LYS A 1 12  ? -10.194 -7.830  4.696   1.000 43.024  0 12  LYS AAA N   1 ? 
ATOM   82   C CA  . LYS A 1 12  ? -10.895 -8.264  5.935   1.000 49.209  0 12  LYS AAA CA  1 ? 
ATOM   83   C C   . LYS A 1 12  ? -9.835  -8.642  6.964   1.000 43.208  0 12  LYS AAA C   1 ? 
ATOM   84   O O   . LYS A 1 12  ? -9.960  -8.213  8.100   1.000 49.466  0 12  LYS AAA O   1 ? 
ATOM   85   C CB  . LYS A 1 12  ? -11.856 -9.428  5.676   1.000 54.073  0 12  LYS AAA CB  1 ? 
ATOM   86   C CG  . LYS A 1 12  ? -12.569 -9.964  6.910   1.000 65.160  0 12  LYS AAA CG  1 ? 
ATOM   87   C CD  . LYS A 1 12  ? -13.421 -11.187 6.636   1.000 66.613  0 12  LYS AAA CD  1 ? 
ATOM   88   C CE  . LYS A 1 12  ? -14.401 -11.467 7.758   1.000 74.310  0 12  LYS AAA CE  1 ? 
ATOM   89   N NZ  . LYS A 1 12  ? -15.483 -12.381 7.321   1.000 78.332  0 12  LYS AAA NZ  1 ? 
ATOM   90   N N   . ARG A 1 13  ? -8.817  -9.399  6.572   1.000 43.152  0 13  ARG AAA N   1 ? 
ATOM   91   C CA  . ARG A 1 13  ? -7.844  -9.992  7.521   1.000 45.436  0 13  ARG AAA CA  1 ? 
ATOM   92   C C   . ARG A 1 13  ? -6.668  -9.035  7.790   1.000 46.372  0 13  ARG AAA C   1 ? 
ATOM   93   O O   . ARG A 1 13  ? -6.104  -9.090  8.862   1.000 41.047  0 13  ARG AAA O   1 ? 
ATOM   94   C CB  . ARG A 1 13  ? -7.382  -11.341 6.975   1.000 53.871  0 13  ARG AAA CB  1 ? 
ATOM   95   C CG  . ARG A 1 13  ? -6.471  -12.119 7.913   1.000 56.510  0 13  ARG AAA CG  1 ? 
ATOM   96   C CD  . ARG A 1 13  ? -7.151  -12.585 9.202   1.000 64.628  0 13  ARG AAA CD  1 ? 
ATOM   97   N NE  . ARG A 1 13  ? -6.276  -13.504 9.929   1.000 60.384  0 13  ARG AAA NE  1 ? 
ATOM   98   C CZ  . ARG A 1 13  ? -6.069  -14.784 9.601   1.000 65.603  0 13  ARG AAA CZ  1 ? 
ATOM   99   N NH1 . ARG A 1 13  ? -5.225  -15.518 10.313  1.000 64.729  0 13  ARG AAA NH1 1 ? 
ATOM   100  N NH2 . ARG A 1 13  ? -6.705  -15.330 8.577   1.000 65.078  0 13  ARG AAA NH2 1 ? 
ATOM   101  N N   . ASN A 1 14  ? -6.241  -8.189  6.852   1.000 41.105  0 14  ASN AAA N   1 ? 
ATOM   102  C CA  . ASN A 1 14  ? -4.931  -7.518  7.050   1.000 40.387  0 14  ASN AAA CA  1 ? 
ATOM   103  C C   . ASN A 1 14  ? -5.002  -6.001  6.897   1.000 37.289  0 14  ASN AAA C   1 ? 
ATOM   104  O O   . ASN A 1 14  ? -3.981  -5.363  7.157   1.000 42.251  0 14  ASN AAA O   1 ? 
ATOM   105  C CB  . ASN A 1 14  ? -3.859  -8.096  6.128   1.000 42.324  0 14  ASN AAA CB  1 ? 
ATOM   106  C CG  . ASN A 1 14  ? -3.246  -9.375  6.662   1.000 47.177  0 14  ASN AAA CG  1 ? 
ATOM   107  O OD1 . ASN A 1 14  ? -3.768  -10.475 6.434   1.000 49.236  0 14  ASN AAA OD1 1 ? 
ATOM   108  N ND2 . ASN A 1 14  ? -2.085  -9.247  7.272   1.000 49.735  0 14  ASN AAA ND2 1 ? 
ATOM   109  N N   . SER A 1 15  ? -6.130  -5.414  6.521   1.000 38.080  0 15  SER AAA N   1 ? 
ATOM   110  C CA  . SER A 1 15  ? -6.191  -3.948  6.311   1.000 42.562  0 15  SER AAA CA  1 ? 
ATOM   111  C C   . SER A 1 15  ? -6.845  -3.251  7.502   1.000 45.033  0 15  SER AAA C   1 ? 
ATOM   112  O O   . SER A 1 15  ? -7.654  -3.858  8.203   1.000 42.977  0 15  SER AAA O   1 ? 
ATOM   113  C CB  . SER A 1 15  ? -6.902  -3.576  5.031   1.000 39.659  0 15  SER AAA CB  1 ? 
ATOM   114  O OG  . SER A 1 15  ? -8.301  -3.691  5.212   1.000 42.184  0 15  SER AAA OG  1 ? 
ATOM   115  N N   . SER A 1 16  ? -6.575  -1.961  7.616   1.000 39.972  0 16  SER AAA N   1 ? 
ATOM   116  C CA  . SER A 1 16  ? -7.197  -1.043  8.592   1.000 43.434  0 16  SER AAA CA  1 ? 
ATOM   117  C C   . SER A 1 16  ? -7.184  0.361   7.999   1.000 42.803  0 16  SER AAA C   1 ? 
ATOM   118  O O   . SER A 1 16  ? -6.522  0.553   6.950   1.000 36.557  0 16  SER AAA O   1 ? 
ATOM   119  C CB  . SER A 1 16  ? -6.467  -1.079  9.889   1.000 44.923  0 16  SER AAA CB  1 ? 
ATOM   120  O OG  . SER A 1 16  ? -5.099  -0.753  9.696   1.000 45.876  0 16  SER AAA OG  1 ? 
ATOM   121  N N   . THR A 1 17  ? -7.931  1.267   8.635   1.000 42.828  0 17  THR AAA N   1 ? 
ATOM   122  C CA  . THR A 1 17  ? -8.021  2.703   8.287   1.000 39.330  0 17  THR AAA CA  1 ? 
ATOM   123  C C   . THR A 1 17  ? -7.059  3.404   9.232   1.000 45.678  0 17  THR AAA C   1 ? 
ATOM   124  O O   . THR A 1 17  ? -7.173  3.170   10.455  1.000 41.627  0 17  THR AAA O   1 ? 
ATOM   125  C CB  . THR A 1 17  ? -9.453  3.229   8.420   1.000 43.237  0 17  THR AAA CB  1 ? 
ATOM   126  O OG1 . THR A 1 17  ? -10.339 2.458   7.612   1.000 43.340  0 17  THR AAA OG1 1 ? 
ATOM   127  C CG2 . THR A 1 17  ? -9.592  4.678   8.006   1.000 45.928  0 17  THR AAA CG2 1 ? 
ATOM   128  N N   . VAL A 1 18  ? -6.131  4.194   8.705   1.000 41.535  0 18  VAL AAA N   1 ? 
ATOM   129  C CA  . VAL A 1 18  ? -5.192  4.968   9.560   1.000 43.717  0 18  VAL AAA CA  1 ? 
ATOM   130  C C   . VAL A 1 18  ? -5.347  6.462   9.274   1.000 44.069  0 18  VAL AAA C   1 ? 
ATOM   131  O O   . VAL A 1 18  ? -5.460  6.863   8.081   1.000 45.399  0 18  VAL AAA O   1 ? 
ATOM   132  C CB  . VAL A 1 18  ? -3.743  4.495   9.375   1.000 45.573  0 18  VAL AAA CB  1 ? 
ATOM   133  C CG1 . VAL A 1 18  ? -2.758  5.436   10.046  1.000 46.747  0 18  VAL AAA CG1 1 ? 
ATOM   134  C CG2 . VAL A 1 18  ? -3.572  3.092   9.934   1.000 44.755  0 18  VAL AAA CG2 1 ? 
ATOM   135  N N   . LYS A 1 19  ? -5.380  7.237   10.356  1.000 43.040  0 19  LYS AAA N   1 ? 
ATOM   136  C CA  . LYS A 1 19  ? -5.319  8.712   10.338  1.000 43.537  0 19  LYS AAA CA  1 ? 
ATOM   137  C C   . LYS A 1 19  ? -3.967  9.128   10.931  1.000 44.018  0 19  LYS AAA C   1 ? 
ATOM   138  O O   . LYS A 1 19  ? -3.600  8.639   12.010  1.000 46.186  0 19  LYS AAA O   1 ? 
ATOM   139  C CB  . LYS A 1 19  ? -6.535  9.300   11.050  1.000 47.962  0 19  LYS AAA CB  1 ? 
ATOM   140  C CG  . LYS A 1 19  ? -6.885  10.704  10.598  1.000 56.587  0 19  LYS AAA CG  1 ? 
ATOM   141  C CD  . LYS A 1 19  ? -8.266  11.170  11.042  1.000 65.143  0 19  LYS AAA CD  1 ? 
ATOM   142  C CE  . LYS A 1 19  ? -8.564  12.608  10.646  1.000 71.268  0 19  LYS AAA CE  1 ? 
ATOM   143  N NZ  . LYS A 1 19  ? -8.331  12.875  9.200   1.000 70.148  0 19  LYS AAA NZ  1 ? 
ATOM   144  N N   . THR A 1 20  ? -3.207  9.900   10.159  1.000 42.255  0 20  THR AAA N   1 ? 
ATOM   145  C CA  . THR A 1 20  ? -1.993  10.620  10.603  1.000 45.782  0 20  THR AAA CA  1 ? 
ATOM   146  C C   . THR A 1 20  ? -2.316  12.111  10.601  1.000 51.106  0 20  THR AAA C   1 ? 
ATOM   147  O O   . THR A 1 20  ? -3.444  12.481  10.273  1.000 44.690  0 20  THR AAA O   1 ? 
ATOM   148  C CB  . THR A 1 20  ? -0.788  10.328  9.700   1.000 42.015  0 20  THR AAA CB  1 ? 
ATOM   149  O OG1 . THR A 1 20  ? -0.914  10.992  8.445   1.000 42.236  0 20  THR AAA OG1 1 ? 
ATOM   150  C CG2 . THR A 1 20  ? -0.588  8.851   9.442   1.000 45.124  0 20  THR AAA CG2 1 ? 
ATOM   151  N N   . GLU A 1 21  ? -1.307  12.937  10.855  1.000 48.974  0 21  GLU AAA N   1 ? 
ATOM   152  C CA  . GLU A 1 21  ? -1.431  14.401  10.754  1.000 45.283  0 21  GLU AAA CA  1 ? 
ATOM   153  C C   . GLU A 1 21  ? -1.591  14.804  9.288   1.000 44.062  0 21  GLU AAA C   1 ? 
ATOM   154  O O   . GLU A 1 21  ? -2.029  15.935  9.096   1.000 41.728  0 21  GLU AAA O   1 ? 
ATOM   155  C CB  . GLU A 1 21  ? -0.217  15.023  11.449  1.000 48.496  0 21  GLU AAA CB  1 ? 
ATOM   156  C CG  . GLU A 1 21  ? -0.255  14.863  12.954  1.000 49.822  0 21  GLU AAA CG  1 ? 
ATOM   157  C CD  . GLU A 1 21  ? 0.112   13.494  13.523  1.000 61.743  0 21  GLU AAA CD  1 ? 
ATOM   158  O OE1 . GLU A 1 21  ? 0.635   12.629  12.768  1.000 54.020  0 21  GLU AAA OE1 1 ? 
ATOM   159  O OE2 . GLU A 1 21  ? -0.127  13.289  14.730  1.000 67.300  0 21  GLU AAA OE2 1 ? 
ATOM   160  N N   . TYR A 1 22  ? -1.279  13.911  8.322   1.000 39.903  0 22  TYR AAA N   1 ? 
ATOM   161  C CA  . TYR A 1 22  ? -1.174  14.179  6.854   1.000 41.443  0 22  TYR AAA CA  1 ? 
ATOM   162  C C   . TYR A 1 22  ? -2.349  13.552  6.072   1.000 42.002  0 22  TYR AAA C   1 ? 
ATOM   163  O O   . TYR A 1 22  ? -2.524  13.817  4.863   1.000 44.267  0 22  TYR AAA O   1 ? 
ATOM   164  C CB  . TYR A 1 22  ? 0.207   13.760  6.338   1.000 43.623  0 22  TYR AAA CB  1 ? 
ATOM   165  C CG  . TYR A 1 22  ? 1.255   14.807  6.633   1.000 40.870  0 22  TYR AAA CG  1 ? 
ATOM   166  C CD1 . TYR A 1 22  ? 1.822   14.908  7.890   1.000 44.339  0 22  TYR AAA CD1 1 ? 
ATOM   167  C CD2 . TYR A 1 22  ? 1.580   15.770  5.694   1.000 47.314  0 22  TYR AAA CD2 1 ? 
ATOM   168  C CE1 . TYR A 1 22  ? 2.744   15.901  8.184   1.000 42.699  0 22  TYR AAA CE1 1 ? 
ATOM   169  C CE2 . TYR A 1 22  ? 2.497   16.771  5.969   1.000 41.457  0 22  TYR AAA CE2 1 ? 
ATOM   170  C CZ  . TYR A 1 22  ? 3.096   16.820  7.215   1.000 46.345  0 22  TYR AAA CZ  1 ? 
ATOM   171  O OH  . TYR A 1 22  ? 3.999   17.817  7.496   1.000 44.541  0 22  TYR AAA OH  1 ? 
ATOM   172  N N   . GLY A 1 23  ? -3.182  12.783  6.761   1.000 41.552  0 23  GLY AAA N   1 ? 
ATOM   173  C CA  . GLY A 1 23  ? -4.549  12.485  6.311   1.000 40.798  0 23  GLY AAA CA  1 ? 
ATOM   174  C C   . GLY A 1 23  ? -5.000  11.106  6.712   1.000 39.991  0 23  GLY AAA C   1 ? 
ATOM   175  O O   . GLY A 1 23  ? -4.537  10.575  7.757   1.000 39.272  0 23  GLY AAA O   1 ? 
ATOM   176  N N   . GLU A 1 24  ? -5.902  10.551  5.907   1.000 37.522  0 24  GLU AAA N   1 ? 
ATOM   177  C CA  . GLU A 1 24  ? -6.506  9.221   6.141   1.000 39.673  0 24  GLU AAA CA  1 ? 
ATOM   178  C C   . GLU A 1 24  ? -6.101  8.280   5.019   1.000 33.328  0 24  GLU AAA C   1 ? 
ATOM   179  O O   . GLU A 1 24  ? -6.156  8.650   3.837   1.000 38.767  0 24  GLU AAA O   1 ? 
ATOM   180  C CB  . GLU A 1 24  ? -8.020  9.319   6.264   1.000 42.486  0 24  GLU AAA CB  1 ? 
ATOM   181  C CG  . GLU A 1 24  ? -8.595  8.084   6.899   1.000 47.888  0 24  GLU AAA CG  1 ? 
ATOM   182  C CD  . GLU A 1 24  ? -10.113 8.040   6.946   1.000 54.479  0 24  GLU AAA CD  1 ? 
ATOM   183  O OE1 . GLU A 1 24  ? -10.625 7.475   7.922   1.000 60.049  0 24  GLU AAA OE1 1 ? 
ATOM   184  O OE2 . GLU A 1 24  ? -10.769 8.531   5.995   1.000 54.172  0 24  GLU AAA OE2 1 ? 
ATOM   185  N N   . PHE A 1 25  ? -5.641  7.096   5.389   1.000 35.109  0 25  PHE AAA N   1 ? 
ATOM   186  C CA  . PHE A 1 25  ? -5.053  6.123   4.455   1.000 33.072  0 25  PHE AAA CA  1 ? 
ATOM   187  C C   . PHE A 1 25  ? -5.529  4.726   4.794   1.000 37.841  0 25  PHE AAA C   1 ? 
ATOM   188  O O   . PHE A 1 25  ? -5.746  4.395   5.982   1.000 37.557  0 25  PHE AAA O   1 ? 
ATOM   189  C CB  . PHE A 1 25  ? -3.520  6.114   4.530   1.000 36.979  0 25  PHE AAA CB  1 ? 
ATOM   190  C CG  . PHE A 1 25  ? -2.883  7.465   4.360   1.000 37.045  0 25  PHE AAA CG  1 ? 
ATOM   191  C CD1 . PHE A 1 25  ? -2.755  8.335   5.428   1.000 43.617  0 25  PHE AAA CD1 1 ? 
ATOM   192  C CD2 . PHE A 1 25  ? -2.480  7.893   3.095   1.000 43.230  0 25  PHE AAA CD2 1 ? 
ATOM   193  C CE1 . PHE A 1 25  ? -2.193  9.595   5.246   1.000 43.613  0 25  PHE AAA CE1 1 ? 
ATOM   194  C CE2 . PHE A 1 25  ? -1.948  9.158   2.916   1.000 44.308  0 25  PHE AAA CE2 1 ? 
ATOM   195  C CZ  . PHE A 1 25  ? -1.809  10.006  4.000   1.000 42.562  0 25  PHE AAA CZ  1 ? 
ATOM   196  N N   . THR A 1 26  ? -5.528  3.894   3.769   1.000 34.373  0 26  THR AAA N   1 ? 
ATOM   197  C CA  . THR A 1 26  ? -5.565  2.427   3.927   1.000 32.737  0 26  THR AAA CA  1 ? 
ATOM   198  C C   . THR A 1 26  ? -4.172  1.974   4.372   1.000 38.567  0 26  THR AAA C   1 ? 
ATOM   199  O O   . THR A 1 26  ? -3.157  2.406   3.757   1.000 33.601  0 26  THR AAA O   1 ? 
ATOM   200  C CB  . THR A 1 26  ? -6.021  1.762   2.625   1.000 33.753  0 26  THR AAA CB  1 ? 
ATOM   201  O OG1 . THR A 1 26  ? -7.279  2.334   2.273   1.000 35.187  0 26  THR AAA OG1 1 ? 
ATOM   202  C CG2 . THR A 1 26  ? -6.046  0.258   2.773   1.000 36.147  0 26  THR AAA CG2 1 ? 
ATOM   203  N N   . MET A 1 27  ? -4.121  1.104   5.380   1.000 36.631  0 27  MET AAA N   1 ? 
ATOM   204  C CA  . MET A 1 27  ? -2.871  0.496   5.892   1.000 39.759  0 27  MET AAA CA  1 ? 
ATOM   205  C C   . MET A 1 27  ? -2.970  -1.031  5.757   1.000 39.613  0 27  MET AAA C   1 ? 
ATOM   206  O O   . MET A 1 27  ? -3.993  -1.608  6.204   1.000 41.250  0 27  MET AAA O   1 ? 
ATOM   207  C CB  . MET A 1 27  ? -2.625  0.851   7.370   1.000 39.478  0 27  MET AAA CB  1 ? 
ATOM   208  C CG  . MET A 1 27  ? -1.347  0.257   7.881   1.000 41.064  0 27  MET AAA CG  1 ? 
ATOM   209  S SD  . MET A 1 27  ? -0.780  0.918   9.471   1.000 43.210  0 27  MET AAA SD  1 ? 
ATOM   210  C CE  . MET A 1 27  ? -1.946  0.139   10.586  1.000 45.071  0 27  MET AAA CE  1 ? 
ATOM   211  N N   . LEU A 1 28  ? -1.925  -1.644  5.216   1.000 35.282  0 28  LEU AAA N   1 ? 
ATOM   212  C CA  . LEU A 1 28  ? -1.841  -3.116  5.096   1.000 38.293  0 28  LEU AAA CA  1 ? 
ATOM   213  C C   . LEU A 1 28  ? -0.843  -3.691  6.092   1.000 36.866  0 28  LEU AAA C   1 ? 
ATOM   214  O O   . LEU A 1 28  ? 0.347   -3.313  6.069   1.000 38.125  0 28  LEU AAA O   1 ? 
ATOM   215  C CB  . LEU A 1 28  ? -1.449  -3.522  3.685   1.000 33.275  0 28  LEU AAA CB  1 ? 
ATOM   216  C CG  . LEU A 1 28  ? -1.539  -5.016  3.392   1.000 37.393  0 28  LEU AAA CG  1 ? 
ATOM   217  C CD1 . LEU A 1 28  ? -2.968  -5.505  3.412   1.000 36.432  0 28  LEU AAA CD1 1 ? 
ATOM   218  C CD2 . LEU A 1 28  ? -0.849  -5.331  2.074   1.000 42.157  0 28  LEU AAA CD2 1 ? 
ATOM   219  N N   . GLY A 1 29  ? -1.332  -4.598  6.931   1.000 38.283  0 29  GLY AAA N   1 ? 
ATOM   220  C CA  . GLY A 1 29  ? -0.472  -5.375  7.838   1.000 38.210  0 29  GLY AAA CA  1 ? 
ATOM   221  C C   . GLY A 1 29  ? 0.237   -6.461  7.056   1.000 38.288  0 29  GLY AAA C   1 ? 
ATOM   222  O O   . GLY A 1 29  ? -0.418  -7.128  6.235   1.000 46.584  0 29  GLY AAA O   1 ? 
ATOM   223  N N   . ILE A 1 30  ? 1.521   -6.682  7.308   1.000 41.739  0 30  ILE AAA N   1 ? 
ATOM   224  C CA  . ILE A 1 30  ? 2.331   -7.628  6.490   1.000 44.307  0 30  ILE AAA CA  1 ? 
ATOM   225  C C   . ILE A 1 30  ? 2.638   -8.899  7.299   1.000 47.016  0 30  ILE AAA C   1 ? 
ATOM   226  O O   . ILE A 1 30  ? 2.382   -9.996  6.794   1.000 43.674  0 30  ILE AAA O   1 ? 
ATOM   227  C CB  . ILE A 1 30  ? 3.589   -6.926  5.979   1.000 44.409  0 30  ILE AAA CB  1 ? 
ATOM   228  C CG1 . ILE A 1 30  ? 3.211   -5.672  5.189   1.000 44.061  0 30  ILE AAA CG1 1 ? 
ATOM   229  C CG2 . ILE A 1 30  ? 4.451   -7.877  5.166   1.000 45.167  0 30  ILE AAA CG2 1 ? 
ATOM   230  C CD1 . ILE A 1 30  ? 2.301   -5.943  3.995   1.000 41.283  0 30  ILE AAA CD1 1 ? 
ATOM   231  N N   . TYR A 1 31  ? 3.154   -8.762  8.511   1.000 49.000  0 31  TYR AAA N   1 ? 
ATOM   232  C CA  . TYR A 1 31  ? 3.422   -9.925  9.404   1.000 48.781  0 31  TYR AAA CA  1 ? 
ATOM   233  C C   . TYR A 1 31  ? 3.772   -9.407  10.795  1.000 52.617  0 31  TYR AAA C   1 ? 
ATOM   234  O O   . TYR A 1 31  ? 4.219   -8.233  10.901  1.000 45.931  0 31  TYR AAA O   1 ? 
ATOM   235  C CB  . TYR A 1 31  ? 4.562   -10.787 8.857   1.000 50.360  0 31  TYR AAA CB  1 ? 
ATOM   236  C CG  . TYR A 1 31  ? 5.941   -10.234 9.117   1.000 56.157  0 31  TYR AAA CG  1 ? 
ATOM   237  C CD1 . TYR A 1 31  ? 6.378   -9.094  8.468   1.000 55.950  0 31  TYR AAA CD1 1 ? 
ATOM   238  C CD2 . TYR A 1 31  ? 6.802   -10.832 10.031  1.000 63.285  0 31  TYR AAA CD2 1 ? 
ATOM   239  C CE1 . TYR A 1 31  ? 7.637   -8.567  8.695   1.000 59.928  0 31  TYR AAA CE1 1 ? 
ATOM   240  C CE2 . TYR A 1 31  ? 8.066   -10.314 10.278  1.000 62.168  0 31  TYR AAA CE2 1 ? 
ATOM   241  C CZ  . TYR A 1 31  ? 8.484   -9.176  9.604   1.000 62.949  0 31  TYR AAA CZ  1 ? 
ATOM   242  O OH  . TYR A 1 31  ? 9.722   -8.633  9.798   1.000 68.532  0 31  TYR AAA OH  1 ? 
ATOM   243  N N   . ASP A 1 32  ? 3.635   -10.261 11.820  1.000 55.546  0 32  ASP AAA N   1 ? 
ATOM   244  C CA  . ASP A 1 32  ? 4.000   -9.881  13.205  1.000 58.888  0 32  ASP AAA CA  1 ? 
ATOM   245  C C   . ASP A 1 32  ? 3.266   -8.554  13.460  1.000 53.983  0 32  ASP AAA C   1 ? 
ATOM   246  O O   . ASP A 1 32  ? 2.038   -8.567  13.387  1.000 54.073  0 32  ASP AAA O   1 ? 
ATOM   247  C CB  . ASP A 1 32  ? 5.533   -9.878  13.323  1.000 64.615  0 32  ASP AAA CB  1 ? 
ATOM   248  C CG  . ASP A 1 32  ? 6.130   -9.523  14.680  1.000 65.084  0 32  ASP AAA CG  1 ? 
ATOM   249  O OD1 . ASP A 1 32  ? 5.443   -9.697  15.707  1.000 67.751  0 32  ASP AAA OD1 1 ? 
ATOM   250  O OD2 . ASP A 1 32  ? 7.295   -9.060  14.686  1.000 63.299  0 32  ASP AAA OD2 1 ? 
ATOM   251  N N   . ARG A 1 33  ? 3.976   -7.447  13.690  1.000 55.031  0 33  ARG AAA N   1 ? 
ATOM   252  C CA  . ARG A 1 33  ? 3.352   -6.125  13.978  1.000 58.407  0 33  ARG AAA CA  1 ? 
ATOM   253  C C   . ARG A 1 33  ? 3.882   -5.080  12.995  1.000 54.737  0 33  ARG AAA C   1 ? 
ATOM   254  O O   . ARG A 1 33  ? 3.793   -3.886  13.329  1.000 58.696  0 33  ARG AAA O   1 ? 
ATOM   255  C CB  . ARG A 1 33  ? 3.622   -5.664  15.416  1.000 63.768  0 33  ARG AAA CB  1 ? 
ATOM   256  C CG  . ARG A 1 33  ? 2.775   -6.366  16.465  1.000 68.878  0 33  ARG AAA CG  1 ? 
ATOM   257  C CD  . ARG A 1 33  ? 3.625   -7.258  17.340  1.000 73.357  0 33  ARG AAA CD  1 ? 
ATOM   258  N NE  . ARG A 1 33  ? 2.834   -7.829  18.415  1.000 74.948  0 33  ARG AAA NE  1 ? 
ATOM   259  C CZ  . ARG A 1 33  ? 3.257   -8.775  19.243  1.000 73.557  0 33  ARG AAA CZ  1 ? 
ATOM   260  N NH1 . ARG A 1 33  ? 4.483   -9.255  19.134  1.000 75.155  0 33  ARG AAA NH1 1 ? 
ATOM   261  N NH2 . ARG A 1 33  ? 2.451   -9.241  20.179  1.000 79.313  0 33  ARG AAA NH2 1 ? 
ATOM   262  N N   . TRP A 1 34  ? 4.360   -5.514  11.822  1.000 55.141  0 34  TRP AAA N   1 ? 
ATOM   263  C CA  . TRP A 1 34  ? 4.835   -4.636  10.715  1.000 55.649  0 34  TRP AAA CA  1 ? 
ATOM   264  C C   . TRP A 1 34  ? 3.693   -4.380  9.725   1.000 48.605  0 34  TRP AAA C   1 ? 
ATOM   265  O O   . TRP A 1 34  ? 3.089   -5.363  9.259   1.000 47.366  0 34  TRP AAA O   1 ? 
ATOM   266  C CB  . TRP A 1 34  ? 6.043   -5.240  10.002  1.000 56.589  0 34  TRP AAA CB  1 ? 
ATOM   267  C CG  . TRP A 1 34  ? 7.325   -5.113  10.763  1.000 62.658  0 34  TRP AAA CG  1 ? 
ATOM   268  C CD1 . TRP A 1 34  ? 7.955   -6.095  11.467  1.000 62.940  0 34  TRP AAA CD1 1 ? 
ATOM   269  C CD2 . TRP A 1 34  ? 8.150   -3.940  10.880  1.000 57.284  0 34  TRP AAA CD2 1 ? 
ATOM   270  N NE1 . TRP A 1 34  ? 9.116   -5.614  12.006  1.000 62.354  0 34  TRP AAA NE1 1 ? 
ATOM   271  C CE2 . TRP A 1 34  ? 9.267   -4.301  11.660  1.000 57.249  0 34  TRP AAA CE2 1 ? 
ATOM   272  C CE3 . TRP A 1 34  ? 8.072   -2.633  10.386  1.000 59.295  0 34  TRP AAA CE3 1 ? 
ATOM   273  C CZ2 . TRP A 1 34  ? 10.272  -3.390  11.983  1.000 59.818  0 34  TRP AAA CZ2 1 ? 
ATOM   274  C CZ3 . TRP A 1 34  ? 9.066   -1.735  10.704  1.000 61.939  0 34  TRP AAA CZ3 1 ? 
ATOM   275  C CH2 . TRP A 1 34  ? 10.150  -2.108  11.495  1.000 55.181  0 34  TRP AAA CH2 1 ? 
ATOM   276  N N   . ALA A 1 35  ? 3.396   -3.101  9.468   1.000 48.977  0 35  ALA AAA N   1 ? 
ATOM   277  C CA  . ALA A 1 35  ? 2.457   -2.624  8.427   1.000 42.824  0 35  ALA AAA CA  1 ? 
ATOM   278  C C   . ALA A 1 35  ? 3.180   -1.705  7.442   1.000 45.173  0 35  ALA AAA C   1 ? 
ATOM   279  O O   . ALA A 1 35  ? 4.305   -1.325  7.726   1.000 44.705  0 35  ALA AAA O   1 ? 
ATOM   280  C CB  . ALA A 1 35  ? 1.319   -1.909  9.089   1.000 39.735  0 35  ALA AAA CB  1 ? 
ATOM   281  N N   . VAL A 1 36  ? 2.568   -1.439  6.279   1.000 39.065  0 36  VAL AAA N   1 ? 
ATOM   282  C CA  . VAL A 1 36  ? 3.066   -0.464  5.266   1.000 40.225  0 36  VAL AAA CA  1 ? 
ATOM   283  C C   . VAL A 1 36  ? 2.006   0.622   5.059   1.000 37.344  0 36  VAL AAA C   1 ? 
ATOM   284  O O   . VAL A 1 36  ? 0.790   0.304   5.088   1.000 37.285  0 36  VAL AAA O   1 ? 
ATOM   285  C CB  . VAL A 1 36  ? 3.458   -1.194  3.968   1.000 43.729  0 36  VAL AAA CB  1 ? 
ATOM   286  C CG1 . VAL A 1 36  ? 2.273   -1.928  3.348   1.000 43.222  0 36  VAL AAA CG1 1 ? 
ATOM   287  C CG2 . VAL A 1 36  ? 4.123   -0.273  2.969   1.000 45.946  0 36  VAL AAA CG2 1 ? 
ATOM   288  N N   . LEU A 1 37  ? 2.475   1.869   4.983   1.000 43.870  0 37  LEU AAA N   1 ? 
ATOM   289  C CA  . LEU A 1 37  ? 1.751   3.073   4.525   1.000 41.922  0 37  LEU AAA CA  1 ? 
ATOM   290  C C   . LEU A 1 37  ? 2.505   3.704   3.353   1.000 40.779  0 37  LEU AAA C   1 ? 
ATOM   291  O O   . LEU A 1 37  ? 3.696   3.474   3.174   1.000 42.386  0 37  LEU AAA O   1 ? 
ATOM   292  C CB  . LEU A 1 37  ? 1.677   4.078   5.675   1.000 45.697  0 37  LEU AAA CB  1 ? 
ATOM   293  C CG  . LEU A 1 37  ? 0.685   3.780   6.781   1.000 45.418  0 37  LEU AAA CG  1 ? 
ATOM   294  C CD1 . LEU A 1 37  ? 0.900   4.741   7.919   1.000 45.772  0 37  LEU AAA CD1 1 ? 
ATOM   295  C CD2 . LEU A 1 37  ? -0.748  3.868   6.272   1.000 46.581  0 37  LEU AAA CD2 1 ? 
ATOM   296  N N   . PRO A 1 38  ? 1.859   4.554   2.525   1.000 37.861  0 38  PRO AAA N   1 ? 
ATOM   297  C CA  . PRO A 1 38  ? 2.605   5.456   1.655   1.000 40.626  0 38  PRO AAA CA  1 ? 
ATOM   298  C C   . PRO A 1 38  ? 3.487   6.373   2.526   1.000 43.997  0 38  PRO AAA C   1 ? 
ATOM   299  O O   . PRO A 1 38  ? 3.062   6.832   3.582   1.000 41.622  0 38  PRO AAA O   1 ? 
ATOM   300  C CB  . PRO A 1 38  ? 1.523   6.237   0.882   1.000 40.274  0 38  PRO AAA CB  1 ? 
ATOM   301  C CG  . PRO A 1 38  ? 0.252   5.424   1.070   1.000 38.268  0 38  PRO AAA CG  1 ? 
ATOM   302  C CD  . PRO A 1 38  ? 0.408   4.752   2.424   1.000 35.419  0 38  PRO AAA CD  1 ? 
ATOM   303  N N   . ARG A 1 39  ? 4.709   6.631   2.057   1.000 49.128  0 39  ARG AAA N   1 ? 
ATOM   304  C CA  . ARG A 1 39  ? 5.702   7.474   2.763   1.000 49.400  0 39  ARG AAA CA  1 ? 
ATOM   305  C C   . ARG A 1 39  ? 5.040   8.798   3.169   1.000 45.621  0 39  ARG AAA C   1 ? 
ATOM   306  O O   . ARG A 1 39  ? 5.252   9.226   4.300   1.000 48.647  0 39  ARG AAA O   1 ? 
ATOM   307  C CB  . ARG A 1 39  ? 6.928   7.710   1.874   1.000 57.160  0 39  ARG AAA CB  1 ? 
ATOM   308  C CG  . ARG A 1 39  ? 8.089   8.400   2.586   1.000 61.367  0 39  ARG AAA CG  1 ? 
ATOM   309  C CD  . ARG A 1 39  ? 9.010   9.152   1.637   1.000 69.089  0 39  ARG AAA CD  1 ? 
ATOM   310  N NE  . ARG A 1 39  ? 8.280   9.924   0.630   1.000 74.618  0 39  ARG AAA NE  1 ? 
ATOM   311  C CZ  . ARG A 1 39  ? 7.612   11.068  0.845   1.000 75.481  0 39  ARG AAA CZ  1 ? 
ATOM   312  N NH1 . ARG A 1 39  ? 7.569   11.620  2.047   1.000 72.741  0 39  ARG AAA NH1 1 ? 
ATOM   313  N NH2 . ARG A 1 39  ? 6.974   11.659  -0.153  1.000 70.984  0 39  ARG AAA NH2 1 ? 
ATOM   314  N N   . HIS A 1 40  ? 4.246   9.392   2.283   1.000 44.951  0 40  HIS AAA N   1 ? 
ATOM   315  C CA  . HIS A 1 40  ? 3.640   10.736  2.498   1.000 46.948  0 40  HIS AAA CA  1 ? 
ATOM   316  C C   . HIS A 1 40  ? 2.514   10.715  3.532   1.000 51.058  0 40  HIS AAA C   1 ? 
ATOM   317  O O   . HIS A 1 40  ? 2.032   11.811  3.863   1.000 47.280  0 40  HIS AAA O   1 ? 
ATOM   318  C CB  . HIS A 1 40  ? 3.214   11.361  1.176   1.000 46.498  0 40  HIS AAA CB  1 ? 
ATOM   319  C CG  . HIS A 1 40  ? 2.155   10.625  0.436   1.000 44.075  0 40  HIS AAA CG  1 ? 
ATOM   320  N ND1 . HIS A 1 40  ? 2.445   9.683   -0.547  1.000 50.136  0 40  HIS AAA ND1 1 ? 
ATOM   321  C CD2 . HIS A 1 40  ? 0.814   10.692  0.513   1.000 45.971  0 40  HIS AAA CD2 1 ? 
ATOM   322  C CE1 . HIS A 1 40  ? 1.319   9.229   -1.055  1.000 49.723  0 40  HIS AAA CE1 1 ? 
ATOM   323  N NE2 . HIS A 1 40  ? 0.307   9.834   -0.423  1.000 50.742  0 40  HIS AAA NE2 1 ? 
ATOM   324  N N   . ALA A 1 41  ? 2.181   9.560   4.113   1.000 47.901  0 41  ALA AAA N   1 ? 
ATOM   325  C CA  . ALA A 1 41  ? 1.409   9.481   5.375   1.000 48.725  0 41  ALA AAA CA  1 ? 
ATOM   326  C C   . ALA A 1 41  ? 2.217   10.057  6.549   1.000 51.905  0 41  ALA AAA C   1 ? 
ATOM   327  O O   . ALA A 1 41  ? 1.588   10.491  7.560   1.000 44.567  0 41  ALA AAA O   1 ? 
ATOM   328  C CB  . ALA A 1 41  ? 0.990   8.059   5.650   1.000 48.867  0 41  ALA AAA CB  1 ? 
ATOM   329  N N   . LYS A 1 42  ? 3.555   10.032  6.463   1.000 53.004  0 42  LYS AAA N   1 ? 
ATOM   330  C CA  . LYS A 1 42  ? 4.469   10.658  7.465   1.000 55.530  0 42  LYS AAA CA  1 ? 
ATOM   331  C C   . LYS A 1 42  ? 3.961   10.354  8.869   1.000 50.113  0 42  LYS AAA C   1 ? 
ATOM   332  O O   . LYS A 1 42  ? 3.652   11.254  9.652   1.000 50.042  0 42  LYS AAA O   1 ? 
ATOM   333  C CB  . LYS A 1 42  ? 4.600   12.162  7.209   1.000 48.187  0 42  LYS AAA CB  1 ? 
ATOM   334  C CG  . LYS A 1 42  ? 4.914   12.535  5.767   1.000 57.528  0 42  LYS AAA CG  1 ? 
ATOM   335  C CD  . LYS A 1 42  ? 5.106   14.028  5.549   1.000 54.720  0 42  LYS AAA CD  1 ? 
ATOM   336  C CE  . LYS A 1 42  ? 4.473   14.557  4.275   1.000 60.302  0 42  LYS AAA CE  1 ? 
ATOM   337  N NZ  . LYS A 1 42  ? 5.318   14.320  3.079   1.000 70.735  0 42  LYS AAA NZ  1 ? 
ATOM   338  N N   . PRO A 1 43  ? 3.868   9.053   9.218   1.000 55.351  0 43  PRO AAA N   1 ? 
ATOM   339  C CA  . PRO A 1 43  ? 3.334   8.624   10.506  1.000 57.406  0 43  PRO AAA CA  1 ? 
ATOM   340  C C   . PRO A 1 43  ? 4.156   9.160   11.685  1.000 63.871  0 43  PRO AAA C   1 ? 
ATOM   341  O O   . PRO A 1 43  ? 5.370   9.083   11.641  1.000 65.100  0 43  PRO AAA O   1 ? 
ATOM   342  C CB  . PRO A 1 43  ? 3.434   7.096   10.437  1.000 60.612  0 43  PRO AAA CB  1 ? 
ATOM   343  C CG  . PRO A 1 43  ? 4.514   6.843   9.420   1.000 57.576  0 43  PRO AAA CG  1 ? 
ATOM   344  C CD  . PRO A 1 43  ? 4.330   7.929   8.393   1.000 54.473  0 43  PRO AAA CD  1 ? 
ATOM   345  N N   . GLY A 1 44  ? 3.476   9.677   12.707  1.000 71.282  0 44  GLY AAA N   1 ? 
ATOM   346  C CA  . GLY A 1 44  ? 4.112   10.220  13.922  1.000 73.332  0 44  GLY AAA CA  1 ? 
ATOM   347  C C   . GLY A 1 44  ? 4.465   9.111   14.906  1.000 74.362  0 44  GLY AAA C   1 ? 
ATOM   348  O O   . GLY A 1 44  ? 4.398   7.931   14.567  1.000 69.957  0 44  GLY AAA O   1 ? 
ATOM   349  N N   . PRO A 1 45  ? 4.885   9.459   16.145  1.000 72.665  0 45  PRO AAA N   1 ? 
ATOM   350  C CA  . PRO A 1 45  ? 5.064   8.463   17.202  1.000 67.996  0 45  PRO AAA CA  1 ? 
ATOM   351  C C   . PRO A 1 45  ? 3.760   7.732   17.574  1.000 66.909  0 45  PRO AAA C   1 ? 
ATOM   352  O O   . PRO A 1 45  ? 3.839   6.628   18.106  1.000 65.969  0 45  PRO AAA O   1 ? 
ATOM   353  C CB  . PRO A 1 45  ? 5.655   9.233   18.403  1.000 66.650  0 45  PRO AAA CB  1 ? 
ATOM   354  C CG  . PRO A 1 45  ? 5.598   10.712  18.037  1.000 67.036  0 45  PRO AAA CG  1 ? 
ATOM   355  C CD  . PRO A 1 45  ? 5.314   10.808  16.549  1.000 72.922  0 45  PRO AAA CD  1 ? 
ATOM   356  N N   . THR A 1 46  ? 2.601   8.329   17.279  1.000 71.092  0 46  THR AAA N   1 ? 
ATOM   357  C CA  . THR A 1 46  ? 1.253   7.736   17.525  1.000 69.424  0 46  THR AAA CA  1 ? 
ATOM   358  C C   . THR A 1 46  ? 0.408   7.862   16.243  1.000 65.003  0 46  THR AAA C   1 ? 
ATOM   359  O O   . THR A 1 46  ? 0.624   8.844   15.491  1.000 55.060  0 46  THR AAA O   1 ? 
ATOM   360  C CB  . THR A 1 46  ? 0.630   8.375   18.777  1.000 73.436  0 46  THR AAA CB  1 ? 
ATOM   361  O OG1 . THR A 1 46  ? -0.569  7.689   19.137  1.000 78.220  0 46  THR AAA OG1 1 ? 
ATOM   362  C CG2 . THR A 1 46  ? 0.320   9.845   18.598  1.000 75.811  0 46  THR AAA CG2 1 ? 
ATOM   363  N N   . ILE A 1 47  ? -0.485  6.895   15.978  1.000 58.753  0 47  ILE AAA N   1 ? 
ATOM   364  C CA  . ILE A 1 47  ? -1.454  6.931   14.838  1.000 53.066  0 47  ILE AAA CA  1 ? 
ATOM   365  C C   . ILE A 1 47  ? -2.847  6.598   15.370  1.000 54.214  0 47  ILE AAA C   1 ? 
ATOM   366  O O   . ILE A 1 47  ? -2.942  5.904   16.417  1.000 52.293  0 47  ILE AAA O   1 ? 
ATOM   367  C CB  . ILE A 1 47  ? -1.064  5.973   13.683  1.000 55.003  0 47  ILE AAA CB  1 ? 
ATOM   368  C CG1 . ILE A 1 47  ? -1.127  4.499   14.097  1.000 59.449  0 47  ILE AAA CG1 1 ? 
ATOM   369  C CG2 . ILE A 1 47  ? 0.296   6.329   13.091  1.000 56.611  0 47  ILE AAA CG2 1 ? 
ATOM   370  C CD1 . ILE A 1 47  ? -0.846  3.525   12.964  1.000 54.744  0 47  ILE AAA CD1 1 ? 
ATOM   371  N N   . LEU A 1 48  ? -3.892  7.025   14.657  1.000 48.838  0 48  LEU AAA N   1 ? 
ATOM   372  C CA  . LEU A 1 48  ? -5.242  6.423   14.801  1.000 51.361  0 48  LEU AAA CA  1 ? 
ATOM   373  C C   . LEU A 1 48  ? -5.327  5.242   13.834  1.000 51.202  0 48  LEU AAA C   1 ? 
ATOM   374  O O   . LEU A 1 48  ? -5.131  5.451   12.635  1.000 48.687  0 48  LEU AAA O   1 ? 
ATOM   375  C CB  . LEU A 1 48  ? -6.330  7.451   14.516  1.000 55.754  0 48  LEU AAA CB  1 ? 
ATOM   376  C CG  . LEU A 1 48  ? -6.315  8.695   15.401  1.000 61.444  0 48  LEU AAA CG  1 ? 
ATOM   377  C CD1 . LEU A 1 48  ? -7.622  9.452   15.245  1.000 61.530  0 48  LEU AAA CD1 1 ? 
ATOM   378  C CD2 . LEU A 1 48  ? -6.075  8.343   16.867  1.000 67.579  0 48  LEU AAA CD2 1 ? 
ATOM   379  N N   . MET A 1 49  ? -5.570  4.044   14.357  1.000 51.521  0 49  MET AAA N   1 ? 
ATOM   380  C CA  . MET A 1 49  ? -5.842  2.816   13.570  1.000 54.580  0 49  MET AAA CA  1 ? 
ATOM   381  C C   . MET A 1 49  ? -7.241  2.329   13.966  1.000 56.168  0 49  MET AAA C   1 ? 
ATOM   382  O O   . MET A 1 49  ? -7.442  2.001   15.154  1.000 61.403  0 49  MET AAA O   1 ? 
ATOM   383  C CB  . MET A 1 49  ? -4.764  1.766   13.860  1.000 55.087  0 49  MET AAA CB  1 ? 
ATOM   384  C CG  . MET A 1 49  ? -5.059  0.384   13.334  1.000 54.004  0 49  MET AAA CG  1 ? 
ATOM   385  S SD  . MET A 1 49  ? -3.691  -0.742  13.710  1.000 60.530  0 49  MET AAA SD  1 ? 
ATOM   386  C CE  . MET A 1 49  ? -4.071  -2.097  12.599  1.000 64.519  0 49  MET AAA CE  1 ? 
ATOM   387  N N   . ASN A 1 50  ? -8.172  2.350   13.013  1.000 53.323  0 50  ASN AAA N   1 ? 
ATOM   388  C CA  . ASN A 1 50  ? -9.634  2.169   13.219  1.000 60.031  0 50  ASN AAA CA  1 ? 
ATOM   389  C C   . ASN A 1 50  ? -10.083 2.939   14.458  1.000 61.073  0 50  ASN AAA C   1 ? 
ATOM   390  O O   . ASN A 1 50  ? -10.656 2.303   15.349  1.000 64.869  0 50  ASN AAA O   1 ? 
ATOM   391  C CB  . ASN A 1 50  ? -10.011 0.694   13.362  1.000 61.085  0 50  ASN AAA CB  1 ? 
ATOM   392  C CG  . ASN A 1 50  ? -9.531  -0.137  12.197  1.000 57.320  0 50  ASN AAA CG  1 ? 
ATOM   393  O OD1 . ASN A 1 50  ? -9.503  0.339   11.056  1.000 49.198  0 50  ASN AAA OD1 1 ? 
ATOM   394  N ND2 . ASN A 1 50  ? -9.153  -1.372  12.479  1.000 52.443  0 50  ASN AAA ND2 1 ? 
ATOM   395  N N   . ASP A 1 51  ? -9.800  4.240   14.517  1.000 58.766  0 51  ASP AAA N   1 ? 
ATOM   396  C CA  . ASP A 1 51  ? -10.297 5.179   15.563  1.000 69.056  0 51  ASP AAA CA  1 ? 
ATOM   397  C C   . ASP A 1 51  ? -9.555  5.003   16.900  1.000 63.460  0 51  ASP AAA C   1 ? 
ATOM   398  O O   . ASP A 1 51  ? -9.855  5.777   17.816  1.000 69.955  0 51  ASP AAA O   1 ? 
ATOM   399  C CB  . ASP A 1 51  ? -11.806 5.031   15.793  1.000 74.354  0 51  ASP AAA CB  1 ? 
ATOM   400  C CG  . ASP A 1 51  ? -12.694 5.639   14.717  1.000 79.297  0 51  ASP AAA CG  1 ? 
ATOM   401  O OD1 . ASP A 1 51  ? -12.162 6.201   13.743  1.000 75.275  0 51  ASP AAA OD1 1 ? 
ATOM   402  O OD2 . ASP A 1 51  ? -13.931 5.548   14.871  1.000 94.140  0 51  ASP AAA OD2 1 ? 
ATOM   403  N N   . GLN A 1 52  ? -8.603  4.076   17.022  1.000 68.996  0 52  GLN AAA N   1 ? 
ATOM   404  C CA  . GLN A 1 52  ? -7.860  3.828   18.295  1.000 71.467  0 52  GLN AAA CA  1 ? 
ATOM   405  C C   . GLN A 1 52  ? -6.442  4.391   18.212  1.000 70.916  0 52  GLN AAA C   1 ? 
ATOM   406  O O   . GLN A 1 52  ? -5.790  4.232   17.158  1.000 65.609  0 52  GLN AAA O   1 ? 
ATOM   407  C CB  . GLN A 1 52  ? -7.709  2.339   18.600  1.000 73.531  0 52  GLN AAA CB  1 ? 
ATOM   408  C CG  . GLN A 1 52  ? -9.028  1.605   18.760  1.000 78.121  0 52  GLN AAA CG  1 ? 
ATOM   409  C CD  . GLN A 1 52  ? -8.858  0.128   18.507  1.000 79.778  0 52  GLN AAA CD  1 ? 
ATOM   410  O OE1 . GLN A 1 52  ? -8.224  -0.579  19.288  1.000 73.849  0 52  GLN AAA OE1 1 ? 
ATOM   411  N NE2 . GLN A 1 52  ? -9.422  -0.344  17.402  1.000 79.784  0 52  GLN AAA NE2 1 ? 
ATOM   412  N N   . GLU A 1 53  ? -5.966  4.962   19.318  1.000 70.363  0 53  GLU AAA N   1 ? 
ATOM   413  C CA  . GLU A 1 53  ? -4.578  5.458   19.459  1.000 74.668  0 53  GLU AAA CA  1 ? 
ATOM   414  C C   . GLU A 1 53  ? -3.662  4.230   19.521  1.000 74.962  0 53  GLU AAA C   1 ? 
ATOM   415  O O   . GLU A 1 53  ? -3.973  3.311   20.298  1.000 71.341  0 53  GLU AAA O   1 ? 
ATOM   416  C CB  . GLU A 1 53  ? -4.467  6.358   20.694  1.000 81.245  0 53  GLU AAA CB  1 ? 
ATOM   417  C CG  . GLU A 1 53  ? -3.455  7.478   20.549  1.000 85.531  0 53  GLU AAA CG  1 ? 
ATOM   418  C CD  . GLU A 1 53  ? -3.515  8.524   21.652  1.000 93.286  0 53  GLU AAA CD  1 ? 
ATOM   419  O OE1 . GLU A 1 53  ? -3.228  8.177   22.823  1.000 85.250  0 53  GLU AAA OE1 1 ? 
ATOM   420  O OE2 . GLU A 1 53  ? -3.854  9.687   21.339  1.000 98.176  0 53  GLU AAA OE2 1 ? 
ATOM   421  N N   . VAL A 1 54  ? -2.608  4.208   18.701  1.000 74.082  0 54  VAL AAA N   1 ? 
ATOM   422  C CA  . VAL A 1 54  ? -1.598  3.109   18.631  1.000 70.719  0 54  VAL AAA CA  1 ? 
ATOM   423  C C   . VAL A 1 54  ? -0.212  3.746   18.492  1.000 64.181  0 54  VAL AAA C   1 ? 
ATOM   424  O O   . VAL A 1 54  ? -0.085  4.701   17.720  1.000 61.853  0 54  VAL AAA O   1 ? 
ATOM   425  C CB  . VAL A 1 54  ? -1.900  2.151   17.461  1.000 69.140  0 54  VAL AAA CB  1 ? 
ATOM   426  C CG1 . VAL A 1 54  ? -0.968  0.951   17.451  1.000 69.367  0 54  VAL AAA CG1 1 ? 
ATOM   427  C CG2 . VAL A 1 54  ? -3.352  1.697   17.462  1.000 66.881  0 54  VAL AAA CG2 1 ? 
ATOM   428  N N   . GLY A 1 55  ? 0.784   3.222   19.213  1.000 64.765  0 55  GLY AAA N   1 ? 
ATOM   429  C CA  . GLY A 1 55  ? 2.173   3.718   19.197  1.000 61.397  0 55  GLY AAA CA  1 ? 
ATOM   430  C C   . GLY A 1 55  ? 2.978   3.091   18.076  1.000 67.787  0 55  GLY AAA C   1 ? 
ATOM   431  O O   . GLY A 1 55  ? 2.732   1.914   17.742  1.000 73.517  0 55  GLY AAA O   1 ? 
ATOM   432  N N   . VAL A 1 56  ? 3.922   3.849   17.527  1.000 68.039  0 56  VAL AAA N   1 ? 
ATOM   433  C CA  . VAL A 1 56  ? 4.793   3.428   16.396  1.000 69.071  0 56  VAL AAA CA  1 ? 
ATOM   434  C C   . VAL A 1 56  ? 6.215   3.214   16.924  1.000 77.863  0 56  VAL AAA C   1 ? 
ATOM   435  O O   . VAL A 1 56  ? 6.966   4.203   17.040  1.000 87.430  0 56  VAL AAA O   1 ? 
ATOM   436  C CB  . VAL A 1 56  ? 4.736   4.477   15.273  1.000 70.391  0 56  VAL AAA CB  1 ? 
ATOM   437  C CG1 . VAL A 1 56  ? 5.622   4.102   14.095  1.000 71.899  0 56  VAL AAA CG1 1 ? 
ATOM   438  C CG2 . VAL A 1 56  ? 3.300   4.719   14.829  1.000 67.056  0 56  VAL AAA CG2 1 ? 
ATOM   439  N N   . LEU A 1 57  ? 6.572   1.958   17.195  1.000 79.719  0 57  LEU AAA N   1 ? 
ATOM   440  C CA  . LEU A 1 57  ? 7.871   1.553   17.797  1.000 79.922  0 57  LEU AAA CA  1 ? 
ATOM   441  C C   . LEU A 1 57  ? 9.024   1.879   16.841  1.000 80.285  0 57  LEU AAA C   1 ? 
ATOM   442  O O   . LEU A 1 57  ? 10.055  2.373   17.324  1.000 79.145  0 57  LEU AAA O   1 ? 
ATOM   443  C CB  . LEU A 1 57  ? 7.825   0.059   18.127  1.000 79.387  0 57  LEU AAA CB  1 ? 
ATOM   444  C CG  . LEU A 1 57  ? 6.669   -0.378  19.027  1.000 82.875  0 57  LEU AAA CG  1 ? 
ATOM   445  C CD1 . LEU A 1 57  ? 6.720   -1.874  19.286  1.000 84.670  0 57  LEU AAA CD1 1 ? 
ATOM   446  C CD2 . LEU A 1 57  ? 6.676   0.391   20.340  1.000 82.356  0 57  LEU AAA CD2 1 ? 
ATOM   447  N N   . ASP A 1 58  ? 8.865   1.619   15.540  1.000 82.114  0 58  ASP AAA N   1 ? 
ATOM   448  C CA  . ASP A 1 58  ? 9.883   1.970   14.510  1.000 83.573  0 58  ASP AAA CA  1 ? 
ATOM   449  C C   . ASP A 1 58  ? 9.168   2.391   13.222  1.000 79.790  0 58  ASP AAA C   1 ? 
ATOM   450  O O   . ASP A 1 58  ? 7.992   1.990   13.040  1.000 77.731  0 58  ASP AAA O   1 ? 
ATOM   451  C CB  . ASP A 1 58  ? 10.879  0.821   14.289  1.000 88.609  0 58  ASP AAA CB  1 ? 
ATOM   452  C CG  . ASP A 1 58  ? 12.148  1.218   13.542  1.000 88.216  0 58  ASP AAA CG  1 ? 
ATOM   453  O OD1 . ASP A 1 58  ? 12.456  2.428   13.493  1.000 91.953  0 58  ASP AAA OD1 1 ? 
ATOM   454  O OD2 . ASP A 1 58  ? 12.821  0.315   13.003  1.000 83.900  0 58  ASP AAA OD2 1 ? 
ATOM   455  N N   . ALA A 1 59  ? 9.851   3.179   12.382  1.000 69.032  0 59  ALA AAA N   1 ? 
ATOM   456  C CA  . ALA A 1 59  ? 9.344   3.688   11.089  1.000 73.065  0 59  ALA AAA CA  1 ? 
ATOM   457  C C   . ALA A 1 59  ? 10.499  3.816   10.092  1.000 78.061  0 59  ALA AAA C   1 ? 
ATOM   458  O O   . ALA A 1 59  ? 11.284  4.772   10.226  1.000 85.523  0 59  ALA AAA O   1 ? 
ATOM   459  C CB  . ALA A 1 59  ? 8.650   5.010   11.296  1.000 73.583  0 59  ALA AAA CB  1 ? 
ATOM   460  N N   . LYS A 1 60  ? 10.581  2.891   9.128   1.000 77.081  0 60  LYS AAA N   1 ? 
ATOM   461  C CA  . LYS A 1 60  ? 11.599  2.876   8.046   1.000 73.570  0 60  LYS AAA CA  1 ? 
ATOM   462  C C   . LYS A 1 60  ? 10.981  3.419   6.755   1.000 65.289  0 60  LYS AAA C   1 ? 
ATOM   463  O O   . LYS A 1 60  ? 10.086  2.753   6.192   1.000 57.347  0 60  LYS AAA O   1 ? 
ATOM   464  C CB  . LYS A 1 60  ? 12.123  1.457   7.798   1.000 78.439  0 60  LYS AAA CB  1 ? 
ATOM   465  C CG  . LYS A 1 60  ? 12.794  0.787   8.988   1.000 85.779  0 60  LYS AAA CG  1 ? 
ATOM   466  C CD  . LYS A 1 60  ? 13.323  -0.595  8.667   1.000 94.139  0 60  LYS AAA CD  1 ? 
ATOM   467  C CE  . LYS A 1 60  ? 13.584  -1.433  9.901   1.000 100.409 0 60  LYS AAA CE  1 ? 
ATOM   468  N NZ  . LYS A 1 60  ? 14.383  -0.701  10.913  1.000 104.075 0 60  LYS AAA NZ  1 ? 
ATOM   469  N N   . GLU A 1 61  ? 11.436  4.586   6.303   1.000 58.350  0 61  GLU AAA N   1 ? 
ATOM   470  C CA  . GLU A 1 61  ? 11.130  5.109   4.953   1.000 56.923  0 61  GLU AAA CA  1 ? 
ATOM   471  C C   . GLU A 1 61  ? 12.052  4.378   3.974   1.000 62.050  0 61  GLU AAA C   1 ? 
ATOM   472  O O   . GLU A 1 61  ? 13.291  4.441   4.160   1.000 59.752  0 61  GLU AAA O   1 ? 
ATOM   473  C CB  . GLU A 1 61  ? 11.288  6.628   4.915   1.000 62.457  0 61  GLU AAA CB  1 ? 
ATOM   474  C CG  . GLU A 1 61  ? 10.327  7.355   5.847   1.000 67.140  0 61  GLU AAA CG  1 ? 
ATOM   475  C CD  . GLU A 1 61  ? 10.361  8.872   5.749   1.000 68.658  0 61  GLU AAA CD  1 ? 
ATOM   476  O OE1 . GLU A 1 61  ? 11.417  9.406   5.373   1.000 58.960  0 61  GLU AAA OE1 1 ? 
ATOM   477  O OE2 . GLU A 1 61  ? 9.327   9.520   6.062   1.000 65.612  0 61  GLU AAA OE2 1 ? 
ATOM   478  N N   . LEU A 1 62  ? 11.483  3.671   2.997   1.000 61.332  0 62  LEU AAA N   1 ? 
ATOM   479  C CA  . LEU A 1 62  ? 12.259  2.747   2.134   1.000 53.941  0 62  LEU AAA CA  1 ? 
ATOM   480  C C   . LEU A 1 62  ? 12.867  3.497   0.943   1.000 57.731  0 62  LEU AAA C   1 ? 
ATOM   481  O O   . LEU A 1 62  ? 12.170  4.314   0.281   1.000 48.321  0 62  LEU AAA O   1 ? 
ATOM   482  C CB  . LEU A 1 62  ? 11.379  1.590   1.654   1.000 49.432  0 62  LEU AAA CB  1 ? 
ATOM   483  C CG  . LEU A 1 62  ? 10.777  0.681   2.726   1.000 52.284  0 62  LEU AAA CG  1 ? 
ATOM   484  C CD1 . LEU A 1 62  ? 10.292  -0.607  2.086   1.000 47.361  0 62  LEU AAA CD1 1 ? 
ATOM   485  C CD2 . LEU A 1 62  ? 11.750  0.358   3.845   1.000 50.172  0 62  LEU AAA CD2 1 ? 
ATOM   486  N N   . VAL A 1 63  ? 14.139  3.183   0.666   1.000 54.147  0 63  VAL AAA N   1 ? 
ATOM   487  C CA  . VAL A 1 63  ? 14.908  3.690   -0.502  1.000 50.331  0 63  VAL AAA CA  1 ? 
ATOM   488  C C   . VAL A 1 63  ? 15.718  2.523   -1.092  1.000 45.910  0 63  VAL AAA C   1 ? 
ATOM   489  O O   . VAL A 1 63  ? 16.022  1.580   -0.351  1.000 50.878  0 63  VAL AAA O   1 ? 
ATOM   490  C CB  . VAL A 1 63  ? 15.810  4.864   -0.075  1.000 54.336  0 63  VAL AAA CB  1 ? 
ATOM   491  C CG1 . VAL A 1 63  ? 15.001  6.125   0.176   1.000 56.367  0 63  VAL AAA CG1 1 ? 
ATOM   492  C CG2 . VAL A 1 63  ? 16.651  4.517   1.145   1.000 54.665  0 63  VAL AAA CG2 1 ? 
ATOM   493  N N   . ASP A 1 64  ? 16.044  2.592   -2.376  1.000 45.873  0 64  ASP AAA N   1 ? 
ATOM   494  C CA  . ASP A 1 64  ? 16.847  1.570   -3.103  1.000 50.460  0 64  ASP AAA CA  1 ? 
ATOM   495  C C   . ASP A 1 64  ? 18.330  1.822   -2.808  1.000 51.231  0 64  ASP AAA C   1 ? 
ATOM   496  O O   . ASP A 1 64  ? 18.612  2.633   -1.915  1.000 50.257  0 64  ASP AAA O   1 ? 
ATOM   497  C CB  . ASP A 1 64  ? 16.516  1.568   -4.594  1.000 51.206  0 64  ASP AAA CB  1 ? 
ATOM   498  C CG  . ASP A 1 64  ? 17.129  2.713   -5.369  1.000 60.195  0 64  ASP AAA CG  1 ? 
ATOM   499  O OD1 . ASP A 1 64  ? 17.891  3.489   -4.753  1.000 65.707  0 64  ASP AAA OD1 1 ? 
ATOM   500  O OD2 . ASP A 1 64  ? 16.826  2.817   -6.578  1.000 60.362  0 64  ASP AAA OD2 1 ? 
ATOM   501  N N   . LYS A 1 65  ? 19.236  1.131   -3.498  1.000 56.971  0 65  LYS AAA N   1 ? 
ATOM   502  C CA  . LYS A 1 65  ? 20.682  1.147   -3.140  1.000 57.299  0 65  LYS AAA CA  1 ? 
ATOM   503  C C   . LYS A 1 65  ? 21.269  2.532   -3.450  1.000 59.573  0 65  LYS AAA C   1 ? 
ATOM   504  O O   . LYS A 1 65  ? 22.194  2.933   -2.727  1.000 65.240  0 65  LYS AAA O   1 ? 
ATOM   505  C CB  . LYS A 1 65  ? 21.403  -0.035  -3.797  1.000 60.112  0 65  LYS AAA CB  1 ? 
ATOM   506  C CG  . LYS A 1 65  ? 20.972  -1.393  -3.250  1.000 66.666  0 65  LYS AAA CG  1 ? 
ATOM   507  C CD  . LYS A 1 65  ? 22.013  -2.493  -3.402  1.000 75.539  0 65  LYS AAA CD  1 ? 
ATOM   508  C CE  . LYS A 1 65  ? 21.615  -3.798  -2.742  1.000 81.721  0 65  LYS AAA CE  1 ? 
ATOM   509  N NZ  . LYS A 1 65  ? 20.479  -4.447  -3.438  1.000 86.026  0 65  LYS AAA NZ  1 ? 
ATOM   510  N N   . ASP A 1 66  ? 20.707  3.268   -4.418  1.000 63.213  0 66  ASP AAA N   1 ? 
ATOM   511  C CA  . ASP A 1 66  ? 21.133  4.654   -4.770  1.000 65.699  0 66  ASP AAA CA  1 ? 
ATOM   512  C C   . ASP A 1 66  ? 20.529  5.686   -3.804  1.000 69.036  0 66  ASP AAA C   1 ? 
ATOM   513  O O   . ASP A 1 66  ? 20.804  6.888   -4.001  1.000 73.046  0 66  ASP AAA O   1 ? 
ATOM   514  C CB  . ASP A 1 66  ? 20.722  5.038   -6.194  1.000 63.481  0 66  ASP AAA CB  1 ? 
ATOM   515  C CG  . ASP A 1 66  ? 21.458  4.302   -7.297  1.000 66.333  0 66  ASP AAA CG  1 ? 
ATOM   516  O OD1 . ASP A 1 66  ? 22.431  3.588   -6.992  1.000 71.119  0 66  ASP AAA OD1 1 ? 
ATOM   517  O OD2 . ASP A 1 66  ? 21.058  4.466   -8.463  1.000 66.756  0 66  ASP AAA OD2 1 ? 
ATOM   518  N N   . GLY A 1 67  ? 19.712  5.261   -2.831  1.000 74.754  0 67  GLY AAA N   1 ? 
ATOM   519  C CA  . GLY A 1 67  ? 18.950  6.164   -1.943  1.000 69.961  0 67  GLY AAA CA  1 ? 
ATOM   520  C C   . GLY A 1 67  ? 17.733  6.788   -2.629  1.000 70.802  0 67  GLY AAA C   1 ? 
ATOM   521  O O   . GLY A 1 67  ? 17.120  7.693   -2.024  1.000 63.782  0 67  GLY AAA O   1 ? 
ATOM   522  N N   . THR A 1 68  ? 17.383  6.329   -3.839  1.000 62.219  0 68  THR AAA N   1 ? 
ATOM   523  C CA  . THR A 1 68  ? 16.149  6.728   -4.575  1.000 67.502  0 68  THR AAA CA  1 ? 
ATOM   524  C C   . THR A 1 68  ? 14.905  6.368   -3.745  1.000 66.698  0 68  THR AAA C   1 ? 
ATOM   525  O O   . THR A 1 68  ? 14.883  5.315   -3.021  1.000 55.077  0 68  THR AAA O   1 ? 
ATOM   526  C CB  . THR A 1 68  ? 16.057  6.092   -5.969  1.000 71.016  0 68  THR AAA CB  1 ? 
ATOM   527  O OG1 . THR A 1 68  ? 17.317  6.140   -6.641  1.000 69.557  0 68  THR AAA OG1 1 ? 
ATOM   528  C CG2 . THR A 1 68  ? 15.018  6.759   -6.841  1.000 68.218  0 68  THR AAA CG2 1 ? 
ATOM   529  N N   . ASN A 1 69  ? 13.898  7.232   -3.834  1.000 64.365  0 69  ASN AAA N   1 ? 
ATOM   530  C CA  . ASN A 1 69  ? 12.642  7.107   -3.058  1.000 56.010  0 69  ASN AAA CA  1 ? 
ATOM   531  C C   . ASN A 1 69  ? 11.843  5.939   -3.643  1.000 48.032  0 69  ASN AAA C   1 ? 
ATOM   532  O O   . ASN A 1 69  ? 11.789  5.782   -4.911  1.000 48.974  0 69  ASN AAA O   1 ? 
ATOM   533  C CB  . ASN A 1 69  ? 11.905  8.449   -3.025  1.000 59.042  0 69  ASN AAA CB  1 ? 
ATOM   534  C CG  . ASN A 1 69  ? 10.478  8.354   -2.533  1.000 53.917  0 69  ASN AAA CG  1 ? 
ATOM   535  O OD1 . ASN A 1 69  ? 10.238  8.080   -1.356  1.000 49.593  0 69  ASN AAA OD1 1 ? 
ATOM   536  N ND2 . ASN A 1 69  ? 9.540   8.623   -3.428  1.000 50.551  0 69  ASN AAA ND2 1 ? 
ATOM   537  N N   . LEU A 1 70  ? 11.232  5.142   -2.760  1.000 50.587  0 70  LEU AAA N   1 ? 
ATOM   538  C CA  . LEU A 1 70  ? 10.312  4.025   -3.144  1.000 46.493  0 70  LEU AAA CA  1 ? 
ATOM   539  C C   . LEU A 1 70  ? 8.850   4.365   -2.780  1.000 46.305  0 70  LEU AAA C   1 ? 
ATOM   540  O O   . LEU A 1 70  ? 7.963   3.625   -3.244  1.000 41.278  0 70  LEU AAA O   1 ? 
ATOM   541  C CB  . LEU A 1 70  ? 10.810  2.758   -2.433  1.000 45.525  0 70  LEU AAA CB  1 ? 
ATOM   542  C CG  . LEU A 1 70  ? 12.147  2.218   -2.949  1.000 46.221  0 70  LEU AAA CG  1 ? 
ATOM   543  C CD1 . LEU A 1 70  ? 12.559  0.969   -2.186  1.000 47.123  0 70  LEU AAA CD1 1 ? 
ATOM   544  C CD2 . LEU A 1 70  ? 12.039  1.929   -4.428  1.000 43.811  0 70  LEU AAA CD2 1 ? 
ATOM   545  N N   . GLU A 1 71  ? 8.649   5.379   -1.920  1.000 51.460  0 71  GLU AAA N   1 ? 
ATOM   546  C CA  . GLU A 1 71  ? 7.356   6.004   -1.486  1.000 48.933  0 71  GLU AAA CA  1 ? 
ATOM   547  C C   . GLU A 1 71  ? 6.576   5.053   -0.570  1.000 49.515  0 71  GLU AAA C   1 ? 
ATOM   548  O O   . GLU A 1 71  ? 5.345   5.156   -0.537  1.000 53.381  0 71  GLU AAA O   1 ? 
ATOM   549  C CB  . GLU A 1 71  ? 6.524   6.439   -2.688  1.000 52.979  0 71  GLU AAA CB  1 ? 
ATOM   550  C CG  . GLU A 1 71  ? 5.426   7.427   -2.316  1.000 57.721  0 71  GLU AAA CG  1 ? 
ATOM   551  C CD  . GLU A 1 71  ? 5.924   8.654   -1.569  1.000 62.166  0 71  GLU AAA CD  1 ? 
ATOM   552  O OE1 . GLU A 1 71  ? 7.006   9.160   -1.929  1.000 55.159  0 71  GLU AAA OE1 1 ? 
ATOM   553  O OE2 . GLU A 1 71  ? 5.241   9.090   -0.630  1.000 61.607  0 71  GLU AAA OE2 1 ? 
ATOM   554  N N   . LEU A 1 72  ? 7.290   4.246   0.213   1.000 46.858  0 72  LEU AAA N   1 ? 
ATOM   555  C CA  . LEU A 1 72  ? 6.764   3.307   1.237   1.000 46.508  0 72  LEU AAA CA  1 ? 
ATOM   556  C C   . LEU A 1 72  ? 7.431   3.575   2.592   1.000 44.747  0 72  LEU AAA C   1 ? 
ATOM   557  O O   . LEU A 1 72  ? 8.675   3.799   2.652   1.000 45.915  0 72  LEU AAA O   1 ? 
ATOM   558  C CB  . LEU A 1 72  ? 7.031   1.863   0.800   1.000 43.751  0 72  LEU AAA CB  1 ? 
ATOM   559  C CG  . LEU A 1 72  ? 6.378   1.391   -0.507  1.000 40.805  0 72  LEU AAA CG  1 ? 
ATOM   560  C CD1 . LEU A 1 72  ? 6.950   0.029   -0.893  1.000 40.239  0 72  LEU AAA CD1 1 ? 
ATOM   561  C CD2 . LEU A 1 72  ? 4.865   1.304   -0.352  1.000 43.518  0 72  LEU AAA CD2 1 ? 
ATOM   562  N N   . THR A 1 73  ? 6.635   3.494   3.651   1.000 49.774  0 73  THR AAA N   1 ? 
ATOM   563  C CA  . THR A 1 73  ? 7.066   3.546   5.069   1.000 45.772  0 73  THR AAA CA  1 ? 
ATOM   564  C C   . THR A 1 73  ? 6.609   2.259   5.758   1.000 48.348  0 73  THR AAA C   1 ? 
ATOM   565  O O   . THR A 1 73  ? 5.414   1.973   5.730   1.000 46.986  0 73  THR AAA O   1 ? 
ATOM   566  C CB  . THR A 1 73  ? 6.561   4.840   5.716   1.000 50.450  0 73  THR AAA CB  1 ? 
ATOM   567  O OG1 . THR A 1 73  ? 7.129   5.917   4.975   1.000 47.870  0 73  THR AAA OG1 1 ? 
ATOM   568  C CG2 . THR A 1 73  ? 6.938   4.989   7.169   1.000 51.201  0 73  THR AAA CG2 1 ? 
ATOM   569  N N   . LEU A 1 74  ? 7.537   1.478   6.318   1.000 46.446  0 74  LEU AAA N   1 ? 
ATOM   570  C CA  . LEU A 1 74  ? 7.180   0.281   7.121   1.000 56.590  0 74  LEU AAA CA  1 ? 
ATOM   571  C C   . LEU A 1 74  ? 7.035   0.743   8.568   1.000 52.946  0 74  LEU AAA C   1 ? 
ATOM   572  O O   . LEU A 1 74  ? 7.809   1.602   8.971   1.000 51.401  0 74  LEU AAA O   1 ? 
ATOM   573  C CB  . LEU A 1 74  ? 8.234   -0.817  6.960   1.000 59.495  0 74  LEU AAA CB  1 ? 
ATOM   574  C CG  . LEU A 1 74  ? 8.771   -1.023  5.542   1.000 60.535  0 74  LEU AAA CG  1 ? 
ATOM   575  C CD1 . LEU A 1 74  ? 9.618   -2.289  5.488   1.000 63.131  0 74  LEU AAA CD1 1 ? 
ATOM   576  C CD2 . LEU A 1 74  ? 7.635   -1.082  4.530   1.000 56.027  0 74  LEU AAA CD2 1 ? 
ATOM   577  N N   . LEU A 1 75  ? 6.021   0.248   9.274   1.000 56.225  0 75  LEU AAA N   1 ? 
ATOM   578  C CA  . LEU A 1 75  ? 5.650   0.687   10.642  1.000 56.783  0 75  LEU AAA CA  1 ? 
ATOM   579  C C   . LEU A 1 75  ? 5.663   -0.543  11.532  1.000 58.642  0 75  LEU AAA C   1 ? 
ATOM   580  O O   . LEU A 1 75  ? 5.027   -1.535  11.121  1.000 55.270  0 75  LEU AAA O   1 ? 
ATOM   581  C CB  . LEU A 1 75  ? 4.234   1.277   10.646  1.000 62.089  0 75  LEU AAA CB  1 ? 
ATOM   582  C CG  . LEU A 1 75  ? 4.060   2.650   10.011  1.000 64.081  0 75  LEU AAA CG  1 ? 
ATOM   583  C CD1 . LEU A 1 75  ? 2.745   3.272   10.452  1.000 63.806  0 75  LEU AAA CD1 1 ? 
ATOM   584  C CD2 . LEU A 1 75  ? 5.221   3.550   10.383  1.000 70.061  0 75  LEU AAA CD2 1 ? 
ATOM   585  N N   . LYS A 1 76  ? 6.323   -0.473  12.692  1.000 56.516  0 76  LYS AAA N   1 ? 
ATOM   586  C CA  . LYS A 1 76  ? 6.127   -1.483  13.763  1.000 61.924  0 76  LYS AAA CA  1 ? 
ATOM   587  C C   . LYS A 1 76  ? 5.118   -0.905  14.758  1.000 57.942  0 76  LYS AAA C   1 ? 
ATOM   588  O O   . LYS A 1 76  ? 5.354   0.201   15.262  1.000 65.418  0 76  LYS AAA O   1 ? 
ATOM   589  C CB  . LYS A 1 76  ? 7.445   -1.899  14.427  1.000 71.708  0 76  LYS AAA CB  1 ? 
ATOM   590  C CG  . LYS A 1 76  ? 7.278   -3.060  15.398  1.000 79.767  0 76  LYS AAA CG  1 ? 
ATOM   591  C CD  . LYS A 1 76  ? 8.540   -3.798  15.781  1.000 81.348  0 76  LYS AAA CD  1 ? 
ATOM   592  C CE  . LYS A 1 76  ? 8.252   -4.849  16.833  1.000 84.657  0 76  LYS AAA CE  1 ? 
ATOM   593  N NZ  . LYS A 1 76  ? 9.172   -6.004  16.729  1.000 89.196  0 76  LYS AAA NZ  1 ? 
ATOM   594  N N   . LEU A 1 77  ? 4.003   -1.612  14.960  1.000 57.601  0 77  LEU AAA N   1 ? 
ATOM   595  C CA  . LEU A 1 77  ? 2.842   -1.158  15.768  1.000 57.269  0 77  LEU AAA CA  1 ? 
ATOM   596  C C   . LEU A 1 77  ? 2.966   -1.731  17.184  1.000 64.672  0 77  LEU AAA C   1 ? 
ATOM   597  O O   . LEU A 1 77  ? 3.299   -2.925  17.308  1.000 64.915  0 77  LEU AAA O   1 ? 
ATOM   598  C CB  . LEU A 1 77  ? 1.553   -1.631  15.096  1.000 60.285  0 77  LEU AAA CB  1 ? 
ATOM   599  C CG  . LEU A 1 77  ? 1.332   -1.128  13.668  1.000 58.952  0 77  LEU AAA CG  1 ? 
ATOM   600  C CD1 . LEU A 1 77  ? 0.058   -1.715  13.089  1.000 60.888  0 77  LEU AAA CD1 1 ? 
ATOM   601  C CD2 . LEU A 1 77  ? 1.299   0.395   13.626  1.000 57.978  0 77  LEU AAA CD2 1 ? 
ATOM   602  N N   . ASN A 1 78  ? 2.710   -0.906  18.199  1.000 67.834  0 78  ASN AAA N   1 ? 
ATOM   603  C CA  . ASN A 1 78  ? 2.745   -1.309  19.628  1.000 68.414  0 78  ASN AAA CA  1 ? 
ATOM   604  C C   . ASN A 1 78  ? 1.374   -1.875  20.004  1.000 68.172  0 78  ASN AAA C   1 ? 
ATOM   605  O O   . ASN A 1 78  ? 0.578   -1.152  20.619  1.000 62.464  0 78  ASN AAA O   1 ? 
ATOM   606  C CB  . ASN A 1 78  ? 3.162   -0.133  20.511  1.000 80.085  0 78  ASN AAA CB  1 ? 
ATOM   607  C CG  . ASN A 1 78  ? 3.588   -0.567  21.896  1.000 79.031  0 78  ASN AAA CG  1 ? 
ATOM   608  O OD1 . ASN A 1 78  ? 3.790   -1.755  22.147  1.000 72.894  0 78  ASN AAA OD1 1 ? 
ATOM   609  N ND2 . ASN A 1 78  ? 3.743   0.394   22.791  1.000 83.690  0 78  ASN AAA ND2 1 ? 
ATOM   610  N N   . ARG A 1 79  ? 1.101   -3.117  19.602  1.000 70.179  0 79  ARG AAA N   1 ? 
ATOM   611  C CA  . ARG A 1 79  ? -0.179  -3.816  19.883  1.000 71.749  0 79  ARG AAA CA  1 ? 
ATOM   612  C C   . ARG A 1 79  ? 0.118   -5.298  20.161  1.000 75.354  0 79  ARG AAA C   1 ? 
ATOM   613  O O   . ARG A 1 79  ? 1.199   -5.793  19.773  1.000 75.402  0 79  ARG AAA O   1 ? 
ATOM   614  C CB  . ARG A 1 79  ? -1.177  -3.596  18.734  1.000 74.631  0 79  ARG AAA CB  1 ? 
ATOM   615  C CG  . ARG A 1 79  ? -0.760  -4.195  17.395  1.000 70.718  0 79  ARG AAA CG  1 ? 
ATOM   616  C CD  . ARG A 1 79  ? -1.418  -3.553  16.180  1.000 64.746  0 79  ARG AAA CD  1 ? 
ATOM   617  N NE  . ARG A 1 79  ? -2.869  -3.695  16.156  1.000 57.933  0 79  ARG AAA NE  1 ? 
ATOM   618  C CZ  . ARG A 1 79  ? -3.562  -4.633  15.518  1.000 53.054  0 79  ARG AAA CZ  1 ? 
ATOM   619  N NH1 . ARG A 1 79  ? -2.964  -5.564  14.794  1.000 63.271  0 79  ARG AAA NH1 1 ? 
ATOM   620  N NH2 . ARG A 1 79  ? -4.880  -4.635  15.604  1.000 49.730  0 79  ARG AAA NH2 1 ? 
ATOM   621  N N   . ASN A 1 80  ? -0.819  -5.957  20.839  1.000 75.652  0 80  ASN AAA N   1 ? 
ATOM   622  C CA  . ASN A 1 80  ? -0.766  -7.389  21.226  1.000 74.949  0 80  ASN AAA CA  1 ? 
ATOM   623  C C   . ASN A 1 80  ? -1.051  -8.256  19.990  1.000 71.571  0 80  ASN AAA C   1 ? 
ATOM   624  O O   . ASN A 1 80  ? -0.274  -9.204  19.719  1.000 66.881  0 80  ASN AAA O   1 ? 
ATOM   625  C CB  . ASN A 1 80  ? -1.766  -7.670  22.351  1.000 75.325  0 80  ASN AAA CB  1 ? 
ATOM   626  C CG  . ASN A 1 80  ? -1.903  -9.143  22.663  1.000 72.163  0 80  ASN AAA CG  1 ? 
ATOM   627  O OD1 . ASN A 1 80  ? -1.122  -9.689  23.437  1.000 84.752  0 80  ASN AAA OD1 1 ? 
ATOM   628  N ND2 . ASN A 1 80  ? -2.888  -9.790  22.065  1.000 64.200  0 80  ASN AAA ND2 1 ? 
ATOM   629  N N   . GLU A 1 81  ? -2.143  -7.963  19.285  1.000 59.921  0 81  GLU AAA N   1 ? 
ATOM   630  C CA  . GLU A 1 81  ? -2.585  -8.762  18.109  1.000 70.844  0 81  GLU AAA CA  1 ? 
ATOM   631  C C   . GLU A 1 81  ? -1.505  -8.693  17.023  1.000 66.501  0 81  GLU AAA C   1 ? 
ATOM   632  O O   . GLU A 1 81  ? -0.812  -7.652  16.915  1.000 67.525  0 81  GLU AAA O   1 ? 
ATOM   633  C CB  . GLU A 1 81  ? -3.940  -8.290  17.587  1.000 72.743  0 81  GLU AAA CB  1 ? 
ATOM   634  C CG  . GLU A 1 81  ? -4.588  -9.282  16.644  1.000 73.101  0 81  GLU AAA CG  1 ? 
ATOM   635  C CD  . GLU A 1 81  ? -6.027  -8.953  16.288  1.000 78.300  0 81  GLU AAA CD  1 ? 
ATOM   636  O OE1 . GLU A 1 81  ? -6.728  -8.384  17.143  1.000 77.062  0 81  GLU AAA OE1 1 ? 
ATOM   637  O OE2 . GLU A 1 81  ? -6.446  -9.266  15.157  1.000 79.687  0 81  GLU AAA OE2 1 ? 
ATOM   638  N N   . LYS A 1 82  ? -1.342  -9.793  16.285  1.000 63.575  0 82  LYS AAA N   1 ? 
ATOM   639  C CA  . LYS A 1 82  ? -0.330  -9.949  15.211  1.000 65.361  0 82  LYS AAA CA  1 ? 
ATOM   640  C C   . LYS A 1 82  ? -1.066  -10.069 13.874  1.000 64.216  0 82  LYS AAA C   1 ? 
ATOM   641  O O   . LYS A 1 82  ? -2.214  -10.546 13.862  1.000 65.031  0 82  LYS AAA O   1 ? 
ATOM   642  C CB  . LYS A 1 82  ? 0.543   -11.177 15.481  1.000 69.373  0 82  LYS AAA CB  1 ? 
ATOM   643  C CG  . LYS A 1 82  ? 1.293   -11.162 16.809  1.000 74.434  0 82  LYS AAA CG  1 ? 
ATOM   644  C CD  . LYS A 1 82  ? 2.022   -12.457 17.119  1.000 73.596  0 82  LYS AAA CD  1 ? 
ATOM   645  C CE  . LYS A 1 82  ? 3.156   -12.749 16.159  1.000 79.584  0 82  LYS AAA CE  1 ? 
ATOM   646  N NZ  . LYS A 1 82  ? 3.884   -13.988 16.522  1.000 87.846  0 82  LYS AAA NZ  1 ? 
ATOM   647  N N   . PHE A 1 83  ? -0.444  -9.618  12.787  1.000 62.364  0 83  PHE AAA N   1 ? 
ATOM   648  C CA  . PHE A 1 83  ? -1.000  -9.739  11.420  1.000 56.752  0 83  PHE AAA CA  1 ? 
ATOM   649  C C   . PHE A 1 83  ? -0.794  -11.168 10.933  1.000 49.086  0 83  PHE AAA C   1 ? 
ATOM   650  O O   . PHE A 1 83  ? 0.317   -11.688 11.073  1.000 52.413  0 83  PHE AAA O   1 ? 
ATOM   651  C CB  . PHE A 1 83  ? -0.332  -8.738  10.471  1.000 54.969  0 83  PHE AAA CB  1 ? 
ATOM   652  C CG  . PHE A 1 83  ? -0.619  -7.303  10.826  1.000 51.562  0 83  PHE AAA CG  1 ? 
ATOM   653  C CD1 . PHE A 1 83  ? -1.927  -6.886  11.001  1.000 44.502  0 83  PHE AAA CD1 1 ? 
ATOM   654  C CD2 . PHE A 1 83  ? 0.402   -6.377  10.976  1.000 47.074  0 83  PHE AAA CD2 1 ? 
ATOM   655  C CE1 . PHE A 1 83  ? -2.211  -5.575  11.333  1.000 50.031  0 83  PHE AAA CE1 1 ? 
ATOM   656  C CE2 . PHE A 1 83  ? 0.112   -5.065  11.319  1.000 42.139  0 83  PHE AAA CE2 1 ? 
ATOM   657  C CZ  . PHE A 1 83  ? -1.190  -4.672  11.499  1.000 45.656  0 83  PHE AAA CZ  1 ? 
ATOM   658  N N   . ARG A 1 84  ? -1.814  -11.755 10.313  1.000 52.406  0 84  ARG AAA N   1 ? 
ATOM   659  C CA  . ARG A 1 84  ? -1.613  -12.921 9.424   1.000 52.208  0 84  ARG AAA CA  1 ? 
ATOM   660  C C   . ARG A 1 84  ? -0.431  -12.607 8.496   1.000 54.752  0 84  ARG AAA C   1 ? 
ATOM   661  O O   . ARG A 1 84  ? -0.411  -11.501 7.910   1.000 47.286  0 84  ARG AAA O   1 ? 
ATOM   662  C CB  . ARG A 1 84  ? -2.885  -13.232 8.637   1.000 58.118  0 84  ARG AAA CB  1 ? 
ATOM   663  C CG  . ARG A 1 84  ? -2.791  -14.513 7.821   1.000 59.473  0 84  ARG AAA CG  1 ? 
ATOM   664  C CD  . ARG A 1 84  ? -2.406  -14.257 6.379   1.000 66.147  0 84  ARG AAA CD  1 ? 
ATOM   665  N NE  . ARG A 1 84  ? -3.365  -13.383 5.716   1.000 66.544  0 84  ARG AAA NE  1 ? 
ATOM   666  C CZ  . ARG A 1 84  ? -4.300  -13.777 4.860   1.000 73.395  0 84  ARG AAA CZ  1 ? 
ATOM   667  N NH1 . ARG A 1 84  ? -4.431  -15.057 4.539   1.000 73.355  0 84  ARG AAA NH1 1 ? 
ATOM   668  N NH2 . ARG A 1 84  ? -5.094  -12.874 4.308   1.000 73.097  0 84  ARG AAA NH2 1 ? 
ATOM   669  N N   . ASP A 1 85  ? 0.525   -13.537 8.379   1.000 55.590  0 85  ASP AAA N   1 ? 
ATOM   670  C CA  . ASP A 1 85  ? 1.787   -13.342 7.622   1.000 51.759  0 85  ASP AAA CA  1 ? 
ATOM   671  C C   . ASP A 1 85  ? 1.491   -13.454 6.122   1.000 54.000  0 85  ASP AAA C   1 ? 
ATOM   672  O O   . ASP A 1 85  ? 1.206   -14.575 5.651   1.000 52.516  0 85  ASP AAA O   1 ? 
ATOM   673  C CB  . ASP A 1 85  ? 2.871   -14.345 8.023   1.000 52.757  0 85  ASP AAA CB  1 ? 
ATOM   674  C CG  . ASP A 1 85  ? 4.186   -14.094 7.306   1.000 57.076  0 85  ASP AAA CG  1 ? 
ATOM   675  O OD1 . ASP A 1 85  ? 4.295   -13.040 6.664   1.000 61.277  0 85  ASP AAA OD1 1 ? 
ATOM   676  O OD2 . ASP A 1 85  ? 5.098   -14.942 7.392   1.000 50.567  0 85  ASP AAA OD2 1 ? 
ATOM   677  N N   . ILE A 1 86  ? 1.578   -12.342 5.380   1.000 46.604  0 86  ILE AAA N   1 ? 
ATOM   678  C CA  . ILE A 1 86  ? 1.236   -12.343 3.929   1.000 46.626  0 86  ILE AAA CA  1 ? 
ATOM   679  C C   . ILE A 1 86  ? 2.499   -12.157 3.088   1.000 45.810  0 86  ILE AAA C   1 ? 
ATOM   680  O O   . ILE A 1 86  ? 2.361   -11.824 1.886   1.000 47.002  0 86  ILE AAA O   1 ? 
ATOM   681  C CB  . ILE A 1 86  ? 0.142   -11.301 3.618   1.000 44.646  0 86  ILE AAA CB  1 ? 
ATOM   682  C CG1 . ILE A 1 86  ? 0.542   -9.862  3.953   1.000 46.085  0 86  ILE AAA CG1 1 ? 
ATOM   683  C CG2 . ILE A 1 86  ? -1.166  -11.687 4.281   1.000 46.112  0 86  ILE AAA CG2 1 ? 
ATOM   684  C CD1 . ILE A 1 86  ? -0.380  -8.831  3.293   1.000 40.628  0 86  ILE AAA CD1 1 ? 
ATOM   685  N N   . ARG A 1 87  ? 3.688   -12.457 3.624   1.000 46.733  0 87  ARG AAA N   1 ? 
ATOM   686  C CA  . ARG A 1 87  ? 4.940   -12.280 2.842   1.000 45.345  0 87  ARG AAA CA  1 ? 
ATOM   687  C C   . ARG A 1 87  ? 4.949   -13.246 1.663   1.000 43.085  0 87  ARG AAA C   1 ? 
ATOM   688  O O   . ARG A 1 87  ? 5.494   -12.873 0.616   1.000 42.761  0 87  ARG AAA O   1 ? 
ATOM   689  C CB  . ARG A 1 87  ? 6.182   -12.415 3.712   1.000 51.508  0 87  ARG AAA CB  1 ? 
ATOM   690  C CG  . ARG A 1 87  ? 6.396   -11.224 4.625   1.000 49.253  0 87  ARG AAA CG  1 ? 
ATOM   691  C CD  . ARG A 1 87  ? 7.558   -11.497 5.518   1.000 48.395  0 87  ARG AAA CD  1 ? 
ATOM   692  N NE  . ARG A 1 87  ? 7.141   -12.431 6.553   1.000 53.001  0 87  ARG AAA NE  1 ? 
ATOM   693  C CZ  . ARG A 1 87  ? 7.899   -12.783 7.582   1.000 53.699  0 87  ARG AAA CZ  1 ? 
ATOM   694  N NH1 . ARG A 1 87  ? 9.112   -12.271 7.706   1.000 53.548  0 87  ARG AAA NH1 1 ? 
ATOM   695  N NH2 . ARG A 1 87  ? 7.432   -13.626 8.484   1.000 50.955  0 87  ARG AAA NH2 1 ? 
ATOM   696  N N   . GLY A 1 88  ? 4.309   -14.403 1.823   1.000 42.768  0 88  GLY AAA N   1 ? 
ATOM   697  C CA  . GLY A 1 88  ? 4.091   -15.398 0.767   1.000 41.240  0 88  GLY AAA CA  1 ? 
ATOM   698  C C   . GLY A 1 88  ? 3.428   -14.800 -0.465  1.000 44.639  0 88  GLY AAA C   1 ? 
ATOM   699  O O   . GLY A 1 88  ? 3.635   -15.324 -1.563  1.000 44.789  0 88  GLY AAA O   1 ? 
ATOM   700  N N   . PHE A 1 89  ? 2.650   -13.733 -0.308  1.000 45.929  0 89  PHE AAA N   1 ? 
ATOM   701  C CA  . PHE A 1 89  ? 1.815   -13.177 -1.403  1.000 44.584  0 89  PHE AAA CA  1 ? 
ATOM   702  C C   . PHE A 1 89  ? 2.581   -12.067 -2.127  1.000 43.753  0 89  PHE AAA C   1 ? 
ATOM   703  O O   . PHE A 1 89  ? 2.108   -11.587 -3.195  1.000 41.645  0 89  PHE AAA O   1 ? 
ATOM   704  C CB  . PHE A 1 89  ? 0.471   -12.735 -0.825  1.000 43.551  0 89  PHE AAA CB  1 ? 
ATOM   705  C CG  . PHE A 1 89  ? -0.407  -13.832 -0.281  1.000 43.915  0 89  PHE AAA CG  1 ? 
ATOM   706  C CD1 . PHE A 1 89  ? -1.031  -14.731 -1.134  1.000 50.538  0 89  PHE AAA CD1 1 ? 
ATOM   707  C CD2 . PHE A 1 89  ? -0.678  -13.921 1.075   1.000 48.391  0 89  PHE AAA CD2 1 ? 
ATOM   708  C CE1 . PHE A 1 89  ? -1.861  -15.724 -0.629  1.000 53.776  0 89  PHE AAA CE1 1 ? 
ATOM   709  C CE2 . PHE A 1 89  ? -1.532  -14.891 1.573   1.000 49.535  0 89  PHE AAA CE2 1 ? 
ATOM   710  C CZ  . PHE A 1 89  ? -2.111  -15.800 0.723   1.000 47.917  0 89  PHE AAA CZ  1 ? 
ATOM   711  N N   . LEU A 1 90  ? 3.751   -11.690 -1.592  1.000 42.477  0 90  LEU AAA N   1 ? 
ATOM   712  C CA  . LEU A 1 90  ? 4.600   -10.593 -2.124  1.000 41.067  0 90  LEU AAA CA  1 ? 
ATOM   713  C C   . LEU A 1 90  ? 5.620   -11.193 -3.083  1.000 45.927  0 90  LEU AAA C   1 ? 
ATOM   714  O O   . LEU A 1 90  ? 6.253   -12.184 -2.702  1.000 47.941  0 90  LEU AAA O   1 ? 
ATOM   715  C CB  . LEU A 1 90  ? 5.329   -9.899  -0.975  1.000 42.465  0 90  LEU AAA CB  1 ? 
ATOM   716  C CG  . LEU A 1 90  ? 4.474   -9.301  0.134   1.000 44.525  0 90  LEU AAA CG  1 ? 
ATOM   717  C CD1 . LEU A 1 90  ? 5.386   -8.552  1.092   1.000 44.072  0 90  LEU AAA CD1 1 ? 
ATOM   718  C CD2 . LEU A 1 90  ? 3.411   -8.363  -0.422  1.000 45.858  0 90  LEU AAA CD2 1 ? 
ATOM   719  N N   . ALA A 1 91  ? 5.776   -10.586 -4.256  1.000 40.972  0 91  ALA AAA N   1 ? 
ATOM   720  C CA  . ALA A 1 91  ? 6.715   -10.986 -5.321  1.000 37.073  0 91  ALA AAA CA  1 ? 
ATOM   721  C C   . ALA A 1 91  ? 8.141   -10.567 -4.975  1.000 38.483  0 91  ALA AAA C   1 ? 
ATOM   722  O O   . ALA A 1 91  ? 8.355   -9.682  -4.149  1.000 41.518  0 91  ALA AAA O   1 ? 
ATOM   723  C CB  . ALA A 1 91  ? 6.285   -10.353 -6.600  1.000 38.082  0 91  ALA AAA CB  1 ? 
ATOM   724  N N   . LYS A 1 92  ? 9.118   -11.204 -5.610  1.000 42.947  0 92  LYS AAA N   1 ? 
ATOM   725  C CA  . LYS A 1 92  ? 10.535  -10.800 -5.446  1.000 45.988  0 92  LYS AAA CA  1 ? 
ATOM   726  C C   . LYS A 1 92  ? 10.837  -9.614  -6.358  1.000 48.100  0 92  LYS AAA C   1 ? 
ATOM   727  O O   . LYS A 1 92  ? 11.773  -8.858  -6.032  1.000 53.283  0 92  LYS AAA O   1 ? 
ATOM   728  C CB  . LYS A 1 92  ? 11.440  -12.000 -5.715  1.000 46.222  0 92  LYS AAA CB  1 ? 
ATOM   729  C CG  . LYS A 1 92  ? 11.402  -13.030 -4.600  1.000 53.464  0 92  LYS AAA CG  1 ? 
ATOM   730  C CD  . LYS A 1 92  ? 12.538  -14.021 -4.687  1.000 55.927  0 92  LYS AAA CD  1 ? 
ATOM   731  C CE  . LYS A 1 92  ? 12.558  -14.968 -3.508  1.000 62.857  0 92  LYS AAA CE  1 ? 
ATOM   732  N NZ  . LYS A 1 92  ? 13.746  -15.854 -3.555  1.000 66.556  0 92  LYS AAA NZ  1 ? 
ATOM   733  N N   . GLU A 1 93  ? 10.136  -9.503  -7.481  1.000 46.112  0 93  GLU AAA N   1 ? 
ATOM   734  C CA  . GLU A 1 93  ? 10.302  -8.357  -8.422  1.000 53.072  0 93  GLU AAA CA  1 ? 
ATOM   735  C C   . GLU A 1 93  ? 8.925   -7.847  -8.854  1.000 51.213  0 93  GLU AAA C   1 ? 
ATOM   736  O O   . GLU A 1 93  ? 7.904   -8.494  -8.525  1.000 49.235  0 93  GLU AAA O   1 ? 
ATOM   737  C CB  . GLU A 1 93  ? 11.154  -8.767  -9.621  1.000 53.288  0 93  GLU AAA CB  1 ? 
ATOM   738  C CG  . GLU A 1 93  ? 10.530  -9.877  -10.433 1.000 57.155  0 93  GLU AAA CG  1 ? 
ATOM   739  C CD  . GLU A 1 93  ? 11.447  -10.501 -11.463 1.000 63.756  0 93  GLU AAA CD  1 ? 
ATOM   740  O OE1 . GLU A 1 93  ? 12.591  -10.860 -11.104 1.000 73.162  0 93  GLU AAA OE1 1 ? 
ATOM   741  O OE2 . GLU A 1 93  ? 11.006  -10.636 -12.616 1.000 66.644  0 93  GLU AAA OE2 1 ? 
ATOM   742  N N   . GLU A 1 94  ? 8.912   -6.740  -9.595  1.000 54.107  0 94  GLU AAA N   1 ? 
ATOM   743  C CA  . GLU A 1 94  ? 7.677   -6.035  -10.025 1.000 54.922  0 94  GLU AAA CA  1 ? 
ATOM   744  C C   . GLU A 1 94  ? 6.828   -6.994  -10.865 1.000 56.591  0 94  GLU AAA C   1 ? 
ATOM   745  O O   . GLU A 1 94  ? 7.357   -7.588  -11.839 1.000 51.179  0 94  GLU AAA O   1 ? 
ATOM   746  C CB  . GLU A 1 94  ? 8.051   -4.750  -10.772 1.000 59.514  0 94  GLU AAA CB  1 ? 
ATOM   747  C CG  . GLU A 1 94  ? 8.728   -3.697  -9.893  1.000 58.799  0 94  GLU AAA CG  1 ? 
ATOM   748  C CD  . GLU A 1 94  ? 10.251  -3.627  -9.961  1.000 65.012  0 94  GLU AAA CD  1 ? 
ATOM   749  O OE1 . GLU A 1 94  ? 10.896  -4.686  -9.893  1.000 66.392  0 94  GLU AAA OE1 1 ? 
ATOM   750  O OE2 . GLU A 1 94  ? 10.793  -2.507  -10.081 1.000 67.558  0 94  GLU AAA OE2 1 ? 
ATOM   751  N N   . VAL A 1 95  ? 5.564   -7.173  -10.471 1.000 57.699  0 95  VAL AAA N   1 ? 
ATOM   752  C CA  . VAL A 1 95  ? 4.573   -8.034  -11.176 1.000 55.806  0 95  VAL AAA CA  1 ? 
ATOM   753  C C   . VAL A 1 95  ? 3.757   -7.165  -12.142 1.000 57.952  0 95  VAL AAA C   1 ? 
ATOM   754  O O   . VAL A 1 95  ? 3.247   -6.110  -11.705 1.000 63.106  0 95  VAL AAA O   1 ? 
ATOM   755  C CB  . VAL A 1 95  ? 3.656   -8.748  -10.166 1.000 53.995  0 95  VAL AAA CB  1 ? 
ATOM   756  C CG1 . VAL A 1 95  ? 2.754   -9.756  -10.856 1.000 58.449  0 95  VAL AAA CG1 1 ? 
ATOM   757  C CG2 . VAL A 1 95  ? 4.441   -9.402  -9.043  1.000 56.587  0 95  VAL AAA CG2 1 ? 
ATOM   758  N N   . GLU A 1 96  ? 3.659   -7.569  -13.411 1.000 59.535  0 96  GLU AAA N   1 ? 
ATOM   759  C CA  . GLU A 1 96  ? 2.690   -6.987  -14.381 1.000 62.030  0 96  GLU AAA CA  1 ? 
ATOM   760  C C   . GLU A 1 96  ? 1.527   -7.960  -14.515 1.000 58.398  0 96  GLU AAA C   1 ? 
ATOM   761  O O   . GLU A 1 96  ? 1.799   -9.172  -14.585 1.000 55.338  0 96  GLU AAA O   1 ? 
ATOM   762  C CB  . GLU A 1 96  ? 3.334   -6.724  -15.736 1.000 57.715  0 96  GLU AAA CB  1 ? 
ATOM   763  C CG  . GLU A 1 96  ? 4.407   -5.661  -15.678 1.000 57.543  0 96  GLU AAA CG  1 ? 
ATOM   764  C CD  . GLU A 1 96  ? 4.892   -5.266  -17.059 1.000 64.376  0 96  GLU AAA CD  1 ? 
ATOM   765  O OE1 . GLU A 1 96  ? 4.991   -6.166  -17.914 1.000 68.261  0 96  GLU AAA OE1 1 ? 
ATOM   766  O OE2 . GLU A 1 96  ? 5.133   -4.057  -17.285 1.000 67.969  0 96  GLU AAA OE2 1 ? 
ATOM   767  N N   . VAL A 1 97  ? 0.292   -7.451  -14.482 1.000 50.809  0 97  VAL AAA N   1 ? 
ATOM   768  C CA  . VAL A 1 97  ? -0.943  -8.260  -14.698 1.000 51.721  0 97  VAL AAA CA  1 ? 
ATOM   769  C C   . VAL A 1 97  ? -1.847  -7.535  -15.702 1.000 52.942  0 97  VAL AAA C   1 ? 
ATOM   770  O O   . VAL A 1 97  ? -1.665  -6.313  -15.936 1.000 48.918  0 97  VAL AAA O   1 ? 
ATOM   771  C CB  . VAL A 1 97  ? -1.652  -8.577  -13.370 1.000 54.299  0 97  VAL AAA CB  1 ? 
ATOM   772  C CG1 . VAL A 1 97  ? -0.771  -9.450  -12.488 1.000 58.636  0 97  VAL AAA CG1 1 ? 
ATOM   773  C CG2 . VAL A 1 97  ? -2.078  -7.318  -12.620 1.000 50.996  0 97  VAL AAA CG2 1 ? 
ATOM   774  N N   . ASN A 1 98  ? -2.720  -8.297  -16.351 1.000 59.009  0 98  ASN AAA N   1 ? 
ATOM   775  C CA  . ASN A 1 98  ? -3.679  -7.770  -17.353 1.000 61.074  0 98  ASN AAA CA  1 ? 
ATOM   776  C C   . ASN A 1 98  ? -4.876  -7.210  -16.591 1.000 56.377  0 98  ASN AAA C   1 ? 
ATOM   777  O O   . ASN A 1 98  ? -5.551  -6.340  -17.153 1.000 53.710  0 98  ASN AAA O   1 ? 
ATOM   778  C CB  . ASN A 1 98  ? -4.095  -8.841  -18.365 1.000 66.055  0 98  ASN AAA CB  1 ? 
ATOM   779  C CG  . ASN A 1 98  ? -3.031  -9.102  -19.410 1.000 75.477  0 98  ASN AAA CG  1 ? 
ATOM   780  O OD1 . ASN A 1 98  ? -3.267  -9.822  -20.379 1.000 79.833  0 98  ASN AAA OD1 1 ? 
ATOM   781  N ND2 . ASN A 1 98  ? -1.856  -8.520  -19.230 1.000 82.441  0 98  ASN AAA ND2 1 ? 
ATOM   782  N N   . GLU A 1 99  ? -5.096  -7.703  -15.364 1.000 52.587  0 99  GLU AAA N   1 ? 
ATOM   783  C CA  . GLU A 1 99  ? -6.343  -7.553  -14.552 1.000 54.354  0 99  GLU AAA CA  1 ? 
ATOM   784  C C   . GLU A 1 99  ? -5.990  -7.467  -13.063 1.000 46.155  0 99  GLU AAA C   1 ? 
ATOM   785  O O   . GLU A 1 99  ? -5.593  -8.492  -12.479 1.000 57.239  0 99  GLU AAA O   1 ? 
ATOM   786  C CB  . GLU A 1 99  ? -7.263  -8.764  -14.723 1.000 55.055  0 99  GLU AAA CB  1 ? 
ATOM   787  C CG  . GLU A 1 99  ? -7.707  -9.008  -16.154 1.000 71.117  0 99  GLU AAA CG  1 ? 
ATOM   788  C CD  . GLU A 1 99  ? -9.102  -8.513  -16.469 1.000 71.521  0 99  GLU AAA CD  1 ? 
ATOM   789  O OE1 . GLU A 1 99  ? -9.397  -7.343  -16.143 1.000 83.956  0 99  GLU AAA OE1 1 ? 
ATOM   790  O OE2 . GLU A 1 99  ? -9.888  -9.301  -17.027 1.000 79.561  0 99  GLU AAA OE2 1 ? 
ATOM   791  N N   . ALA A 1 100 ? -6.197  -6.310  -12.450 1.000 42.445  0 100 ALA AAA N   1 ? 
ATOM   792  C CA  . ALA A 1 100 ? -5.907  -6.093  -11.020 1.000 40.568  0 100 ALA AAA CA  1 ? 
ATOM   793  C C   . ALA A 1 100 ? -7.144  -5.499  -10.351 1.000 43.380  0 100 ALA AAA C   1 ? 
ATOM   794  O O   . ALA A 1 100 ? -8.043  -4.979  -11.068 1.000 41.157  0 100 ALA AAA O   1 ? 
ATOM   795  C CB  . ALA A 1 100 ? -4.723  -5.184  -10.867 1.000 40.563  0 100 ALA AAA CB  1 ? 
ATOM   796  N N   . VAL A 1 101 ? -7.172  -5.576  -9.021  1.000 42.300  0 101 VAL AAA N   1 ? 
ATOM   797  C CA  . VAL A 1 101 ? -8.206  -4.925  -8.173  1.000 37.160  0 101 VAL AAA CA  1 ? 
ATOM   798  C C   . VAL A 1 101 ? -7.469  -4.012  -7.196  1.000 36.440  0 101 VAL AAA C   1 ? 
ATOM   799  O O   . VAL A 1 101 ? -6.468  -4.453  -6.603  1.000 38.281  0 101 VAL AAA O   1 ? 
ATOM   800  C CB  . VAL A 1 101 ? -9.080  -5.952  -7.438  1.000 40.952  0 101 VAL AAA CB  1 ? 
ATOM   801  C CG1 . VAL A 1 101 ? -10.052 -5.276  -6.480  1.000 42.326  0 101 VAL AAA CG1 1 ? 
ATOM   802  C CG2 . VAL A 1 101 ? -9.829  -6.843  -8.418  1.000 42.192  0 101 VAL AAA CG2 1 ? 
ATOM   803  N N   . LEU A 1 102 ? -7.921  -2.773  -7.063  1.000 33.801  0 102 LEU AAA N   1 ? 
ATOM   804  C CA  . LEU A 1 102 ? -7.400  -1.846  -6.035  1.000 33.814  0 102 LEU AAA CA  1 ? 
ATOM   805  C C   . LEU A 1 102 ? -8.458  -1.744  -4.932  1.000 36.247  0 102 LEU AAA C   1 ? 
ATOM   806  O O   . LEU A 1 102 ? -9.626  -1.435  -5.276  1.000 36.126  0 102 LEU AAA O   1 ? 
ATOM   807  C CB  . LEU A 1 102 ? -7.103  -0.492  -6.684  1.000 37.163  0 102 LEU AAA CB  1 ? 
ATOM   808  C CG  . LEU A 1 102 ? -6.532  0.552   -5.728  1.000 39.841  0 102 LEU AAA CG  1 ? 
ATOM   809  C CD1 . LEU A 1 102 ? -5.130  0.146   -5.255  1.000 38.942  0 102 LEU AAA CD1 1 ? 
ATOM   810  C CD2 . LEU A 1 102 ? -6.510  1.935   -6.375  1.000 44.662  0 102 LEU AAA CD2 1 ? 
ATOM   811  N N   . ALA A 1 103 ? -8.085  -2.074  -3.688  1.000 35.227  0 103 ALA AAA N   1 ? 
ATOM   812  C CA  . ALA A 1 103 ? -8.995  -2.124  -2.520  1.000 34.577  0 103 ALA AAA CA  1 ? 
ATOM   813  C C   . ALA A 1 103 ? -8.688  -0.970  -1.580  1.000 34.375  0 103 ALA AAA C   1 ? 
ATOM   814  O O   . ALA A 1 103 ? -7.534  -0.841  -1.171  1.000 33.451  0 103 ALA AAA O   1 ? 
ATOM   815  C CB  . ALA A 1 103 ? -8.853  -3.426  -1.796  1.000 31.944  0 103 ALA AAA CB  1 ? 
ATOM   816  N N   . ILE A 1 104 ? -9.725  -0.208  -1.219  1.000 34.014  0 104 ILE AAA N   1 ? 
ATOM   817  C CA  . ILE A 1 104 ? -9.639  1.005   -0.357  1.000 37.283  0 104 ILE AAA CA  1 ? 
ATOM   818  C C   . ILE A 1 104 ? -10.388 0.714   0.946   1.000 41.722  0 104 ILE AAA C   1 ? 
ATOM   819  O O   . ILE A 1 104 ? -11.477 0.071   0.913   1.000 40.201  0 104 ILE AAA O   1 ? 
ATOM   820  C CB  . ILE A 1 104 ? -10.201 2.267   -1.035  1.000 42.303  0 104 ILE AAA CB  1 ? 
ATOM   821  C CG1 . ILE A 1 104 ? -9.915  2.335   -2.538  1.000 47.319  0 104 ILE AAA CG1 1 ? 
ATOM   822  C CG2 . ILE A 1 104 ? -9.703  3.503   -0.306  1.000 41.200  0 104 ILE AAA CG2 1 ? 
ATOM   823  C CD1 . ILE A 1 104 ? -8.468  2.485   -2.867  1.000 45.875  0 104 ILE AAA CD1 1 ? 
ATOM   824  N N   . ASN A 1 105 ? -9.880  1.200   2.069   1.000 41.960  0 105 ASN AAA N   1 ? 
ATOM   825  C CA  . ASN A 1 105 ? -10.601 1.100   3.365   1.000 40.309  0 105 ASN AAA CA  1 ? 
ATOM   826  C C   . ASN A 1 105 ? -10.312 2.377   4.154   1.000 41.861  0 105 ASN AAA C   1 ? 
ATOM   827  O O   . ASN A 1 105 ? -9.390  2.361   4.995   1.000 46.027  0 105 ASN AAA O   1 ? 
ATOM   828  C CB  . ASN A 1 105 ? -10.178 -0.184  4.094   1.000 47.842  0 105 ASN AAA CB  1 ? 
ATOM   829  C CG  . ASN A 1 105 ? -10.781 -0.376  5.468   1.000 52.545  0 105 ASN AAA CG  1 ? 
ATOM   830  O OD1 . ASN A 1 105 ? -11.771 0.274   5.813   1.000 49.133  0 105 ASN AAA OD1 1 ? 
ATOM   831  N ND2 . ASN A 1 105 ? -10.194 -1.297  6.235   1.000 49.414  0 105 ASN AAA ND2 1 ? 
ATOM   832  N N   . THR A 1 106 ? -11.030 3.443   3.851   1.000 39.032  0 106 THR AAA N   1 ? 
ATOM   833  C CA  . THR A 1 106 ? -10.939 4.713   4.626   1.000 47.907  0 106 THR AAA CA  1 ? 
ATOM   834  C C   . THR A 1 106 ? -12.337 5.028   5.185   1.000 51.701  0 106 THR AAA C   1 ? 
ATOM   835  O O   . THR A 1 106 ? -13.195 4.091   5.240   1.000 49.199  0 106 THR AAA O   1 ? 
ATOM   836  C CB  . THR A 1 106 ? -10.257 5.825   3.800   1.000 45.972  0 106 THR AAA CB  1 ? 
ATOM   837  O OG1 . THR A 1 106 ? -10.961 6.087   2.587   1.000 48.161  0 106 THR AAA OG1 1 ? 
ATOM   838  C CG2 . THR A 1 106 ? -8.812  5.514   3.468   1.000 42.448  0 106 THR AAA CG2 1 ? 
ATOM   839  N N   . SER A 1 107 ? -12.551 6.272   5.627   1.000 56.622  0 107 SER AAA N   1 ? 
ATOM   840  C CA  . SER A 1 107 ? -13.876 6.861   5.972   1.000 59.042  0 107 SER AAA CA  1 ? 
ATOM   841  C C   . SER A 1 107 ? -14.573 7.301   4.684   1.000 57.028  0 107 SER AAA C   1 ? 
ATOM   842  O O   . SER A 1 107 ? -15.784 7.115   4.567   1.000 74.043  0 107 SER AAA O   1 ? 
ATOM   843  C CB  . SER A 1 107 ? -13.724 8.036   6.927   1.000 53.777  0 107 SER AAA CB  1 ? 
ATOM   844  O OG  . SER A 1 107 ? -13.161 7.611   8.167   1.000 56.882  0 107 SER AAA OG  1 ? 
ATOM   845  N N   . LYS A 1 108 ? -13.791 7.832   3.752   1.000 56.519  0 108 LYS AAA N   1 ? 
ATOM   846  C CA  . LYS A 1 108 ? -14.210 8.415   2.453   1.000 58.108  0 108 LYS AAA CA  1 ? 
ATOM   847  C C   . LYS A 1 108 ? -14.648 7.326   1.463   1.000 71.841  0 108 LYS AAA C   1 ? 
ATOM   848  O O   . LYS A 1 108 ? -15.754 7.464   0.892   1.000 82.837  0 108 LYS AAA O   1 ? 
ATOM   849  C CB  . LYS A 1 108 ? -13.021 9.184   1.885   1.000 64.778  0 108 LYS AAA CB  1 ? 
ATOM   850  C CG  . LYS A 1 108 ? -13.263 9.948   0.593   1.000 73.484  0 108 LYS AAA CG  1 ? 
ATOM   851  C CD  . LYS A 1 108 ? -12.752 11.382  0.642   1.000 81.769  0 108 LYS AAA CD  1 ? 
ATOM   852  C CE  . LYS A 1 108 ? -11.345 11.521  1.196   1.000 86.128  0 108 LYS AAA CE  1 ? 
ATOM   853  N NZ  . LYS A 1 108 ? -10.798 12.880  0.957   1.000 92.418  0 108 LYS AAA NZ  1 ? 
ATOM   854  N N   . PHE A 1 109 ? -13.792 6.322   1.218   1.000 61.950  0 109 PHE AAA N   1 ? 
ATOM   855  C CA  . PHE A 1 109 ? -14.071 5.143   0.348   1.000 56.134  0 109 PHE AAA CA  1 ? 
ATOM   856  C C   . PHE A 1 109 ? -14.057 3.891   1.217   1.000 53.711  0 109 PHE AAA C   1 ? 
ATOM   857  O O   . PHE A 1 109 ? -13.069 3.161   1.273   1.000 47.774  0 109 PHE AAA O   1 ? 
ATOM   858  C CB  . PHE A 1 109 ? -13.056 5.052   -0.791  1.000 59.277  0 109 PHE AAA CB  1 ? 
ATOM   859  C CG  . PHE A 1 109 ? -12.958 6.272   -1.662  1.000 57.983  0 109 PHE AAA CG  1 ? 
ATOM   860  C CD1 . PHE A 1 109 ? -14.027 6.685   -2.434  1.000 63.271  0 109 PHE AAA CD1 1 ? 
ATOM   861  C CD2 . PHE A 1 109 ? -11.790 7.015   -1.713  1.000 54.307  0 109 PHE AAA CD2 1 ? 
ATOM   862  C CE1 . PHE A 1 109 ? -13.918 7.804   -3.247  1.000 70.839  0 109 PHE AAA CE1 1 ? 
ATOM   863  C CE2 . PHE A 1 109 ? -11.684 8.135   -2.519  1.000 53.902  0 109 PHE AAA CE2 1 ? 
ATOM   864  C CZ  . PHE A 1 109 ? -12.746 8.526   -3.292  1.000 65.143  0 109 PHE AAA CZ  1 ? 
ATOM   865  N N   . PRO A 1 110 ? -15.120 3.643   2.019   1.000 50.911  0 110 PRO AAA N   1 ? 
ATOM   866  C CA  . PRO A 1 110 ? -15.156 2.459   2.861   1.000 50.229  0 110 PRO AAA CA  1 ? 
ATOM   867  C C   . PRO A 1 110 ? -15.448 1.209   2.005   1.000 50.143  0 110 PRO AAA C   1 ? 
ATOM   868  O O   . PRO A 1 110 ? -16.299 1.250   1.110   1.000 63.274  0 110 PRO AAA O   1 ? 
ATOM   869  C CB  . PRO A 1 110 ? -16.239 2.801   3.887   1.000 54.702  0 110 PRO AAA CB  1 ? 
ATOM   870  C CG  . PRO A 1 110 ? -17.173 3.703   3.132   1.000 54.295  0 110 PRO AAA CG  1 ? 
ATOM   871  C CD  . PRO A 1 110 ? -16.292 4.517   2.211   1.000 59.086  0 110 PRO AAA CD  1 ? 
ATOM   872  N N   . ASN A 1 111 ? -14.687 0.163   2.295   1.000 46.230  0 111 ASN AAA N   1 ? 
ATOM   873  C CA  . ASN A 1 111 ? -14.640 -1.189  1.673   1.000 50.816  0 111 ASN AAA CA  1 ? 
ATOM   874  C C   . ASN A 1 111 ? -15.074 -1.134  0.207   1.000 42.831  0 111 ASN AAA C   1 ? 
ATOM   875  O O   . ASN A 1 111 ? -16.034 -1.845  -0.169  1.000 42.784  0 111 ASN AAA O   1 ? 
ATOM   876  C CB  . ASN A 1 111 ? -15.395 -2.207  2.538   1.000 62.141  0 111 ASN AAA CB  1 ? 
ATOM   877  C CG  . ASN A 1 111 ? -14.602 -3.486  2.740   1.000 68.251  0 111 ASN AAA CG  1 ? 
ATOM   878  O OD1 . ASN A 1 111 ? -13.411 -3.446  3.065   1.000 78.313  0 111 ASN AAA OD1 1 ? 
ATOM   879  N ND2 . ASN A 1 111 ? -15.237 -4.629  2.521   1.000 65.730  0 111 ASN AAA ND2 1 ? 
ATOM   880  N N   . MET A 1 112 ? -14.390 -0.333  -0.605  1.000 39.822  0 112 MET AAA N   1 ? 
ATOM   881  C CA  . MET A 1 112 ? -14.610 -0.268  -2.064  1.000 37.987  0 112 MET AAA CA  1 ? 
ATOM   882  C C   . MET A 1 112 ? -13.486 -1.027  -2.798  1.000 37.567  0 112 MET AAA C   1 ? 
ATOM   883  O O   . MET A 1 112 ? -12.302 -1.007  -2.347  1.000 38.168  0 112 MET AAA O   1 ? 
ATOM   884  C CB  . MET A 1 112 ? -14.728 1.180   -2.544  1.000 46.869  0 112 MET AAA CB  1 ? 
ATOM   885  C CG  . MET A 1 112 ? -15.938 1.864   -1.895  1.000 53.593  0 112 MET AAA CG  1 ? 
ATOM   886  S SD  . MET A 1 112 ? -16.307 3.495   -2.547  1.000 66.723  0 112 MET AAA SD  1 ? 
ATOM   887  C CE  . MET A 1 112 ? -17.580 3.917   -1.355  1.000 65.621  0 112 MET AAA CE  1 ? 
ATOM   888  N N   . TYR A 1 113 ? -13.846 -1.654  -3.913  1.000 34.798  0 113 TYR AAA N   1 ? 
ATOM   889  C CA  . TYR A 1 113 ? -12.956 -2.438  -4.797  1.000 36.509  0 113 TYR AAA CA  1 ? 
ATOM   890  C C   . TYR A 1 113 ? -13.113 -1.894  -6.219  1.000 37.848  0 113 TYR AAA C   1 ? 
ATOM   891  O O   . TYR A 1 113 ? -14.256 -1.721  -6.657  1.000 35.882  0 113 TYR AAA O   1 ? 
ATOM   892  C CB  . TYR A 1 113 ? -13.299 -3.925  -4.673  1.000 36.104  0 113 TYR AAA CB  1 ? 
ATOM   893  C CG  . TYR A 1 113 ? -13.112 -4.411  -3.257  1.000 34.785  0 113 TYR AAA CG  1 ? 
ATOM   894  C CD1 . TYR A 1 113 ? -14.083 -4.196  -2.298  1.000 36.175  0 113 TYR AAA CD1 1 ? 
ATOM   895  C CD2 . TYR A 1 113 ? -11.966 -5.096  -2.879  1.000 32.168  0 113 TYR AAA CD2 1 ? 
ATOM   896  C CE1 . TYR A 1 113 ? -13.891 -4.582  -0.974  1.000 32.016  0 113 TYR AAA CE1 1 ? 
ATOM   897  C CE2 . TYR A 1 113 ? -11.768 -5.506  -1.568  1.000 34.317  0 113 TYR AAA CE2 1 ? 
ATOM   898  C CZ  . TYR A 1 113 ? -12.740 -5.264  -0.617  1.000 35.017  0 113 TYR AAA CZ  1 ? 
ATOM   899  O OH  . TYR A 1 113 ? -12.521 -5.657  0.679   1.000 37.562  0 113 TYR AAA OH  1 ? 
ATOM   900  N N   . ILE A 1 114 ? -11.993 -1.568  -6.854  1.000 33.126  0 114 ILE AAA N   1 ? 
ATOM   901  C CA  . ILE A 1 114 ? -11.930 -0.956  -8.202  1.000 37.114  0 114 ILE AAA CA  1 ? 
ATOM   902  C C   . ILE A 1 114 ? -11.184 -1.914  -9.121  1.000 42.996  0 114 ILE AAA C   1 ? 
ATOM   903  O O   . ILE A 1 114 ? -10.009 -2.200  -8.904  1.000 38.954  0 114 ILE AAA O   1 ? 
ATOM   904  C CB  . ILE A 1 114 ? -11.244 0.414   -8.172  1.000 37.380  0 114 ILE AAA CB  1 ? 
ATOM   905  C CG1 . ILE A 1 114 ? -11.861 1.322   -7.101  1.000 39.478  0 114 ILE AAA CG1 1 ? 
ATOM   906  C CG2 . ILE A 1 114 ? -11.300 1.066   -9.549  1.000 40.506  0 114 ILE AAA CG2 1 ? 
ATOM   907  C CD1 . ILE A 1 114 ? -10.994 2.501   -6.709  1.000 40.767  0 114 ILE AAA CD1 1 ? 
ATOM   908  N N   . PRO A 1 115 ? -11.828 -2.388  -10.202 1.000 37.196  0 115 PRO AAA N   1 ? 
ATOM   909  C CA  . PRO A 1 115 ? -11.108 -3.126  -11.241 1.000 41.051  0 115 PRO AAA CA  1 ? 
ATOM   910  C C   . PRO A 1 115 ? -10.329 -2.089  -12.069 1.000 45.017  0 115 PRO AAA C   1 ? 
ATOM   911  O O   . PRO A 1 115 ? -10.964 -1.262  -12.654 1.000 48.315  0 115 PRO AAA O   1 ? 
ATOM   912  C CB  . PRO A 1 115 ? -12.251 -3.856  -11.949 1.000 42.108  0 115 PRO AAA CB  1 ? 
ATOM   913  C CG  . PRO A 1 115 ? -13.441 -2.909  -11.812 1.000 40.689  0 115 PRO AAA CG  1 ? 
ATOM   914  C CD  . PRO A 1 115 ? -13.256 -2.234  -10.474 1.000 37.959  0 115 PRO AAA CD  1 ? 
ATOM   915  N N   . VAL A 1 116 ? -8.989  -2.098  -12.049 1.000 45.469  0 116 VAL AAA N   1 ? 
ATOM   916  C CA  . VAL A 1 116 ? -8.148  -1.012  -12.646 1.000 42.612  0 116 VAL AAA CA  1 ? 
ATOM   917  C C   . VAL A 1 116 ? -7.562  -1.466  -13.982 1.000 49.985  0 116 VAL AAA C   1 ? 
ATOM   918  O O   . VAL A 1 116 ? -6.871  -0.628  -14.624 1.000 58.150  0 116 VAL AAA O   1 ? 
ATOM   919  C CB  . VAL A 1 116 ? -6.998  -0.569  -11.725 1.000 45.374  0 116 VAL AAA CB  1 ? 
ATOM   920  C CG1 . VAL A 1 116 ? -7.520  0.150   -10.490 1.000 47.080  0 116 VAL AAA CG1 1 ? 
ATOM   921  C CG2 . VAL A 1 116 ? -6.076  -1.724  -11.353 1.000 45.044  0 116 VAL AAA CG2 1 ? 
ATOM   922  N N   . GLY A 1 117 ? -7.744  -2.738  -14.330 1.000 48.654  0 117 GLY AAA N   1 ? 
ATOM   923  C CA  . GLY A 1 117 ? -7.256  -3.294  -15.602 1.000 53.713  0 117 GLY AAA CA  1 ? 
ATOM   924  C C   . GLY A 1 117 ? -5.758  -3.521  -15.574 1.000 53.238  0 117 GLY AAA C   1 ? 
ATOM   925  O O   . GLY A 1 117 ? -5.219  -3.870  -14.506 1.000 53.055  0 117 GLY AAA O   1 ? 
ATOM   926  N N   . GLN A 1 118 ? -5.106  -3.304  -16.710 1.000 52.195  0 118 GLN AAA N   1 ? 
ATOM   927  C CA  . GLN A 1 118 ? -3.699  -3.698  -16.951 1.000 58.823  0 118 GLN AAA CA  1 ? 
ATOM   928  C C   . GLN A 1 118 ? -2.812  -2.868  -16.027 1.000 50.195  0 118 GLN AAA C   1 ? 
ATOM   929  O O   . GLN A 1 118 ? -3.007  -1.631  -15.918 1.000 49.637  0 118 GLN AAA O   1 ? 
ATOM   930  C CB  . GLN A 1 118 ? -3.326  -3.549  -18.433 1.000 64.935  0 118 GLN AAA CB  1 ? 
ATOM   931  C CG  . GLN A 1 118 ? -1.824  -3.608  -18.691 1.000 72.335  0 118 GLN AAA CG  1 ? 
ATOM   932  C CD  . GLN A 1 118 ? -1.480  -4.209  -20.031 1.000 77.428  0 118 GLN AAA CD  1 ? 
ATOM   933  O OE1 . GLN A 1 118 ? -1.857  -5.342  -20.335 1.000 89.279  0 118 GLN AAA OE1 1 ? 
ATOM   934  N NE2 . GLN A 1 118 ? -0.731  -3.466  -20.833 1.000 76.240  0 118 GLN AAA NE2 1 ? 
ATOM   935  N N   . VAL A 1 119 ? -1.884  -3.549  -15.363 1.000 46.289  0 119 VAL AAA N   1 ? 
ATOM   936  C CA  . VAL A 1 119 ? -0.818  -2.937  -14.529 1.000 45.576  0 119 VAL AAA CA  1 ? 
ATOM   937  C C   . VAL A 1 119 ? 0.497   -3.127  -15.295 1.000 49.407  0 119 VAL AAA C   1 ? 
ATOM   938  O O   . VAL A 1 119 ? 0.792   -4.285  -15.639 1.000 50.399  0 119 VAL AAA O   1 ? 
ATOM   939  C CB  . VAL A 1 119 ? -0.757  -3.594  -13.129 1.000 42.859  0 119 VAL AAA CB  1 ? 
ATOM   940  C CG1 . VAL A 1 119 ? 0.387   -3.065  -12.306 1.000 43.711  0 119 VAL AAA CG1 1 ? 
ATOM   941  C CG2 . VAL A 1 119 ? -2.050  -3.394  -12.341 1.000 43.551  0 119 VAL AAA CG2 1 ? 
ATOM   942  N N   . THR A 1 120 ? 1.236   -2.051  -15.549 1.000 53.016  0 120 THR AAA N   1 ? 
ATOM   943  C CA  . THR A 1 120 ? 2.526   -2.118  -16.290 1.000 56.842  0 120 THR AAA CA  1 ? 
ATOM   944  C C   . THR A 1 120 ? 3.624   -1.596  -15.370 1.000 57.123  0 120 THR AAA C   1 ? 
ATOM   945  O O   . THR A 1 120 ? 3.363   -0.692  -14.555 1.000 59.954  0 120 THR AAA O   1 ? 
ATOM   946  C CB  . THR A 1 120 ? 2.477   -1.401  -17.650 1.000 59.944  0 120 THR AAA CB  1 ? 
ATOM   947  O OG1 . THR A 1 120 ? 1.709   -0.198  -17.559 1.000 61.688  0 120 THR AAA OG1 1 ? 
ATOM   948  C CG2 . THR A 1 120 ? 1.904   -2.273  -18.748 1.000 63.505  0 120 THR AAA CG2 1 ? 
ATOM   949  N N   . GLU A 1 121 ? 4.801   -2.204  -15.471 1.000 55.557  0 121 GLU AAA N   1 ? 
ATOM   950  C CA  . GLU A 1 121 ? 6.034   -1.726  -14.824 1.000 57.536  0 121 GLU AAA CA  1 ? 
ATOM   951  C C   . GLU A 1 121 ? 6.355   -0.371  -15.450 1.000 58.666  0 121 GLU AAA C   1 ? 
ATOM   952  O O   . GLU A 1 121 ? 6.547   -0.318  -16.680 1.000 71.294  0 121 GLU AAA O   1 ? 
ATOM   953  C CB  . GLU A 1 121 ? 7.126   -2.780  -15.007 1.000 63.493  0 121 GLU AAA CB  1 ? 
ATOM   954  C CG  . GLU A 1 121 ? 8.331   -2.570  -14.113 1.000 68.699  0 121 GLU AAA CG  1 ? 
ATOM   955  C CD  . GLU A 1 121 ? 9.315   -3.723  -14.190 1.000 66.297  0 121 GLU AAA CD  1 ? 
ATOM   956  O OE1 . GLU A 1 121 ? 10.366  -3.642  -13.530 1.000 79.359  0 121 GLU AAA OE1 1 ? 
ATOM   957  O OE2 . GLU A 1 121 ? 9.020   -4.700  -14.906 1.000 64.133  0 121 GLU AAA OE2 1 ? 
ATOM   958  N N   . TYR A 1 122 ? 6.311   0.684   -14.644 1.000 56.564  0 122 TYR AAA N   1 ? 
ATOM   959  C CA  . TYR A 1 122 ? 6.516   2.097   -15.047 1.000 61.614  0 122 TYR AAA CA  1 ? 
ATOM   960  C C   . TYR A 1 122 ? 7.965   2.481   -14.742 1.000 66.162  0 122 TYR AAA C   1 ? 
ATOM   961  O O   . TYR A 1 122 ? 8.577   3.184   -15.563 1.000 78.754  0 122 TYR AAA O   1 ? 
ATOM   962  C CB  . TYR A 1 122 ? 5.550   3.007   -14.283 1.000 58.685  0 122 TYR AAA CB  1 ? 
ATOM   963  C CG  . TYR A 1 122 ? 5.295   4.353   -14.915 1.000 55.462  0 122 TYR AAA CG  1 ? 
ATOM   964  C CD1 . TYR A 1 122 ? 4.420   4.474   -15.985 1.000 57.194  0 122 TYR AAA CD1 1 ? 
ATOM   965  C CD2 . TYR A 1 122 ? 5.889   5.504   -14.424 1.000 52.464  0 122 TYR AAA CD2 1 ? 
ATOM   966  C CE1 . TYR A 1 122 ? 4.164   5.700   -16.574 1.000 59.339  0 122 TYR AAA CE1 1 ? 
ATOM   967  C CE2 . TYR A 1 122 ? 5.642   6.740   -14.996 1.000 59.407  0 122 TYR AAA CE2 1 ? 
ATOM   968  C CZ  . TYR A 1 122 ? 4.778   6.840   -16.079 1.000 63.194  0 122 TYR AAA CZ  1 ? 
ATOM   969  O OH  . TYR A 1 122 ? 4.506   8.050   -16.658 1.000 66.019  0 122 TYR AAA OH  1 ? 
ATOM   970  N N   . GLY A 1 123 ? 8.468   2.036   -13.586 1.000 69.191  0 123 GLY AAA N   1 ? 
ATOM   971  C CA  . GLY A 1 123 ? 9.840   2.285   -13.111 1.000 70.361  0 123 GLY AAA CA  1 ? 
ATOM   972  C C   . GLY A 1 123 ? 9.976   3.666   -12.494 1.000 77.028  0 123 GLY AAA C   1 ? 
ATOM   973  O O   . GLY A 1 123 ? 9.458   3.857   -11.365 1.000 67.840  0 123 GLY AAA O   1 ? 
ATOM   974  N N   . PHE A 1 124 ? 10.628  4.595   -13.209 1.000 68.158  0 124 PHE AAA N   1 ? 
ATOM   975  C CA  . PHE A 1 124 ? 10.946  5.969   -12.741 1.000 65.178  0 124 PHE AAA CA  1 ? 
ATOM   976  C C   . PHE A 1 124 ? 9.721   6.866   -12.926 1.000 62.148  0 124 PHE AAA C   1 ? 
ATOM   977  O O   . PHE A 1 124 ? 8.946   6.686   -13.882 1.000 67.723  0 124 PHE AAA O   1 ? 
ATOM   978  C CB  . PHE A 1 124 ? 12.153  6.567   -13.476 1.000 64.629  0 124 PHE AAA CB  1 ? 
ATOM   979  N N   . LEU A 1 125 ? 9.559   7.794   -11.991 1.000 66.221  0 125 LEU AAA N   1 ? 
ATOM   980  C CA  . LEU A 1 125 ? 8.513   8.845   -11.995 1.000 70.821  0 125 LEU AAA CA  1 ? 
ATOM   981  C C   . LEU A 1 125 ? 8.987   9.930   -11.039 1.000 65.882  0 125 LEU AAA C   1 ? 
ATOM   982  O O   . LEU A 1 125 ? 9.551   9.571   -9.994  1.000 60.354  0 125 LEU AAA O   1 ? 
ATOM   983  C CB  . LEU A 1 125 ? 7.168   8.261   -11.539 1.000 76.119  0 125 LEU AAA CB  1 ? 
ATOM   984  C CG  . LEU A 1 125 ? 6.069   9.293   -11.269 1.000 74.913  0 125 LEU AAA CG  1 ? 
ATOM   985  C CD1 . LEU A 1 125 ? 5.646   9.963   -12.563 1.000 69.759  0 125 LEU AAA CD1 1 ? 
ATOM   986  C CD2 . LEU A 1 125 ? 4.867   8.670   -10.566 1.000 74.372  0 125 LEU AAA CD2 1 ? 
ATOM   987  N N   . ASN A 1 126 ? 8.804   11.194  -11.415 1.000 76.816  0 126 ASN AAA N   1 ? 
ATOM   988  C CA  . ASN A 1 126 ? 8.984   12.351  -10.504 1.000 80.995  0 126 ASN AAA CA  1 ? 
ATOM   989  C C   . ASN A 1 126 ? 7.639   12.541  -9.787  1.000 83.319  0 126 ASN AAA C   1 ? 
ATOM   990  O O   . ASN A 1 126 ? 6.710   13.072  -10.423 1.000 93.379  0 126 ASN AAA O   1 ? 
ATOM   991  C CB  . ASN A 1 126 ? 9.497   13.572  -11.278 1.000 86.265  0 126 ASN AAA CB  1 ? 
ATOM   992  C CG  . ASN A 1 126 ? 10.457  14.441  -10.486 1.000 87.522  0 126 ASN AAA CG  1 ? 
ATOM   993  O OD1 . ASN A 1 126 ? 10.400  14.497  -9.260  1.000 81.768  0 126 ASN AAA OD1 1 ? 
ATOM   994  N ND2 . ASN A 1 126 ? 11.338  15.140  -11.186 1.000 90.911  0 126 ASN AAA ND2 1 ? 
ATOM   995  N N   . LEU A 1 127 ? 7.531   12.061  -8.541  1.000 81.220  0 127 LEU AAA N   1 ? 
ATOM   996  C CA  . LEU A 1 127 ? 6.270   12.006  -7.751  1.000 67.218  0 127 LEU AAA CA  1 ? 
ATOM   997  C C   . LEU A 1 127 ? 6.379   12.952  -6.551  1.000 60.642  0 127 LEU AAA C   1 ? 
ATOM   998  O O   . LEU A 1 127 ? 7.221   12.713  -5.662  1.000 60.412  0 127 LEU AAA O   1 ? 
ATOM   999  C CB  . LEU A 1 127 ? 6.007   10.560  -7.306  1.000 64.938  0 127 LEU AAA CB  1 ? 
ATOM   1000 C CG  . LEU A 1 127 ? 4.790   10.344  -6.405  1.000 68.504  0 127 LEU AAA CG  1 ? 
ATOM   1001 C CD1 . LEU A 1 127 ? 3.531   10.910  -7.040  1.000 71.027  0 127 LEU AAA CD1 1 ? 
ATOM   1002 C CD2 . LEU A 1 127 ? 4.595   8.869   -6.082  1.000 70.535  0 127 LEU AAA CD2 1 ? 
ATOM   1003 N N   . GLY A 1 128 ? 5.516   13.971  -6.508  1.000 65.102  0 128 GLY AAA N   1 ? 
ATOM   1004 C CA  . GLY A 1 128 ? 5.601   15.092  -5.551  1.000 63.274  0 128 GLY AAA CA  1 ? 
ATOM   1005 C C   . GLY A 1 128 ? 6.908   15.851  -5.721  1.000 65.345  0 128 GLY AAA C   1 ? 
ATOM   1006 O O   . GLY A 1 128 ? 7.379   16.434  -4.730  1.000 63.129  0 128 GLY AAA O   1 ? 
ATOM   1007 N N   . GLY A 1 129 ? 7.482   15.827  -6.931  1.000 69.631  0 129 GLY AAA N   1 ? 
ATOM   1008 C CA  . GLY A 1 129 ? 8.819   16.383  -7.241  1.000 77.281  0 129 GLY AAA CA  1 ? 
ATOM   1009 C C   . GLY A 1 129 ? 9.972   15.548  -6.681  1.000 76.996  0 129 GLY AAA C   1 ? 
ATOM   1010 O O   . GLY A 1 129 ? 11.122  16.012  -6.777  1.000 68.321  0 129 GLY AAA O   1 ? 
ATOM   1011 N N   . THR A 1 130 ? 9.709   14.358  -6.123  1.000 74.794  0 130 THR AAA N   1 ? 
ATOM   1012 C CA  . THR A 1 130 ? 10.758  13.397  -5.679  1.000 73.022  0 130 THR AAA CA  1 ? 
ATOM   1013 C C   . THR A 1 130 ? 10.892  12.313  -6.742  1.000 78.410  0 130 THR AAA C   1 ? 
ATOM   1014 O O   . THR A 1 130 ? 9.893   11.719  -7.148  1.000 77.553  0 130 THR AAA O   1 ? 
ATOM   1015 C CB  . THR A 1 130 ? 10.465  12.812  -4.292  1.000 75.937  0 130 THR AAA CB  1 ? 
ATOM   1016 O OG1 . THR A 1 130 ? 10.205  13.881  -3.382  1.000 71.031  0 130 THR AAA OG1 1 ? 
ATOM   1017 C CG2 . THR A 1 130 ? 11.609  11.983  -3.751  1.000 75.294  0 130 THR AAA CG2 1 ? 
ATOM   1018 N N   . PRO A 1 131 ? 12.110  12.068  -7.286  1.000 84.809  0 131 PRO AAA N   1 ? 
ATOM   1019 C CA  . PRO A 1 131 ? 12.330  10.932  -8.179  1.000 76.411  0 131 PRO AAA CA  1 ? 
ATOM   1020 C C   . PRO A 1 131 ? 11.959  9.652   -7.423  1.000 63.054  0 131 PRO AAA C   1 ? 
ATOM   1021 O O   . PRO A 1 131 ? 12.196  9.567   -6.230  1.000 54.913  0 131 PRO AAA O   1 ? 
ATOM   1022 C CB  . PRO A 1 131 ? 13.823  11.005  -8.546  1.000 82.089  0 131 PRO AAA CB  1 ? 
ATOM   1023 C CG  . PRO A 1 131 ? 14.205  12.449  -8.266  1.000 84.093  0 131 PRO AAA CG  1 ? 
ATOM   1024 C CD  . PRO A 1 131 ? 13.331  12.873  -7.102  1.000 86.657  0 131 PRO AAA CD  1 ? 
ATOM   1025 N N   . THR A 1 132 ? 11.289  8.727   -8.098  1.000 64.122  0 132 THR AAA N   1 ? 
ATOM   1026 C CA  . THR A 1 132 ? 10.737  7.504   -7.457  1.000 54.621  0 132 THR AAA CA  1 ? 
ATOM   1027 C C   . THR A 1 132 ? 10.904  6.347   -8.427  1.000 52.851  0 132 THR AAA C   1 ? 
ATOM   1028 O O   . THR A 1 132 ? 10.690  6.560   -9.642  1.000 55.500  0 132 THR AAA O   1 ? 
ATOM   1029 C CB  . THR A 1 132 ? 9.284   7.739   -7.005  1.000 58.419  0 132 THR AAA CB  1 ? 
ATOM   1030 O OG1 . THR A 1 132 ? 9.289   8.774   -6.024  1.000 55.053  0 132 THR AAA OG1 1 ? 
ATOM   1031 C CG2 . THR A 1 132 ? 8.631   6.517   -6.395  1.000 52.926  0 132 THR AAA CG2 1 ? 
ATOM   1032 N N   . LYS A 1 133 ? 11.256  5.166   -7.911  1.000 49.207  0 133 LYS AAA N   1 ? 
ATOM   1033 C CA  . LYS A 1 133 ? 11.404  3.952   -8.743  1.000 50.093  0 133 LYS AAA CA  1 ? 
ATOM   1034 C C   . LYS A 1 133 ? 10.388  2.903   -8.294  1.000 49.376  0 133 LYS AAA C   1 ? 
ATOM   1035 O O   . LYS A 1 133 ? 9.784   3.076   -7.186  1.000 49.367  0 133 LYS AAA O   1 ? 
ATOM   1036 C CB  . LYS A 1 133 ? 12.848  3.442   -8.688  1.000 57.040  0 133 LYS AAA CB  1 ? 
ATOM   1037 C CG  . LYS A 1 133 ? 13.711  3.995   -9.815  1.000 65.271  0 133 LYS AAA CG  1 ? 
ATOM   1038 C CD  . LYS A 1 133 ? 15.167  3.614   -9.755  1.000 66.666  0 133 LYS AAA CD  1 ? 
ATOM   1039 C CE  . LYS A 1 133 ? 16.064  4.615   -10.461 1.000 66.897  0 133 LYS AAA CE  1 ? 
ATOM   1040 N NZ  . LYS A 1 133 ? 17.431  4.578   -9.887  1.000 69.149  0 133 LYS AAA NZ  1 ? 
ATOM   1041 N N   . ARG A 1 134 ? 10.245  1.875   -9.134  1.000 47.653  0 134 ARG AAA N   1 ? 
ATOM   1042 C CA  . ARG A 1 134 ? 9.492   0.622   -8.871  1.000 54.758  0 134 ARG AAA CA  1 ? 
ATOM   1043 C C   . ARG A 1 134 ? 7.994   0.947   -8.884  1.000 51.228  0 134 ARG AAA C   1 ? 
ATOM   1044 O O   . ARG A 1 134 ? 7.256   0.373   -8.071  1.000 47.787  0 134 ARG AAA O   1 ? 
ATOM   1045 C CB  . ARG A 1 134 ? 9.974   -0.008  -7.560  1.000 49.526  0 134 ARG AAA CB  1 ? 
ATOM   1046 C CG  . ARG A 1 134 ? 11.459  -0.351  -7.573  1.000 52.830  0 134 ARG AAA CG  1 ? 
ATOM   1047 C CD  . ARG A 1 134 ? 11.869  -1.178  -6.371  1.000 51.421  0 134 ARG AAA CD  1 ? 
ATOM   1048 N NE  . ARG A 1 134 ? 13.253  -1.595  -6.519  1.000 53.290  0 134 ARG AAA NE  1 ? 
ATOM   1049 C CZ  . ARG A 1 134 ? 14.063  -1.962  -5.539  1.000 53.652  0 134 ARG AAA CZ  1 ? 
ATOM   1050 N NH1 . ARG A 1 134 ? 13.645  -2.016  -4.284  1.000 52.802  0 134 ARG AAA NH1 1 ? 
ATOM   1051 N NH2 . ARG A 1 134 ? 15.306  -2.299  -5.835  1.000 63.494  0 134 ARG AAA NH2 1 ? 
ATOM   1052 N N   . MET A 1 135 ? 7.564   1.797   -9.820  1.000 49.237  0 135 MET AAA N   1 ? 
ATOM   1053 C CA  . MET A 1 135 ? 6.156   2.256   -9.913  1.000 44.818  0 135 MET AAA CA  1 ? 
ATOM   1054 C C   . MET A 1 135 ? 5.427   1.318   -10.868 1.000 50.090  0 135 MET AAA C   1 ? 
ATOM   1055 O O   . MET A 1 135 ? 6.016   0.923   -11.884 1.000 48.206  0 135 MET AAA O   1 ? 
ATOM   1056 C CB  . MET A 1 135 ? 6.036   3.707   -10.390 1.000 45.188  0 135 MET AAA CB  1 ? 
ATOM   1057 C CG  . MET A 1 135 ? 6.635   4.702   -9.451  1.000 48.652  0 135 MET AAA CG  1 ? 
ATOM   1058 S SD  . MET A 1 135 ? 5.521   5.245   -8.141  1.000 61.299  0 135 MET AAA SD  1 ? 
ATOM   1059 C CE  . MET A 1 135 ? 6.158   4.389   -6.699  1.000 51.289  0 135 MET AAA CE  1 ? 
ATOM   1060 N N   . LEU A 1 136 ? 4.220   0.910   -10.479 1.000 42.406  0 136 LEU AAA N   1 ? 
ATOM   1061 C CA  . LEU A 1 136 ? 3.302   0.101   -11.293 1.000 45.997  0 136 LEU AAA CA  1 ? 
ATOM   1062 C C   . LEU A 1 136 ? 2.224   1.079   -11.724 1.000 42.863  0 136 LEU AAA C   1 ? 
ATOM   1063 O O   . LEU A 1 136 ? 1.903   1.952   -10.902 1.000 48.725  0 136 LEU AAA O   1 ? 
ATOM   1064 C CB  . LEU A 1 136 ? 2.756   -1.059  -10.462 1.000 44.728  0 136 LEU AAA CB  1 ? 
ATOM   1065 C CG  . LEU A 1 136 ? 3.837   -1.881  -9.760  1.000 52.691  0 136 LEU AAA CG  1 ? 
ATOM   1066 C CD1 . LEU A 1 136 ? 3.246   -2.847  -8.733  1.000 46.807  0 136 LEU AAA CD1 1 ? 
ATOM   1067 C CD2 . LEU A 1 136 ? 4.666   -2.635  -10.800 1.000 51.433  0 136 LEU AAA CD2 1 ? 
ATOM   1068 N N   . MET A 1 137 ? 1.781   0.975   -12.974 1.000 47.656  0 137 MET AAA N   1 ? 
ATOM   1069 C CA  . MET A 1 137 ? 0.879   1.983   -13.584 1.000 44.938  0 137 MET AAA CA  1 ? 
ATOM   1070 C C   . MET A 1 137 ? -0.395  1.295   -14.054 1.000 42.017  0 137 MET AAA C   1 ? 
ATOM   1071 O O   . MET A 1 137 ? -0.324  0.175   -14.588 1.000 42.656  0 137 MET AAA O   1 ? 
ATOM   1072 C CB  . MET A 1 137 ? 1.566   2.693   -14.757 1.000 50.500  0 137 MET AAA CB  1 ? 
ATOM   1073 C CG  . MET A 1 137 ? 0.856   3.961   -15.165 1.000 50.459  0 137 MET AAA CG  1 ? 
ATOM   1074 S SD  . MET A 1 137 ? -0.430  3.583   -16.362 1.000 56.191  0 137 MET AAA SD  1 ? 
ATOM   1075 C CE  . MET A 1 137 ? 0.569   3.400   -17.842 1.000 54.035  0 137 MET AAA CE  1 ? 
ATOM   1076 N N   . TYR A 1 138 ? -1.536  1.949   -13.835 1.000 42.144  0 138 TYR AAA N   1 ? 
ATOM   1077 C CA  . TYR A 1 138 ? -2.858  1.463   -14.274 1.000 42.958  0 138 TYR AAA CA  1 ? 
ATOM   1078 C C   . TYR A 1 138 ? -3.596  2.719   -14.726 1.000 43.340  0 138 TYR AAA C   1 ? 
ATOM   1079 O O   . TYR A 1 138 ? -3.342  3.805   -14.164 1.000 44.275  0 138 TYR AAA O   1 ? 
ATOM   1080 C CB  . TYR A 1 138 ? -3.544  0.622   -13.176 1.000 44.734  0 138 TYR AAA CB  1 ? 
ATOM   1081 C CG  . TYR A 1 138 ? -3.216  1.037   -11.765 1.000 42.982  0 138 TYR AAA CG  1 ? 
ATOM   1082 C CD1 . TYR A 1 138 ? -2.114  0.522   -11.101 1.000 42.805  0 138 TYR AAA CD1 1 ? 
ATOM   1083 C CD2 . TYR A 1 138 ? -3.982  1.982   -11.098 1.000 39.935  0 138 TYR AAA CD2 1 ? 
ATOM   1084 C CE1 . TYR A 1 138 ? -1.781  0.925   -9.821  1.000 38.732  0 138 TYR AAA CE1 1 ? 
ATOM   1085 C CE2 . TYR A 1 138 ? -3.675  2.390   -9.819  1.000 37.854  0 138 TYR AAA CE2 1 ? 
ATOM   1086 C CZ  . TYR A 1 138 ? -2.576  1.856   -9.172  1.000 44.599  0 138 TYR AAA CZ  1 ? 
ATOM   1087 O OH  . TYR A 1 138 ? -2.243  2.314   -7.930  1.000 36.909  0 138 TYR AAA OH  1 ? 
ATOM   1088 N N   . ASN A 1 139 ? -4.402  2.578   -15.763 1.000 48.010  0 139 ASN AAA N   1 ? 
ATOM   1089 C CA  . ASN A 1 139 ? -5.185  3.695   -16.346 1.000 54.345  0 139 ASN AAA CA  1 ? 
ATOM   1090 C C   . ASN A 1 139 ? -6.458  3.832   -15.534 1.000 58.379  0 139 ASN AAA C   1 ? 
ATOM   1091 O O   . ASN A 1 139 ? -7.491  3.314   -15.990 1.000 67.072  0 139 ASN AAA O   1 ? 
ATOM   1092 C CB  . ASN A 1 139 ? -5.457  3.454   -17.827 1.000 58.995  0 139 ASN AAA CB  1 ? 
ATOM   1093 C CG  . ASN A 1 139 ? -4.168  3.561   -18.608 1.000 64.731  0 139 ASN AAA CG  1 ? 
ATOM   1094 O OD1 . ASN A 1 139 ? -3.547  4.625   -18.629 1.000 67.902  0 139 ASN AAA OD1 1 ? 
ATOM   1095 N ND2 . ASN A 1 139 ? -3.727  2.447   -19.168 1.000 74.681  0 139 ASN AAA ND2 1 ? 
ATOM   1096 N N   . PHE A 1 140 ? -6.351  4.457   -14.362 1.000 53.258  0 140 PHE AAA N   1 ? 
ATOM   1097 C CA  . PHE A 1 140 ? -7.506  4.842   -13.518 1.000 49.210  0 140 PHE AAA CA  1 ? 
ATOM   1098 C C   . PHE A 1 140 ? -7.270  6.242   -12.974 1.000 51.022  0 140 PHE AAA C   1 ? 
ATOM   1099 O O   . PHE A 1 140 ? -6.195  6.521   -12.456 1.000 60.636  0 140 PHE AAA O   1 ? 
ATOM   1100 C CB  . PHE A 1 140 ? -7.774  3.835   -12.390 1.000 60.748  0 140 PHE AAA CB  1 ? 
ATOM   1101 C CG  . PHE A 1 140 ? -9.174  3.935   -11.832 1.000 54.675  0 140 PHE AAA CG  1 ? 
ATOM   1102 C CD1 . PHE A 1 140 ? -10.235 3.296   -12.463 1.000 56.513  0 140 PHE AAA CD1 1 ? 
ATOM   1103 C CD2 . PHE A 1 140 ? -9.451  4.739   -10.733 1.000 61.912  0 140 PHE AAA CD2 1 ? 
ATOM   1104 C CE1 . PHE A 1 140 ? -11.530 3.431   -11.985 1.000 49.683  0 140 PHE AAA CE1 1 ? 
ATOM   1105 C CE2 . PHE A 1 140 ? -10.750 4.869   -10.255 1.000 54.486  0 140 PHE AAA CE2 1 ? 
ATOM   1106 C CZ  . PHE A 1 140 ? -11.782 4.213   -10.878 1.000 54.566  0 140 PHE AAA CZ  1 ? 
ATOM   1107 N N   . PRO A 1 141 ? -8.263  7.149   -13.116 1.000 50.111  0 141 PRO AAA N   1 ? 
ATOM   1108 C CA  . PRO A 1 141 ? -8.241  8.469   -12.480 1.000 53.821  0 141 PRO AAA CA  1 ? 
ATOM   1109 C C   . PRO A 1 141 ? -8.390  8.434   -10.948 1.000 57.388  0 141 PRO AAA C   1 ? 
ATOM   1110 O O   . PRO A 1 141 ? -9.457  8.686   -10.413 1.000 50.550  0 141 PRO AAA O   1 ? 
ATOM   1111 C CB  . PRO A 1 141 ? -9.481  9.148   -13.075 1.000 52.041  0 141 PRO AAA CB  1 ? 
ATOM   1112 C CG  . PRO A 1 141 ? -10.423 7.986   -13.290 1.000 53.117  0 141 PRO AAA CG  1 ? 
ATOM   1113 C CD  . PRO A 1 141 ? -9.507  6.928   -13.880 1.000 48.530  0 141 PRO AAA CD  1 ? 
ATOM   1114 N N   . THR A 1 142 ? -7.292  8.149   -10.262 1.000 52.109  0 142 THR AAA N   1 ? 
ATOM   1115 C CA  . THR A 1 142 ? -7.278  7.973   -8.789  1.000 58.397  0 142 THR AAA CA  1 ? 
ATOM   1116 C C   . THR A 1 142 ? -7.331  9.357   -8.136  1.000 62.295  0 142 THR AAA C   1 ? 
ATOM   1117 O O   . THR A 1 142 ? -6.849  10.326  -8.775  1.000 59.213  0 142 THR AAA O   1 ? 
ATOM   1118 C CB  . THR A 1 142 ? -6.090  7.091   -8.403  1.000 57.783  0 142 THR AAA CB  1 ? 
ATOM   1119 O OG1 . THR A 1 142 ? -4.881  7.730   -8.836  1.000 51.777  0 142 THR AAA OG1 1 ? 
ATOM   1120 C CG2 . THR A 1 142 ? -6.241  5.712   -9.012  1.000 52.597  0 142 THR AAA CG2 1 ? 
ATOM   1121 N N   . ARG A 1 143 ? -7.929  9.441   -6.941  1.000 60.000  0 143 ARG AAA N   1 ? 
ATOM   1122 C CA  . ARG A 1 143 ? -8.190  10.712  -6.217  1.000 60.722  0 143 ARG AAA CA  1 ? 
ATOM   1123 C C   . ARG A 1 143 ? -7.662  10.627  -4.779  1.000 58.413  0 143 ARG AAA C   1 ? 
ATOM   1124 O O   . ARG A 1 143 ? -7.302  9.514   -4.317  1.000 52.021  0 143 ARG AAA O   1 ? 
ATOM   1125 C CB  . ARG A 1 143 ? -9.693  11.005  -6.253  1.000 61.168  0 143 ARG AAA CB  1 ? 
ATOM   1126 C CG  . ARG A 1 143 ? -10.220 11.275  -7.652  1.000 65.827  0 143 ARG AAA CG  1 ? 
ATOM   1127 C CD  . ARG A 1 143 ? -9.667  12.583  -8.191  1.000 75.806  0 143 ARG AAA CD  1 ? 
ATOM   1128 N NE  . ARG A 1 143 ? -10.042 12.831  -9.576  1.000 83.801  0 143 ARG AAA NE  1 ? 
ATOM   1129 C CZ  . ARG A 1 143 ? -9.373  12.407  -10.650 1.000 88.284  0 143 ARG AAA CZ  1 ? 
ATOM   1130 N NH1 . ARG A 1 143 ? -8.272  11.682  -10.532 1.000 82.069  0 143 ARG AAA NH1 1 ? 
ATOM   1131 N NH2 . ARG A 1 143 ? -9.820  12.710  -11.855 1.000 86.860  0 143 ARG AAA NH2 1 ? 
ATOM   1132 N N   . ALA A 1 144 ? -7.599  11.778  -4.108  1.000 56.215  0 144 ALA AAA N   1 ? 
ATOM   1133 C CA  . ALA A 1 144 ? -7.371  11.869  -2.650  1.000 59.276  0 144 ALA AAA CA  1 ? 
ATOM   1134 C C   . ALA A 1 144 ? -8.375  10.932  -1.974  1.000 55.614  0 144 ALA AAA C   1 ? 
ATOM   1135 O O   . ALA A 1 144 ? -9.568  10.942  -2.382  1.000 47.644  0 144 ALA AAA O   1 ? 
ATOM   1136 C CB  . ALA A 1 144 ? -7.526  13.293  -2.170  1.000 66.469  0 144 ALA AAA CB  1 ? 
ATOM   1137 N N   . GLY A 1 145 ? -7.910  10.130  -1.010  1.000 53.015  0 145 GLY AAA N   1 ? 
ATOM   1138 C CA  . GLY A 1 145 ? -8.743  9.118   -0.334  1.000 52.156  0 145 GLY AAA CA  1 ? 
ATOM   1139 C C   . GLY A 1 145 ? -8.323  7.698   -0.673  1.000 47.581  0 145 GLY AAA C   1 ? 
ATOM   1140 O O   . GLY A 1 145 ? -8.723  6.791   0.071   1.000 45.722  0 145 GLY AAA O   1 ? 
ATOM   1141 N N   . GLN A 1 146 ? -7.519  7.497   -1.722  1.000 47.543  0 146 GLN AAA N   1 ? 
ATOM   1142 C CA  . GLN A 1 146 ? -7.161  6.134   -2.205  1.000 47.657  0 146 GLN AAA CA  1 ? 
ATOM   1143 C C   . GLN A 1 146 ? -5.710  5.766   -1.879  1.000 47.605  0 146 GLN AAA C   1 ? 
ATOM   1144 O O   . GLN A 1 146 ? -5.321  4.591   -2.150  1.000 42.986  0 146 GLN AAA O   1 ? 
ATOM   1145 C CB  . GLN A 1 146 ? -7.449  6.037   -3.691  1.000 45.924  0 146 GLN AAA CB  1 ? 
ATOM   1146 C CG  . GLN A 1 146 ? -8.938  6.053   -3.986  1.000 48.749  0 146 GLN AAA CG  1 ? 
ATOM   1147 C CD  . GLN A 1 146 ? -9.209  6.442   -5.416  1.000 48.297  0 146 GLN AAA CD  1 ? 
ATOM   1148 O OE1 . GLN A 1 146 ? -8.298  6.807   -6.143  1.000 52.938  0 146 GLN AAA OE1 1 ? 
ATOM   1149 N NE2 . GLN A 1 146 ? -10.471 6.431   -5.799  1.000 47.708  0 146 GLN AAA NE2 1 ? 
ATOM   1150 N N   . CYS A 1 147 ? -4.938  6.681   -1.296  1.000 46.775  0 147 CYS AAA N   1 ? 
ATOM   1151 C CA  . CYS A 1 147 ? -3.530  6.393   -0.932  1.000 47.069  0 147 CYS AAA CA  1 ? 
ATOM   1152 C C   . CYS A 1 147 ? -3.501  5.300   0.134   1.000 42.328  0 147 CYS AAA C   1 ? 
ATOM   1153 O O   . CYS A 1 147 ? -4.326  5.336   1.060   1.000 43.468  0 147 CYS AAA O   1 ? 
ATOM   1154 C CB  . CYS A 1 147 ? -2.779  7.629   -0.478  1.000 49.928  0 147 CYS AAA CB  1 ? 
ATOM   1155 S SG  . CYS A 1 147 ? -2.356  8.643   -1.916  1.000 57.907  0 147 CYS AAA SG  1 ? 
ATOM   1156 N N   . GLY A 1 148 ? -2.596  4.343   -0.034  1.000 39.552  0 148 GLY AAA N   1 ? 
ATOM   1157 C CA  . GLY A 1 148 ? -2.546  3.185   0.872   1.000 36.964  0 148 GLY AAA CA  1 ? 
ATOM   1158 C C   . GLY A 1 148 ? -3.436  2.081   0.330   1.000 38.704  0 148 GLY AAA C   1 ? 
ATOM   1159 O O   . GLY A 1 148 ? -3.293  0.990   0.846   1.000 41.993  0 148 GLY AAA O   1 ? 
ATOM   1160 N N   . GLY A 1 149 ? -4.223  2.364   -0.736  1.000 35.561  0 149 GLY AAA N   1 ? 
ATOM   1161 C CA  . GLY A 1 149 ? -5.033  1.370   -1.472  1.000 35.651  0 149 GLY AAA CA  1 ? 
ATOM   1162 C C   . GLY A 1 149 ? -4.172  0.173   -1.796  1.000 29.796  0 149 GLY AAA C   1 ? 
ATOM   1163 O O   . GLY A 1 149 ? -3.008  0.349   -2.143  1.000 34.814  0 149 GLY AAA O   1 ? 
ATOM   1164 N N   . VAL A 1 150 ? -4.694  -1.030  -1.681  1.000 29.592  0 150 VAL AAA N   1 ? 
ATOM   1165 C CA  . VAL A 1 150 ? -3.909  -2.272  -1.942  1.000 27.774  0 150 VAL AAA CA  1 ? 
ATOM   1166 C C   . VAL A 1 150 ? -4.241  -2.829  -3.320  1.000 31.317  0 150 VAL AAA C   1 ? 
ATOM   1167 O O   . VAL A 1 150 ? -5.410  -3.205  -3.571  1.000 32.157  0 150 VAL AAA O   1 ? 
ATOM   1168 C CB  . VAL A 1 150 ? -4.150  -3.337  -0.878  1.000 30.003  0 150 VAL AAA CB  1 ? 
ATOM   1169 C CG1 . VAL A 1 150 ? -3.260  -4.536  -1.073  1.000 32.754  0 150 VAL AAA CG1 1 ? 
ATOM   1170 C CG2 . VAL A 1 150 ? -3.983  -2.719  0.496   1.000 31.799  0 150 VAL AAA CG2 1 ? 
ATOM   1171 N N   . LEU A 1 151 ? -3.202  -2.991  -4.120  1.000 31.161  0 151 LEU AAA N   1 ? 
ATOM   1172 C CA  . LEU A 1 151 ? -3.330  -3.459  -5.518  1.000 33.096  0 151 LEU AAA CA  1 ? 
ATOM   1173 C C   . LEU A 1 151 ? -3.063  -4.960  -5.507  1.000 32.654  0 151 LEU AAA C   1 ? 
ATOM   1174 O O   . LEU A 1 151 ? -1.991  -5.345  -5.045  1.000 36.455  0 151 LEU AAA O   1 ? 
ATOM   1175 C CB  . LEU A 1 151 ? -2.341  -2.662  -6.362  1.000 32.649  0 151 LEU AAA CB  1 ? 
ATOM   1176 C CG  . LEU A 1 151 ? -2.339  -2.937  -7.863  1.000 34.936  0 151 LEU AAA CG  1 ? 
ATOM   1177 C CD1 . LEU A 1 151 ? -3.632  -2.462  -8.512  1.000 36.390  0 151 LEU AAA CD1 1 ? 
ATOM   1178 C CD2 . LEU A 1 151 ? -1.125  -2.261  -8.471  1.000 35.972  0 151 LEU AAA CD2 1 ? 
ATOM   1179 N N   . MET A 1 152 ? -4.027  -5.742  -5.978  1.000 33.821  0 152 MET AAA N   1 ? 
ATOM   1180 C CA  . MET A 1 152 ? -4.061  -7.225  -5.904  1.000 33.582  0 152 MET AAA CA  1 ? 
ATOM   1181 C C   . MET A 1 152 ? -4.477  -7.850  -7.231  1.000 38.724  0 152 MET AAA C   1 ? 
ATOM   1182 O O   . MET A 1 152 ? -5.122  -7.173  -8.053  1.000 37.746  0 152 MET AAA O   1 ? 
ATOM   1183 C CB  . MET A 1 152 ? -5.024  -7.666  -4.808  1.000 38.249  0 152 MET AAA CB  1 ? 
ATOM   1184 C CG  . MET A 1 152 ? -4.422  -7.398  -3.462  1.000 38.047  0 152 MET AAA CG  1 ? 
ATOM   1185 S SD  . MET A 1 152 ? -5.463  -7.699  -2.058  1.000 38.709  0 152 MET AAA SD  1 ? 
ATOM   1186 C CE  . MET A 1 152 ? -6.497  -6.238  -2.127  1.000 41.961  0 152 MET AAA CE  1 ? 
ATOM   1187 N N   . SER A 1 153 ? -4.013  -9.084  -7.428  1.000 38.879  0 153 SER AAA N   1 ? 
ATOM   1188 C CA  . SER A 1 153 ? -4.573  -10.069 -8.379  1.000 44.637  0 153 SER AAA CA  1 ? 
ATOM   1189 C C   . SER A 1 153 ? -4.764  -11.374 -7.610  1.000 42.606  0 153 SER AAA C   1 ? 
ATOM   1190 O O   . SER A 1 153 ? -4.514  -11.401 -6.391  1.000 43.124  0 153 SER AAA O   1 ? 
ATOM   1191 C CB  . SER A 1 153 ? -3.699  -10.215 -9.600  1.000 43.504  0 153 SER AAA CB  1 ? 
ATOM   1192 O OG  . SER A 1 153 ? -2.351  -10.456 -9.240  1.000 49.139  0 153 SER AAA OG  1 ? 
ATOM   1193 N N   . THR A 1 154 ? -5.221  -12.420 -8.282  1.000 44.925  0 154 THR AAA N   1 ? 
ATOM   1194 C CA  . THR A 1 154 ? -5.488  -13.721 -7.647  1.000 50.535  0 154 THR AAA CA  1 ? 
ATOM   1195 C C   . THR A 1 154 ? -4.171  -14.209 -7.040  1.000 45.578  0 154 THR AAA C   1 ? 
ATOM   1196 O O   . THR A 1 154 ? -3.226  -14.389 -7.794  1.000 46.959  0 154 THR AAA O   1 ? 
ATOM   1197 C CB  . THR A 1 154 ? -6.170  -14.659 -8.645  1.000 54.784  0 154 THR AAA CB  1 ? 
ATOM   1198 O OG1 . THR A 1 154 ? -7.330  -13.937 -9.050  1.000 62.469  0 154 THR AAA OG1 1 ? 
ATOM   1199 C CG2 . THR A 1 154 ? -6.560  -15.991 -8.051  1.000 55.123  0 154 THR AAA CG2 1 ? 
ATOM   1200 N N   . GLY A 1 155 ? -4.148  -14.353 -5.714  1.000 43.716  0 155 GLY AAA N   1 ? 
ATOM   1201 C CA  . GLY A 1 155 ? -3.030  -14.890 -4.932  1.000 45.585  0 155 GLY AAA CA  1 ? 
ATOM   1202 C C   . GLY A 1 155 ? -1.834  -13.954 -4.862  1.000 41.723  0 155 GLY AAA C   1 ? 
ATOM   1203 O O   . GLY A 1 155 ? -0.765  -14.440 -4.463  1.000 40.973  0 155 GLY AAA O   1 ? 
ATOM   1204 N N   . LYS A 1 156 ? -1.970  -12.672 -5.254  1.000 38.988  0 156 LYS AAA N   1 ? 
ATOM   1205 C CA  . LYS A 1 156 ? -0.826  -11.726 -5.374  1.000 38.670  0 156 LYS AAA CA  1 ? 
ATOM   1206 C C   . LYS A 1 156 ? -1.213  -10.377 -4.743  1.000 40.953  0 156 LYS AAA C   1 ? 
ATOM   1207 O O   . LYS A 1 156 ? -2.254  -9.831  -5.099  1.000 41.086  0 156 LYS AAA O   1 ? 
ATOM   1208 C CB  . LYS A 1 156 ? -0.418  -11.476 -6.833  1.000 39.882  0 156 LYS AAA CB  1 ? 
ATOM   1209 C CG  . LYS A 1 156 ? 0.074   -12.673 -7.634  1.000 41.995  0 156 LYS AAA CG  1 ? 
ATOM   1210 C CD  . LYS A 1 156 ? 0.665   -12.243 -8.983  1.000 49.558  0 156 LYS AAA CD  1 ? 
ATOM   1211 C CE  . LYS A 1 156 ? 1.263   -13.380 -9.790  1.000 55.320  0 156 LYS AAA CE  1 ? 
ATOM   1212 N NZ  . LYS A 1 156 ? 0.208   -14.262 -10.332 1.000 61.895  0 156 LYS AAA NZ  1 ? 
ATOM   1213 N N   . VAL A 1 157 ? -0.401  -9.904  -3.806  1.000 38.047  0 157 VAL AAA N   1 ? 
ATOM   1214 C CA  . VAL A 1 157 ? -0.368  -8.489  -3.343  1.000 34.873  0 157 VAL AAA CA  1 ? 
ATOM   1215 C C   . VAL A 1 157 ? 0.737   -7.778  -4.104  1.000 39.233  0 157 VAL AAA C   1 ? 
ATOM   1216 O O   . VAL A 1 157 ? 1.909   -8.091  -3.855  1.000 42.122  0 157 VAL AAA O   1 ? 
ATOM   1217 C CB  . VAL A 1 157 ? -0.187  -8.410  -1.819  1.000 36.293  0 157 VAL AAA CB  1 ? 
ATOM   1218 C CG1 . VAL A 1 157 ? -0.115  -6.967  -1.351  1.000 40.144  0 157 VAL AAA CG1 1 ? 
ATOM   1219 C CG2 . VAL A 1 157 ? -1.308  -9.147  -1.151  1.000 36.610  0 157 VAL AAA CG2 1 ? 
ATOM   1220 N N   . LEU A 1 158 ? 0.361   -6.881  -5.034  1.000 35.129  0 158 LEU AAA N   1 ? 
ATOM   1221 C CA  . LEU A 1 158 ? 1.295   -6.289  -6.025  1.000 34.591  0 158 LEU AAA CA  1 ? 
ATOM   1222 C C   . LEU A 1 158 ? 1.900   -5.007  -5.478  1.000 33.109  0 158 LEU AAA C   1 ? 
ATOM   1223 O O   . LEU A 1 158 ? 3.079   -4.783  -5.731  1.000 34.684  0 158 LEU AAA O   1 ? 
ATOM   1224 C CB  . LEU A 1 158 ? 0.585   -6.026  -7.363  1.000 37.902  0 158 LEU AAA CB  1 ? 
ATOM   1225 C CG  . LEU A 1 158 ? -0.181  -7.199  -7.965  1.000 43.276  0 158 LEU AAA CG  1 ? 
ATOM   1226 C CD1 . LEU A 1 158 ? -1.111  -6.736  -9.090  1.000 50.221  0 158 LEU AAA CD1 1 ? 
ATOM   1227 C CD2 . LEU A 1 158 ? 0.780   -8.256  -8.464  1.000 49.700  0 158 LEU AAA CD2 1 ? 
ATOM   1228 N N   . GLY A 1 159 ? 1.153   -4.210  -4.713  1.000 32.373  0 159 GLY AAA N   1 ? 
ATOM   1229 C CA  . GLY A 1 159 ? 1.673   -2.924  -4.239  1.000 32.773  0 159 GLY AAA CA  1 ? 
ATOM   1230 C C   . GLY A 1 159 ? 0.626   -2.068  -3.586  1.000 28.417  0 159 GLY AAA C   1 ? 
ATOM   1231 O O   . GLY A 1 159 ? -0.491  -2.565  -3.382  1.000 32.461  0 159 GLY AAA O   1 ? 
ATOM   1232 N N   . ILE A 1 160 ? 1.061   -0.883  -3.185  1.000 34.025  0 160 ILE AAA N   1 ? 
ATOM   1233 C CA  . ILE A 1 160 ? 0.272   0.149   -2.467  1.000 36.008  0 160 ILE AAA CA  1 ? 
ATOM   1234 C C   . ILE A 1 160 ? 0.113   1.373   -3.371  1.000 37.485  0 160 ILE AAA C   1 ? 
ATOM   1235 O O   . ILE A 1 160 ? 1.147   1.937   -3.827  1.000 33.155  0 160 ILE AAA O   1 ? 
ATOM   1236 C CB  . ILE A 1 160 ? 1.012   0.516   -1.184  1.000 38.525  0 160 ILE AAA CB  1 ? 
ATOM   1237 C CG1 . ILE A 1 160 ? 1.294   -0.747  -0.361  1.000 41.139  0 160 ILE AAA CG1 1 ? 
ATOM   1238 C CG2 . ILE A 1 160 ? 0.253   1.566   -0.410  1.000 44.719  0 160 ILE AAA CG2 1 ? 
ATOM   1239 C CD1 . ILE A 1 160 ? 0.032   -1.379  0.224   1.000 37.853  0 160 ILE AAA CD1 1 ? 
ATOM   1240 N N   . HIS A 1 161 ? -1.104  1.873   -3.464  1.000 36.489  0 161 HIS AAA N   1 ? 
ATOM   1241 C CA  . HIS A 1 161 ? -1.397  3.081   -4.275  1.000 37.230  0 161 HIS AAA CA  1 ? 
ATOM   1242 C C   . HIS A 1 161 ? -0.801  4.319   -3.602  1.000 37.928  0 161 HIS AAA C   1 ? 
ATOM   1243 O O   . HIS A 1 161 ? -1.041  4.533   -2.414  1.000 36.268  0 161 HIS AAA O   1 ? 
ATOM   1244 C CB  . HIS A 1 161 ? -2.884  3.208   -4.536  1.000 37.790  0 161 HIS AAA CB  1 ? 
ATOM   1245 C CG  . HIS A 1 161 ? -3.172  4.469   -5.256  1.000 35.680  0 161 HIS AAA CG  1 ? 
ATOM   1246 N ND1 . HIS A 1 161 ? -3.224  4.526   -6.640  1.000 40.058  0 161 HIS AAA ND1 1 ? 
ATOM   1247 C CD2 . HIS A 1 161 ? -3.380  5.722   -4.789  1.000 39.658  0 161 HIS AAA CD2 1 ? 
ATOM   1248 C CE1 . HIS A 1 161 ? -3.512  5.767   -6.995  1.000 37.976  0 161 HIS AAA CE1 1 ? 
ATOM   1249 N NE2 . HIS A 1 161 ? -3.566  6.537   -5.878  1.000 41.731  0 161 HIS AAA NE2 1 ? 
ATOM   1250 N N   . VAL A 1 162 ? -0.022  5.128   -4.326  1.000 36.261  0 162 VAL AAA N   1 ? 
ATOM   1251 C CA  . VAL A 1 162 ? 0.704   6.257   -3.680  1.000 39.328  0 162 VAL AAA CA  1 ? 
ATOM   1252 C C   . VAL A 1 162 ? 0.467   7.572   -4.422  1.000 40.607  0 162 VAL AAA C   1 ? 
ATOM   1253 O O   . VAL A 1 162 ? 0.795   8.591   -3.819  1.000 45.826  0 162 VAL AAA O   1 ? 
ATOM   1254 C CB  . VAL A 1 162 ? 2.219   5.995   -3.562  1.000 42.746  0 162 VAL AAA CB  1 ? 
ATOM   1255 C CG1 . VAL A 1 162 ? 2.502   4.903   -2.533  1.000 39.832  0 162 VAL AAA CG1 1 ? 
ATOM   1256 C CG2 . VAL A 1 162 ? 2.830   5.671   -4.909  1.000 43.541  0 162 VAL AAA CG2 1 ? 
ATOM   1257 N N   . GLY A 1 163 ? -0.049  7.552   -5.642  1.000 44.966  0 163 GLY AAA N   1 ? 
ATOM   1258 C CA  . GLY A 1 163 ? -0.107  8.798   -6.427  1.000 46.636  0 163 GLY AAA CA  1 ? 
ATOM   1259 C C   . GLY A 1 163 ? -0.879  8.645   -7.707  1.000 45.351  0 163 GLY AAA C   1 ? 
ATOM   1260 O O   . GLY A 1 163 ? -1.287  7.555   -8.056  1.000 44.001  0 163 GLY AAA O   1 ? 
ATOM   1261 N N   . GLY A 1 164 ? -1.134  9.765   -8.358  1.000 44.831  0 164 GLY AAA N   1 ? 
ATOM   1262 C CA  . GLY A 1 164 ? -1.804  9.790   -9.660  1.000 40.935  0 164 GLY AAA CA  1 ? 
ATOM   1263 C C   . GLY A 1 164 ? -1.533  11.126  -10.318 1.000 45.614  0 164 GLY AAA C   1 ? 
ATOM   1264 O O   . GLY A 1 164 ? -0.938  12.020  -9.663  1.000 50.961  0 164 GLY AAA O   1 ? 
ATOM   1265 N N   . ASN A 1 165 ? -1.910  11.240  -11.578 1.000 50.180  0 165 ASN AAA N   1 ? 
ATOM   1266 C CA  . ASN A 1 165 ? -1.728  12.483  -12.370 1.000 49.096  0 165 ASN AAA CA  1 ? 
ATOM   1267 C C   . ASN A 1 165 ? -3.085  12.919  -12.920 1.000 50.208  0 165 ASN AAA C   1 ? 
ATOM   1268 O O   . ASN A 1 165 ? -3.098  13.722  -13.861 1.000 61.648  0 165 ASN AAA O   1 ? 
ATOM   1269 C CB  . ASN A 1 165 ? -0.705  12.251  -13.473 1.000 44.779  0 165 ASN AAA CB  1 ? 
ATOM   1270 C CG  . ASN A 1 165 ? -1.064  11.056  -14.323 1.000 38.296  0 165 ASN AAA CG  1 ? 
ATOM   1271 O OD1 . ASN A 1 165 ? -2.238  10.717  -14.466 1.000 41.570  0 165 ASN AAA OD1 1 ? 
ATOM   1272 N ND2 . ASN A 1 165 ? -0.049  10.411  -14.851 1.000 40.132  0 165 ASN AAA ND2 1 ? 
ATOM   1273 N N   . GLY A 1 166 ? -4.170  12.359  -12.386 1.000 47.823  0 166 GLY AAA N   1 ? 
ATOM   1274 C CA  . GLY A 1 166 ? -5.545  12.683  -12.798 1.000 46.822  0 166 GLY AAA CA  1 ? 
ATOM   1275 C C   . GLY A 1 166 ? -6.116  11.651  -13.750 1.000 44.951  0 166 GLY AAA C   1 ? 
ATOM   1276 O O   . GLY A 1 166 ? -7.342  11.546  -13.812 1.000 47.839  0 166 GLY AAA O   1 ? 
ATOM   1277 N N   . HIS A 1 167 ? -5.266  10.898  -14.463 1.000 44.001  0 167 HIS AAA N   1 ? 
ATOM   1278 C CA  . HIS A 1 167 ? -5.687  9.932   -15.513 1.000 43.939  0 167 HIS AAA CA  1 ? 
ATOM   1279 C C   . HIS A 1 167 ? -5.075  8.562   -15.231 1.000 42.565  0 167 HIS AAA C   1 ? 
ATOM   1280 O O   . HIS A 1 167 ? -5.677  7.543   -15.575 1.000 41.848  0 167 HIS AAA O   1 ? 
ATOM   1281 C CB  . HIS A 1 167 ? -5.266  10.439  -16.904 1.000 47.166  0 167 HIS AAA CB  1 ? 
ATOM   1282 C CG  . HIS A 1 167 ? -5.731  11.828  -17.183 1.000 46.382  0 167 HIS AAA CG  1 ? 
ATOM   1283 N ND1 . HIS A 1 167 ? -7.022  12.095  -17.598 1.000 45.044  0 167 HIS AAA ND1 1 ? 
ATOM   1284 C CD2 . HIS A 1 167 ? -5.091  13.014  -17.106 1.000 46.513  0 167 HIS AAA CD2 1 ? 
ATOM   1285 C CE1 . HIS A 1 167 ? -7.156  13.402  -17.722 1.000 44.504  0 167 HIS AAA CE1 1 ? 
ATOM   1286 N NE2 . HIS A 1 167 ? -5.988  13.984  -17.419 1.000 45.045  0 167 HIS AAA NE2 1 ? 
ATOM   1287 N N   . GLN A 1 168 ? -3.893  8.549   -14.638 1.000 44.880  0 168 GLN AAA N   1 ? 
ATOM   1288 C CA  . GLN A 1 168 ? -3.223  7.281   -14.288 1.000 46.212  0 168 GLN AAA CA  1 ? 
ATOM   1289 C C   . GLN A 1 168 ? -3.051  7.245   -12.782 1.000 41.858  0 168 GLN AAA C   1 ? 
ATOM   1290 O O   . GLN A 1 168 ? -2.958  8.322   -12.157 1.000 44.005  0 168 GLN AAA O   1 ? 
ATOM   1291 C CB  . GLN A 1 168 ? -1.902  7.170   -15.031 1.000 41.795  0 168 GLN AAA CB  1 ? 
ATOM   1292 C CG  . GLN A 1 168 ? -2.090  7.375   -16.521 1.000 46.689  0 168 GLN AAA CG  1 ? 
ATOM   1293 C CD  . GLN A 1 168 ? -0.756  7.527   -17.185 1.000 46.898  0 168 GLN AAA CD  1 ? 
ATOM   1294 O OE1 . GLN A 1 168 ? 0.127   8.219   -16.685 1.000 49.381  0 168 GLN AAA OE1 1 ? 
ATOM   1295 N NE2 . GLN A 1 168 ? -0.623  6.906   -18.344 1.000 52.298  0 168 GLN AAA NE2 1 ? 
ATOM   1296 N N   . GLY A 1 169 ? -3.011  6.023   -12.259 1.000 43.828  0 169 GLY AAA N   1 ? 
ATOM   1297 C CA  . GLY A 1 169 ? -2.643  5.740   -10.872 1.000 41.660  0 169 GLY AAA CA  1 ? 
ATOM   1298 C C   . GLY A 1 169 ? -1.353  4.953   -10.826 1.000 39.639  0 169 GLY AAA C   1 ? 
ATOM   1299 O O   . GLY A 1 169 ? -1.045  4.235   -11.807 1.000 42.859  0 169 GLY AAA O   1 ? 
ATOM   1300 N N   . PHE A 1 170 ? -0.611  5.188   -9.769  1.000 38.077  0 170 PHE AAA N   1 ? 
ATOM   1301 C CA  . PHE A 1 170 ? 0.708   4.579   -9.496  1.000 41.371  0 170 PHE AAA CA  1 ? 
ATOM   1302 C C   . PHE A 1 170 ? 0.679   3.930   -8.100  1.000 39.420  0 170 PHE AAA C   1 ? 
ATOM   1303 O O   . PHE A 1 170 ? 0.256   4.563   -7.105  1.000 40.539  0 170 PHE AAA O   1 ? 
ATOM   1304 C CB  . PHE A 1 170 ? 1.790   5.648   -9.659  1.000 44.779  0 170 PHE AAA CB  1 ? 
ATOM   1305 C CG  . PHE A 1 170 ? 1.792   6.302   -11.020 1.000 48.010  0 170 PHE AAA CG  1 ? 
ATOM   1306 C CD1 . PHE A 1 170 ? 2.359   5.666   -12.108 1.000 48.188  0 170 PHE AAA CD1 1 ? 
ATOM   1307 C CD2 . PHE A 1 170 ? 1.177   7.530   -11.218 1.000 49.981  0 170 PHE AAA CD2 1 ? 
ATOM   1308 C CE1 . PHE A 1 170 ? 2.347   6.259   -13.360 1.000 48.854  0 170 PHE AAA CE1 1 ? 
ATOM   1309 C CE2 . PHE A 1 170 ? 1.153   8.115   -12.477 1.000 53.001  0 170 PHE AAA CE2 1 ? 
ATOM   1310 C CZ  . PHE A 1 170 ? 1.734   7.475   -13.547 1.000 48.228  0 170 PHE AAA CZ  1 ? 
ATOM   1311 N N   . SER A 1 171 ? 1.159   2.688   -8.050  1.000 38.238  0 171 SER AAA N   1 ? 
ATOM   1312 C CA  . SER A 1 171 ? 1.421   1.901   -6.822  1.000 39.510  0 171 SER AAA CA  1 ? 
ATOM   1313 C C   . SER A 1 171 ? 2.936   1.705   -6.693  1.000 38.555  0 171 SER AAA C   1 ? 
ATOM   1314 O O   . SER A 1 171 ? 3.585   1.456   -7.725  1.000 43.854  0 171 SER AAA O   1 ? 
ATOM   1315 C CB  . SER A 1 171 ? 0.728   0.557   -6.900  1.000 38.772  0 171 SER AAA CB  1 ? 
ATOM   1316 O OG  . SER A 1 171 ? -0.619  0.621   -6.442  1.000 38.180  0 171 SER AAA OG  1 ? 
ATOM   1317 N N   . ALA A 1 172 ? 3.463   1.811   -5.479  1.000 37.906  0 172 ALA AAA N   1 ? 
ATOM   1318 C CA  . ALA A 1 172 ? 4.796   1.312   -5.095  1.000 35.243  0 172 ALA AAA CA  1 ? 
ATOM   1319 C C   . ALA A 1 172 ? 4.724   -0.218  -5.029  1.000 40.700  0 172 ALA AAA C   1 ? 
ATOM   1320 O O   . ALA A 1 172 ? 3.874   -0.717  -4.267  1.000 36.336  0 172 ALA AAA O   1 ? 
ATOM   1321 C CB  . ALA A 1 172 ? 5.182   1.880   -3.757  1.000 35.636  0 172 ALA AAA CB  1 ? 
ATOM   1322 N N   . ALA A 1 173 ? 5.592   -0.927  -5.766  1.000 40.757  0 173 ALA AAA N   1 ? 
ATOM   1323 C CA  . ALA A 1 173 ? 5.701   -2.401  -5.719  1.000 40.722  0 173 ALA AAA CA  1 ? 
ATOM   1324 C C   . ALA A 1 173 ? 5.999   -2.823  -4.280  1.000 38.551  0 173 ALA AAA C   1 ? 
ATOM   1325 O O   . ALA A 1 173 ? 6.805   -2.180  -3.594  1.000 41.860  0 173 ALA AAA O   1 ? 
ATOM   1326 C CB  . ALA A 1 173 ? 6.733   -2.914  -6.687  1.000 44.169  0 173 ALA AAA CB  1 ? 
ATOM   1327 N N   . LEU A 1 174 ? 5.291   -3.838  -3.795  1.000 38.037  0 174 LEU AAA N   1 ? 
ATOM   1328 C CA  . LEU A 1 174 ? 5.515   -4.356  -2.417  1.000 36.417  0 174 LEU AAA CA  1 ? 
ATOM   1329 C C   . LEU A 1 174 ? 6.306   -5.670  -2.552  1.000 37.599  0 174 LEU AAA C   1 ? 
ATOM   1330 O O   . LEU A 1 174 ? 5.708   -6.729  -2.753  1.000 41.840  0 174 LEU AAA O   1 ? 
ATOM   1331 C CB  . LEU A 1 174 ? 4.151   -4.521  -1.756  1.000 40.682  0 174 LEU AAA CB  1 ? 
ATOM   1332 C CG  . LEU A 1 174 ? 4.148   -4.496  -0.232  1.000 46.786  0 174 LEU AAA CG  1 ? 
ATOM   1333 C CD1 . LEU A 1 174 ? 4.636   -3.152  0.290   1.000 45.807  0 174 LEU AAA CD1 1 ? 
ATOM   1334 C CD2 . LEU A 1 174 ? 2.745   -4.800  0.277   1.000 46.623  0 174 LEU AAA CD2 1 ? 
ATOM   1335 N N   . LEU A 1 175 ? 7.625   -5.551  -2.492  1.000 41.199  0 175 LEU AAA N   1 ? 
ATOM   1336 C CA  . LEU A 1 175 ? 8.607   -6.611  -2.823  1.000 41.323  0 175 LEU AAA CA  1 ? 
ATOM   1337 C C   . LEU A 1 175 ? 9.018   -7.367  -1.563  1.000 42.818  0 175 LEU AAA C   1 ? 
ATOM   1338 O O   . LEU A 1 175 ? 9.121   -6.759  -0.486  1.000 43.627  0 175 LEU AAA O   1 ? 
ATOM   1339 C CB  . LEU A 1 175 ? 9.812   -5.948  -3.491  1.000 41.243  0 175 LEU AAA CB  1 ? 
ATOM   1340 C CG  . LEU A 1 175 ? 9.511   -5.291  -4.833  1.000 42.216  0 175 LEU AAA CG  1 ? 
ATOM   1341 C CD1 . LEU A 1 175 ? 10.808  -4.910  -5.528  1.000 45.104  0 175 LEU AAA CD1 1 ? 
ATOM   1342 C CD2 . LEU A 1 175 ? 8.666   -6.206  -5.684  1.000 38.988  0 175 LEU AAA CD2 1 ? 
ATOM   1343 N N   . LYS A 1 176 ? 9.200   -8.675  -1.713  1.000 47.449  0 176 LYS AAA N   1 ? 
ATOM   1344 C CA  . LYS A 1 176 ? 9.396   -9.628  -0.587  1.000 48.015  0 176 LYS AAA CA  1 ? 
ATOM   1345 C C   . LYS A 1 176 ? 10.568  -9.152  0.276   1.000 44.917  0 176 LYS AAA C   1 ? 
ATOM   1346 O O   . LYS A 1 176 ? 10.452  -9.206  1.518   1.000 43.710  0 176 LYS AAA O   1 ? 
ATOM   1347 C CB  . LYS A 1 176 ? 9.666   -11.023 -1.157  1.000 51.466  0 176 LYS AAA CB  1 ? 
ATOM   1348 C CG  . LYS A 1 176 ? 9.372   -12.186 -0.223  1.000 57.872  0 176 LYS AAA CG  1 ? 
ATOM   1349 C CD  . LYS A 1 176 ? 9.573   -13.553 -0.884  1.000 56.869  0 176 LYS AAA CD  1 ? 
ATOM   1350 C CE  . LYS A 1 176 ? 8.470   -13.950 -1.841  1.000 55.349  0 176 LYS AAA CE  1 ? 
ATOM   1351 N NZ  . LYS A 1 176 ? 7.192   -14.258 -1.144  1.000 52.740  0 176 LYS AAA NZ  1 ? 
ATOM   1352 N N   . HIS A 1 177 ? 11.669  -8.760  -0.365  1.000 46.796  0 177 HIS AAA N   1 ? 
ATOM   1353 C CA  . HIS A 1 177 ? 12.968  -8.481  0.307   1.000 52.853  0 177 HIS AAA CA  1 ? 
ATOM   1354 C C   . HIS A 1 177 ? 12.835  -7.273  1.247   1.000 53.703  0 177 HIS AAA C   1 ? 
ATOM   1355 O O   . HIS A 1 177 ? 13.735  -7.099  2.075   1.000 51.695  0 177 HIS AAA O   1 ? 
ATOM   1356 C CB  . HIS A 1 177 ? 14.114  -8.369  -0.712  1.000 54.608  0 177 HIS AAA CB  1 ? 
ATOM   1357 C CG  . HIS A 1 177 ? 14.281  -7.025  -1.342  1.000 52.722  0 177 HIS AAA CG  1 ? 
ATOM   1358 N ND1 . HIS A 1 177 ? 13.880  -6.755  -2.636  1.000 57.117  0 177 HIS AAA ND1 1 ? 
ATOM   1359 C CD2 . HIS A 1 177 ? 14.840  -5.886  -0.868  1.000 54.532  0 177 HIS AAA CD2 1 ? 
ATOM   1360 C CE1 . HIS A 1 177 ? 14.165  -5.498  -2.932  1.000 54.510  0 177 HIS AAA CE1 1 ? 
ATOM   1361 N NE2 . HIS A 1 177 ? 14.760  -4.943  -1.851  1.000 59.227  0 177 HIS AAA NE2 1 ? 
ATOM   1362 N N   . TYR A 1 178 ? 11.751  -6.478  1.168   1.000 46.232  0 178 TYR AAA N   1 ? 
ATOM   1363 C CA  . TYR A 1 178 ? 11.554  -5.332  2.092   1.000 43.948  0 178 TYR AAA CA  1 ? 
ATOM   1364 C C   . TYR A 1 178 ? 11.274  -5.828  3.507   1.000 41.272  0 178 TYR AAA C   1 ? 
ATOM   1365 O O   . TYR A 1 178 ? 11.312  -4.974  4.432   1.000 46.795  0 178 TYR AAA O   1 ? 
ATOM   1366 C CB  . TYR A 1 178 ? 10.383  -4.425  1.674   1.000 42.450  0 178 TYR AAA CB  1 ? 
ATOM   1367 C CG  . TYR A 1 178 ? 10.541  -3.710  0.359   1.000 41.493  0 178 TYR AAA CG  1 ? 
ATOM   1368 C CD1 . TYR A 1 178 ? 11.787  -3.453  -0.187  1.000 46.779  0 178 TYR AAA CD1 1 ? 
ATOM   1369 C CD2 . TYR A 1 178 ? 9.427   -3.246  -0.323  1.000 41.459  0 178 TYR AAA CD2 1 ? 
ATOM   1370 C CE1 . TYR A 1 178 ? 11.922  -2.806  -1.408  1.000 45.512  0 178 TYR AAA CE1 1 ? 
ATOM   1371 C CE2 . TYR A 1 178 ? 9.540   -2.611  -1.546  1.000 39.562  0 178 TYR AAA CE2 1 ? 
ATOM   1372 C CZ  . TYR A 1 178 ? 10.794  -2.352  -2.072  1.000 43.231  0 178 TYR AAA CZ  1 ? 
ATOM   1373 O OH  . TYR A 1 178 ? 10.910  -1.703  -3.271  1.000 42.971  0 178 TYR AAA OH  1 ? 
ATOM   1374 N N   . PHE A 1 179 ? 10.907  -7.101  3.680   1.000 48.306  0 179 PHE AAA N   1 ? 
ATOM   1375 C CA  . PHE A 1 179 ? 10.312  -7.631  4.946   1.000 50.249  0 179 PHE AAA CA  1 ? 
ATOM   1376 C C   . PHE A 1 179 ? 11.103  -8.814  5.515   1.000 55.821  0 179 PHE AAA C   1 ? 
ATOM   1377 O O   . PHE A 1 179 ? 10.588  -9.449  6.443   1.000 62.531  0 179 PHE AAA O   1 ? 
ATOM   1378 C CB  . PHE A 1 179 ? 8.857   -8.040  4.714   1.000 51.077  0 179 PHE AAA CB  1 ? 
ATOM   1379 C CG  . PHE A 1 179 ? 7.991   -6.859  4.361   1.000 53.317  0 179 PHE AAA CG  1 ? 
ATOM   1380 C CD1 . PHE A 1 179 ? 7.551   -5.991  5.346   1.000 55.837  0 179 PHE AAA CD1 1 ? 
ATOM   1381 C CD2 . PHE A 1 179 ? 7.632   -6.613  3.045   1.000 50.361  0 179 PHE AAA CD2 1 ? 
ATOM   1382 C CE1 . PHE A 1 179 ? 6.770   -4.895  5.014   1.000 56.267  0 179 PHE AAA CE1 1 ? 
ATOM   1383 C CE2 . PHE A 1 179 ? 6.857   -5.513  2.719   1.000 50.059  0 179 PHE AAA CE2 1 ? 
ATOM   1384 C CZ  . PHE A 1 179 ? 6.432   -4.660  3.703   1.000 52.985  0 179 PHE AAA CZ  1 ? 
ATOM   1385 N N   . ASN A 1 180 ? 12.288  -9.095  4.979   1.000 57.097  0 180 ASN AAA N   1 ? 
ATOM   1386 C CA  . ASN A 1 180 ? 13.267  -10.049 5.578   1.000 70.673  0 180 ASN AAA CA  1 ? 
ATOM   1387 C C   . ASN A 1 180 ? 13.546  -9.651  7.033   1.000 69.778  0 180 ASN AAA C   1 ? 
ATOM   1388 O O   . ASN A 1 180 ? 12.936  -10.168 7.972   1.000 75.786  0 180 ASN AAA O   1 ? 
ATOM   1389 C CB  . ASN A 1 180 ? 14.574  -10.086 4.788   1.000 73.569  0 180 ASN AAA CB  1 ? 
ATOM   1390 C CG  . ASN A 1 180 ? 14.376  -10.532 3.355   1.000 74.561  0 180 ASN AAA CG  1 ? 
ATOM   1391 O OD1 . ASN A 1 180 ? 13.498  -11.339 3.071   1.000 66.857  0 180 ASN AAA OD1 1 ? 
ATOM   1392 N ND2 . ASN A 1 180 ? 15.187  -10.017 2.445   1.000 77.523  0 180 ASN AAA ND2 1 ? 
HETATM 1393 C C1  . I70 B 2 .   ? -4.310  10.389  -0.990  1.000 63.577  0 201 I70 AAA C1  1 ? 
HETATM 1394 C C11 . I70 B 2 .   ? 0.878   14.251  -6.746  1.000 70.661  0 201 I70 AAA C11 1 ? 
HETATM 1395 C C12 . I70 B 2 .   ? 0.759   13.068  -5.779  1.000 67.471  0 201 I70 AAA C12 1 ? 
HETATM 1396 C C13 . I70 B 2 .   ? 2.094   14.386  -4.131  1.000 64.862  0 201 I70 AAA C13 1 ? 
HETATM 1397 C C14 . I70 B 2 .   ? 0.961   12.314  -3.429  1.000 58.101  0 201 I70 AAA C14 1 ? 
HETATM 1398 C C15 . I70 B 2 .   ? -0.520  12.364  -3.069  1.000 56.761  0 201 I70 AAA C15 1 ? 
HETATM 1399 C C16 . I70 B 2 .   ? 2.474   14.109  -2.689  1.000 63.592  0 201 I70 AAA C16 1 ? 
HETATM 1400 C C17 . I70 B 2 .   ? -2.580  11.056  -2.734  1.000 58.503  0 201 I70 AAA C17 1 ? 
HETATM 1401 C C18 . I70 B 2 .   ? 3.315   12.894  -2.378  1.000 61.501  0 201 I70 AAA C18 1 ? 
HETATM 1402 C C19 . I70 B 2 .   ? -3.244  10.403  -3.942  1.000 60.048  0 201 I70 AAA C19 1 ? 
HETATM 1403 C C20 . I70 B 2 .   ? -3.293  11.361  -5.124  1.000 60.389  0 201 I70 AAA C20 1 ? 
HETATM 1404 C C21 . I70 B 2 .   ? -4.114  12.639  -4.962  1.000 63.678  0 201 I70 AAA C21 1 ? 
HETATM 1405 C C22 . I70 B 2 .   ? -4.738  12.879  -6.339  1.000 62.484  0 201 I70 AAA C22 1 ? 
HETATM 1406 C C23 . I70 B 2 .   ? 3.992   12.051  -3.436  1.000 49.523  0 201 I70 AAA C23 1 ? 
HETATM 1407 C C24 . I70 B 2 .   ? -3.964  10.675  -6.290  1.000 62.277  0 201 I70 AAA C24 1 ? 
HETATM 1408 C C25 . I70 B 2 .   ? 4.200   13.089  -1.168  1.000 64.929  0 201 I70 AAA C25 1 ? 
HETATM 1409 C C26 . I70 B 2 .   ? -0.839  15.609  -5.466  1.000 65.539  0 201 I70 AAA C26 1 ? 
HETATM 1410 C C27 . I70 B 2 .   ? 4.324   14.814  -10.725 1.000 95.603  0 201 I70 AAA C27 1 ? 
HETATM 1411 C C28 . I70 B 2 .   ? 3.644   12.537  -11.048 1.000 91.478  0 201 I70 AAA C28 1 ? 
HETATM 1412 C C29 . I70 B 2 .   ? 2.776   14.430  -12.479 1.000 91.795  0 201 I70 AAA C29 1 ? 
HETATM 1413 C C30 . I70 B 2 .   ? -0.373  15.142  -6.846  1.000 64.560  0 201 I70 AAA C30 1 ? 
HETATM 1414 C C31 . I70 B 2 .   ? -0.042  16.387  -7.673  1.000 72.877  0 201 I70 AAA C31 1 ? 
HETATM 1415 C C32 . I70 B 2 .   ? -1.528  14.398  -7.528  1.000 62.049  0 201 I70 AAA C32 1 ? 
HETATM 1416 C C34 . I70 B 2 .   ? 1.804   12.816  -2.262  1.000 61.481  0 201 I70 AAA C34 1 ? 
HETATM 1417 C C7  . I70 B 2 .   ? 3.116   13.955  -11.087 1.000 91.848  0 201 I70 AAA C7  1 ? 
HETATM 1418 C C8  . I70 B 2 .   ? -2.841  10.317  -1.402  1.000 58.988  0 201 I70 AAA C8  1 ? 
HETATM 1419 C C9  . I70 B 2 .   ? 2.391   14.191  -8.668  1.000 82.003  0 201 I70 AAA C9  1 ? 
HETATM 1420 N N10 . I70 B 2 .   ? 1.270   13.756  -8.054  1.000 73.047  0 201 I70 AAA N10 1 ? 
HETATM 1421 N N13 . I70 B 2 .   ? 1.245   13.246  -4.528  1.000 62.733  0 201 I70 AAA N13 1 ? 
HETATM 1422 N N16 . I70 B 2 .   ? -1.144  11.183  -3.022  1.000 54.890  0 201 I70 AAA N16 1 ? 
HETATM 1423 N N2  . I70 B 2 .   ? -4.735  11.386  -0.003  1.000 69.079  0 201 I70 AAA N2  1 ? 
HETATM 1424 N N23 . I70 B 2 .   ? -4.553  11.607  -7.031  1.000 61.258  0 201 I70 AAA N23 1 ? 
HETATM 1425 N N8  . I70 B 2 .   ? 2.241   14.404  -9.999  1.000 85.966  0 201 I70 AAA N8  1 ? 
HETATM 1426 O O26 . I70 B 2 .   ? -3.977  9.440   -6.489  1.000 55.787  0 201 I70 AAA O26 1 ? 
HETATM 1427 O O29 . I70 B 2 .   ? 3.436   14.422  -8.018  1.000 68.218  0 201 I70 AAA O29 1 ? 
HETATM 1428 O O33 . I70 B 2 .   ? 0.268   11.989  -6.155  1.000 61.782  0 201 I70 AAA O33 1 ? 
HETATM 1429 O O38 . I70 B 2 .   ? -1.088  13.443  -2.895  1.000 53.438  0 201 I70 AAA O38 1 ? 
HETATM 1430 O O5  . I70 B 2 .   ? -5.150  9.647   -1.464  1.000 56.960  0 201 I70 AAA O5  1 ? 
HETATM 1431 O O9  . I70 B 2 .   ? -2.026  10.875  -0.366  1.000 52.364  0 201 I70 AAA O9  1 ? 
HETATM 1432 O O   . HOH C 3 .   ? -13.460 5.403   3.194   1.000 48.882  0 301 HOH AAA O   1 ? 
HETATM 1433 O O   . HOH C 3 .   ? 13.436  -7.665  -6.880  1.000 59.236  0 302 HOH AAA O   1 ? 
HETATM 1434 O O   . HOH C 3 .   ? 6.502   8.349   5.916   1.000 58.409  0 303 HOH AAA O   1 ? 
HETATM 1435 O O   . HOH C 3 .   ? -14.961 7.238   16.000  1.000 57.902  0 304 HOH AAA O   1 ? 
HETATM 1436 O O   . HOH C 3 .   ? -9.626  -16.067 -5.122  1.000 48.802  0 305 HOH AAA O   1 ? 
HETATM 1437 O O   . HOH C 3 .   ? -4.835  0.214   -16.406 1.000 52.209  0 306 HOH AAA O   1 ? 
HETATM 1438 O O   . HOH C 3 .   ? 2.335   8.833   -17.678 1.000 57.913  0 307 HOH AAA O   1 ? 
HETATM 1439 O O   . HOH C 3 .   ? 14.801  -9.684  9.589   1.000 66.724  0 308 HOH AAA O   1 ? 
HETATM 1440 O O   . HOH C 3 .   ? 10.109  -11.119 3.149   1.000 57.267  0 309 HOH AAA O   1 ? 
HETATM 1441 O O   . HOH C 3 .   ? 8.812   -0.657  -4.254  1.000 43.511  0 310 HOH AAA O   1 ? 
HETATM 1442 O O   . HOH C 3 .   ? -6.221  16.480  -17.995 1.000 68.770  0 311 HOH AAA O   1 ? 
HETATM 1443 O O   . HOH C 3 .   ? -3.879  -2.963  9.141   1.000 45.353  0 312 HOH AAA O   1 ? 
HETATM 1444 O O   . HOH C 3 .   ? -6.315  -10.744 -11.419 1.000 54.900  0 313 HOH AAA O   1 ? 
HETATM 1445 O O   . HOH C 3 .   ? -6.866  4.804   0.955   1.000 42.709  0 314 HOH AAA O   1 ? 
HETATM 1446 O O   . HOH C 3 .   ? -0.502  -6.227  14.290  1.000 62.071  0 315 HOH AAA O   1 ? 
HETATM 1447 O O   . HOH C 3 .   ? -2.743  -13.269 -10.101 1.000 64.470  0 316 HOH AAA O   1 ? 
HETATM 1448 O O   . HOH C 3 .   ? 15.783  -1.997  -2.778  1.000 56.256  0 317 HOH AAA O   1 ? 
HETATM 1449 O O   . HOH C 3 .   ? 12.537  -8.889  -3.351  1.000 47.589  0 318 HOH AAA O   1 ? 
HETATM 1450 O O   . HOH C 3 .   ? 9.787   5.392   0.845   1.000 57.285  0 319 HOH AAA O   1 ? 
HETATM 1451 O O   . HOH C 3 .   ? -5.788  8.183   1.240   1.000 54.310  0 320 HOH AAA O   1 ? 
HETATM 1452 O O   . HOH C 3 .   ? 8.058   1.854   -5.276  1.000 38.511  0 321 HOH AAA O   1 ? 
HETATM 1453 O O   . HOH C 3 .   ? 5.881   -8.584  -17.113 1.000 63.264  0 322 HOH AAA O   1 ? 
HETATM 1454 O O   . HOH C 3 .   ? 21.713  6.603   -10.013 1.000 56.999  0 323 HOH AAA O   1 ? 
HETATM 1455 O O   . HOH C 3 .   ? 0.627   9.902   12.978  1.000 58.506  0 324 HOH AAA O   1 ? 
HETATM 1456 O O   . HOH C 3 .   ? 4.566   -8.029  -4.871  1.000 38.577  0 325 HOH AAA O   1 ? 
HETATM 1457 O O   . HOH C 3 .   ? -13.309 -13.522 0.207   1.000 46.582  0 326 HOH AAA O   1 ? 
HETATM 1458 O O   . HOH C 3 .   ? 2.578   -15.764 3.571   1.000 51.993  0 327 HOH AAA O   1 ? 
HETATM 1459 O O   . HOH C 3 .   ? 4.953   -6.236  -7.183  1.000 52.246  0 328 HOH AAA O   1 ? 
HETATM 1460 O O   . HOH C 3 .   ? 10.903  -6.373  8.617   1.000 59.117  0 329 HOH AAA O   1 ? 
HETATM 1461 O O   . HOH C 3 .   ? -1.286  0.538   2.798   1.000 48.957  0 330 HOH AAA O   1 ? 
HETATM 1462 O O   . HOH C 3 .   ? 6.506   -6.309  14.295  1.000 75.730  0 331 HOH AAA O   1 ? 
HETATM 1463 O O   . HOH C 3 .   ? -5.617  14.104  9.403   1.000 63.640  0 332 HOH AAA O   1 ? 
HETATM 1464 O O   . HOH C 3 .   ? 18.348  -1.108  -5.120  1.000 58.526  0 333 HOH AAA O   1 ? 
HETATM 1465 O O   . HOH C 3 .   ? -12.889 1.996   9.145   1.000 69.314  0 334 HOH AAA O   1 ? 
HETATM 1466 O O   . HOH C 3 .   ? 2.649   11.261  -13.805 1.000 57.592  0 335 HOH AAA O   1 ? 
HETATM 1467 O O   . HOH C 3 .   ? -8.546  5.571   12.085  1.000 45.069  0 336 HOH AAA O   1 ? 
HETATM 1468 O O   . HOH C 3 .   ? -12.620 14.116  -10.596 1.000 57.539  0 337 HOH AAA O   1 ? 
HETATM 1469 O O   . HOH C 3 .   ? -0.033  -15.717 10.470  1.000 59.044  0 338 HOH AAA O   1 ? 
HETATM 1470 O O   . HOH C 3 .   ? -12.231 -1.714  12.831  1.000 64.730  0 339 HOH AAA O   1 ? 
HETATM 1471 O O   . HOH C 3 .   ? -4.005  -7.864  12.877  1.000 60.656  0 340 HOH AAA O   1 ? 
HETATM 1472 O O   . HOH C 3 .   ? 15.727  1.306   2.816   1.000 63.414  0 341 HOH AAA O   1 ? 
HETATM 1473 O O   . HOH C 3 .   ? -12.329 -4.557  5.920   1.000 59.525  0 342 HOH AAA O   1 ? 
HETATM 1474 O O   . HOH C 3 .   ? 15.132  -12.429 7.155   1.000 63.228  0 343 HOH AAA O   1 ? 
HETATM 1475 O O   . HOH C 3 .   ? -8.477  6.116   21.139  1.000 55.009  0 344 HOH AAA O   1 ? 
HETATM 1476 O O   . HOH C 3 .   ? 7.153   -7.213  -21.108 1.000 62.903  0 345 HOH AAA O   1 ? 
HETATM 1477 O O   . HOH C 3 .   ? 7.746   -17.908 8.430   1.000 56.638  0 346 HOH AAA O   1 ? 
HETATM 1478 O O   . HOH C 3 .   ? -3.860  10.532  26.294  1.000 60.485  0 347 HOH AAA O   1 ? 
HETATM 1479 O O   . HOH C 3 .   ? -12.270 -13.734 4.547   1.000 59.526  0 348 HOH AAA O   1 ? 
HETATM 1480 O O   . HOH C 3 .   ? 9.496   2.957   21.689  0.500 68.771  0 349 HOH AAA O   1 ? 
HETATM 1481 O O   . HOH C 3 .   ? 14.412  -2.362  2.383   1.000 59.218  0 350 HOH AAA O   1 ? 
HETATM 1482 O O   . HOH C 3 .   ? -1.020  20.041  -13.090 1.000 60.185  0 351 HOH AAA O   1 ? 
HETATM 1483 O O   . HOH C 3 .   ? 22.107  -14.366 10.060  1.000 58.881  0 352 HOH AAA O   1 ? 
# 
